data_4AS3
#
_entry.id   4AS3
#
_cell.length_a   165.343
_cell.length_b   69.591
_cell.length_c   119.569
_cell.angle_alpha   90.00
_cell.angle_beta   90.00
_cell.angle_gamma   90.00
#
_symmetry.space_group_name_H-M   'P 21 21 2'
#
loop_
_entity.id
_entity.type
_entity.pdbx_description
1 polymer 'PHOSPHORYLCHOLINE PHOSPHATASE'
2 non-polymer 'MAGNESIUM ION'
3 non-polymer 'CHLORIDE ION'
4 non-polymer 2-[BIS-(2-HYDROXY-ETHYL)-AMINO]-2-HYDROXYMETHYL-PROPANE-1,3-DIOL
5 water water
#
_entity_poly.entity_id   1
_entity_poly.type   'polypeptide(L)'
_entity_poly.pdbx_seq_one_letter_code
;TELEHWPAPAARQLNALIEANANKGAYAVFDMDNTSYRYDLEESLLPYLEMKGVLTRDRLDPSLKLIPFKDQAGHKESLF
SYYYRLCEIDDMVCYPWVAQVFSGFTLRELKGYVDELMAYGKPIPATYYDGDKLATLDVEPPRVFSGQRELYNKLMENGI
EVYVISAAHEELVRMVAADPRYGYNAKPENVIGVTTLLKNRKTGELTTARKQIAEGKYDPKANLDLEVTPYLWTPATWMA
GKQAAILTYIDRWKRPILVAGDTPDSDGYMLFNGTAENGVHLWVNRKAKYMEQINGMIKQHSAAQAKAGLPVTADRNWVI
VTPEQIQ
;
_entity_poly.pdbx_strand_id   A,B,C,D
#
# COMPACT_ATOMS: atom_id res chain seq x y z
N THR A 1 22.37 -10.67 20.83
CA THR A 1 21.44 -9.95 19.89
C THR A 1 21.91 -8.51 19.65
N GLU A 2 21.85 -8.08 18.40
CA GLU A 2 22.35 -6.77 18.00
C GLU A 2 21.23 -5.81 17.62
N LEU A 3 21.38 -4.53 17.93
CA LEU A 3 20.37 -3.56 17.51
C LEU A 3 20.64 -3.12 16.08
N GLU A 4 20.46 -4.01 15.10
CA GLU A 4 20.84 -3.66 13.72
C GLU A 4 19.73 -2.95 12.90
N HIS A 5 18.46 -3.29 13.11
CA HIS A 5 17.42 -2.53 12.40
C HIS A 5 16.93 -1.28 13.17
N TRP A 6 17.89 -0.38 13.47
CA TRP A 6 17.65 0.91 14.09
C TRP A 6 18.54 1.91 13.46
N PRO A 7 18.08 3.19 13.38
CA PRO A 7 18.97 4.29 13.09
C PRO A 7 20.02 4.30 14.18
N ALA A 8 21.26 4.60 13.83
CA ALA A 8 22.37 4.49 14.74
C ALA A 8 22.31 5.38 16.01
N PRO A 9 21.83 6.65 15.90
CA PRO A 9 21.74 7.43 17.17
C PRO A 9 20.74 6.85 18.18
N ALA A 10 19.63 6.30 17.70
CA ALA A 10 18.72 5.65 18.61
C ALA A 10 19.36 4.41 19.27
N ALA A 11 20.00 3.56 18.43
CA ALA A 11 20.63 2.31 18.87
C ALA A 11 21.69 2.67 19.87
N ARG A 12 22.41 3.77 19.65
CA ARG A 12 23.36 4.19 20.70
C ARG A 12 22.67 4.47 22.08
N GLN A 13 21.53 5.15 22.04
CA GLN A 13 20.89 5.62 23.27
C GLN A 13 20.32 4.40 23.95
N LEU A 14 19.67 3.53 23.18
CA LEU A 14 19.14 2.31 23.73
C LEU A 14 20.25 1.40 24.32
N ASN A 15 21.37 1.23 23.61
CA ASN A 15 22.46 0.39 24.15
C ASN A 15 23.01 0.98 25.41
N ALA A 16 23.06 2.31 25.51
CA ALA A 16 23.59 2.93 26.70
C ALA A 16 22.65 2.71 27.91
N LEU A 17 21.36 2.70 27.66
CA LEU A 17 20.40 2.48 28.75
C LEU A 17 20.47 1.03 29.22
N ILE A 18 20.54 0.11 28.26
CA ILE A 18 20.65 -1.32 28.53
C ILE A 18 21.90 -1.58 29.39
N GLU A 19 22.98 -0.89 29.08
CA GLU A 19 24.21 -1.09 29.82
C GLU A 19 24.11 -0.49 31.24
N ALA A 20 23.44 0.65 31.39
CA ALA A 20 23.34 1.29 32.70
C ALA A 20 22.34 0.54 33.65
N ASN A 21 21.53 -0.37 33.08
CA ASN A 21 20.45 -1.02 33.85
C ASN A 21 20.49 -2.56 33.74
N ALA A 22 21.61 -3.09 33.24
CA ALA A 22 21.79 -4.55 33.13
C ALA A 22 21.72 -5.23 34.52
N ASN A 23 21.06 -6.38 34.59
CA ASN A 23 20.96 -7.13 35.86
C ASN A 23 20.79 -6.29 37.13
N LYS A 24 19.88 -5.33 37.10
CA LYS A 24 19.59 -4.53 38.30
C LYS A 24 18.18 -4.69 38.81
N GLY A 25 17.44 -5.68 38.31
CA GLY A 25 16.01 -5.84 38.57
C GLY A 25 15.14 -4.83 37.82
N ALA A 26 15.63 -4.32 36.67
CA ALA A 26 14.88 -3.28 35.97
C ALA A 26 13.88 -3.97 35.08
N TYR A 27 12.90 -3.21 34.60
CA TYR A 27 12.03 -3.74 33.57
C TYR A 27 11.60 -2.66 32.55
N ALA A 28 11.08 -3.14 31.41
CA ALA A 28 10.61 -2.32 30.35
C ALA A 28 9.14 -2.68 29.96
N VAL A 29 8.37 -1.68 29.53
CA VAL A 29 7.00 -1.83 29.09
C VAL A 29 6.83 -1.38 27.61
N PHE A 30 6.15 -2.19 26.81
CA PHE A 30 5.93 -1.93 25.38
C PHE A 30 4.47 -1.95 25.04
N ASP A 31 3.96 -0.97 24.31
CA ASP A 31 2.65 -1.16 23.71
C ASP A 31 2.87 -2.19 22.61
N MET A 32 1.84 -2.87 22.17
CA MET A 32 2.00 -3.83 21.05
C MET A 32 1.63 -3.28 19.66
N ASP A 33 0.35 -3.01 19.45
CA ASP A 33 -0.06 -2.59 18.10
C ASP A 33 0.59 -1.29 17.64
N ASN A 34 1.24 -1.35 16.48
CA ASN A 34 1.84 -0.14 15.89
C ASN A 34 3.04 0.34 16.71
N THR A 35 3.47 -0.47 17.65
CA THR A 35 4.69 -0.19 18.44
C THR A 35 5.67 -1.37 18.36
N SER A 36 5.15 -2.54 18.63
CA SER A 36 6.01 -3.70 18.60
C SER A 36 6.03 -4.32 17.22
N TYR A 37 4.91 -4.22 16.52
CA TYR A 37 4.83 -4.51 15.09
C TYR A 37 4.07 -3.41 14.44
N ARG A 38 4.12 -3.35 13.12
CA ARG A 38 3.36 -2.39 12.41
C ARG A 38 1.93 -2.84 12.22
N TYR A 39 1.01 -1.86 12.18
CA TYR A 39 -0.44 -2.04 12.03
C TYR A 39 -1.02 -2.69 13.27
N ASP A 40 -2.29 -3.08 13.18
CA ASP A 40 -3.08 -3.42 14.34
C ASP A 40 -3.68 -4.85 14.23
N LEU A 41 -3.62 -5.66 15.31
CA LEU A 41 -4.11 -7.04 15.27
C LEU A 41 -5.56 -7.07 15.11
N GLU A 42 -6.27 -6.59 16.12
CA GLU A 42 -7.71 -6.60 16.12
C GLU A 42 -8.36 -5.91 14.90
N GLU A 43 -7.81 -4.81 14.44
CA GLU A 43 -8.47 -4.11 13.33
C GLU A 43 -8.34 -4.88 12.02
N SER A 44 -7.27 -5.65 11.87
CA SER A 44 -7.09 -6.51 10.69
C SER A 44 -7.74 -7.88 10.88
N LEU A 45 -7.78 -8.37 12.11
CA LEU A 45 -8.34 -9.67 12.38
C LEU A 45 -9.83 -9.62 12.27
N LEU A 46 -10.42 -8.53 12.70
CA LEU A 46 -11.88 -8.49 12.69
C LEU A 46 -12.45 -8.53 11.26
N PRO A 47 -11.83 -7.81 10.32
CA PRO A 47 -12.41 -7.88 8.99
C PRO A 47 -11.89 -9.07 8.17
N TYR A 48 -10.72 -9.60 8.50
CA TYR A 48 -10.32 -10.92 8.03
C TYR A 48 -11.47 -11.90 8.38
N LEU A 49 -11.71 -12.11 9.66
CA LEU A 49 -12.73 -13.06 10.11
C LEU A 49 -14.09 -12.88 9.46
N GLU A 50 -14.38 -11.66 9.02
CA GLU A 50 -15.66 -11.35 8.40
C GLU A 50 -15.70 -11.82 6.95
N MET A 51 -14.59 -11.65 6.23
CA MET A 51 -14.50 -12.05 4.83
C MET A 51 -14.23 -13.57 4.67
N LYS A 52 -14.27 -14.30 5.79
CA LYS A 52 -14.06 -15.73 5.83
C LYS A 52 -15.34 -16.40 6.29
N GLY A 53 -16.25 -15.61 6.85
CA GLY A 53 -17.52 -16.14 7.32
C GLY A 53 -17.54 -16.55 8.78
N VAL A 54 -16.35 -16.57 9.41
CA VAL A 54 -16.22 -16.95 10.82
C VAL A 54 -16.98 -16.04 11.78
N LEU A 55 -16.94 -14.74 11.53
CA LEU A 55 -17.48 -13.78 12.49
C LEU A 55 -18.54 -12.96 11.81
N THR A 56 -19.79 -13.08 12.27
CA THR A 56 -20.87 -12.44 11.59
C THR A 56 -21.76 -11.83 12.59
N ARG A 57 -22.59 -10.91 12.12
CA ARG A 57 -23.58 -10.25 12.94
C ARG A 57 -24.53 -11.21 13.72
N ASP A 58 -24.69 -12.43 13.20
CA ASP A 58 -25.55 -13.41 13.86
C ASP A 58 -24.83 -14.01 15.07
N ARG A 59 -23.63 -14.55 14.87
CA ARG A 59 -22.85 -15.03 16.00
C ARG A 59 -22.17 -13.88 16.83
N LEU A 60 -22.92 -12.79 17.03
CA LEU A 60 -22.47 -11.63 17.78
C LEU A 60 -23.21 -11.52 19.11
N ASP A 61 -22.44 -11.49 20.17
CA ASP A 61 -23.05 -11.52 21.46
C ASP A 61 -24.15 -10.49 21.69
N PRO A 62 -25.32 -10.93 22.15
CA PRO A 62 -26.30 -9.85 22.29
C PRO A 62 -25.89 -8.68 23.19
N SER A 63 -24.90 -8.88 24.07
CA SER A 63 -24.52 -7.76 24.96
C SER A 63 -23.77 -6.63 24.24
N LEU A 64 -23.23 -6.92 23.04
CA LEU A 64 -22.46 -6.02 22.18
C LEU A 64 -23.23 -5.31 21.03
N LYS A 65 -24.53 -5.45 20.99
CA LYS A 65 -25.32 -4.68 20.07
C LYS A 65 -25.83 -3.51 20.81
N LEU A 66 -25.03 -2.45 20.89
CA LEU A 66 -25.41 -1.27 21.69
C LEU A 66 -26.30 -0.28 20.94
N ILE A 67 -26.17 -0.29 19.62
CA ILE A 67 -26.97 0.59 18.78
C ILE A 67 -27.46 -0.29 17.62
N PRO A 68 -28.49 0.18 16.88
CA PRO A 68 -29.01 -0.47 15.69
C PRO A 68 -28.00 -0.41 14.57
N PHE A 69 -27.93 -1.47 13.78
CA PHE A 69 -27.13 -1.47 12.54
C PHE A 69 -27.72 -0.52 11.52
N LYS A 70 -26.89 -0.03 10.61
CA LYS A 70 -27.42 0.93 9.64
C LYS A 70 -27.26 0.29 8.30
N ASP A 71 -28.35 -0.31 7.83
CA ASP A 71 -28.36 -0.93 6.51
C ASP A 71 -29.03 0.02 5.51
N GLN A 72 -28.40 0.14 4.35
CA GLN A 72 -28.89 0.97 3.25
C GLN A 72 -29.56 0.01 2.34
N ALA A 73 -30.54 0.50 1.59
CA ALA A 73 -31.39 -0.35 0.77
C ALA A 73 -30.74 -1.65 0.20
N GLY A 74 -29.52 -1.56 -0.34
CA GLY A 74 -28.91 -2.72 -1.00
C GLY A 74 -27.73 -3.43 -0.33
N HIS A 75 -27.33 -2.94 0.86
CA HIS A 75 -26.05 -3.34 1.48
C HIS A 75 -26.14 -3.51 3.00
N LYS A 76 -25.60 -4.62 3.52
CA LYS A 76 -25.62 -4.90 4.99
C LYS A 76 -24.37 -4.37 5.71
N GLU A 77 -24.54 -3.50 6.73
CA GLU A 77 -23.40 -2.92 7.52
C GLU A 77 -22.48 -4.02 8.04
N SER A 78 -21.17 -3.88 7.80
CA SER A 78 -20.18 -4.85 8.23
C SER A 78 -19.87 -4.63 9.71
N LEU A 79 -19.07 -5.52 10.29
CA LEU A 79 -18.77 -5.34 11.72
C LEU A 79 -17.73 -4.22 11.90
N PHE A 80 -16.83 -4.07 10.93
CA PHE A 80 -15.87 -2.97 10.89
C PHE A 80 -16.62 -1.62 10.81
N SER A 81 -17.67 -1.56 10.02
CA SER A 81 -18.40 -0.33 9.94
C SER A 81 -19.06 0.08 11.26
N TYR A 82 -19.70 -0.88 11.90
CA TYR A 82 -20.38 -0.68 13.18
C TYR A 82 -19.33 -0.24 14.24
N TYR A 83 -18.14 -0.78 14.11
CA TYR A 83 -17.07 -0.48 15.01
C TYR A 83 -16.63 0.99 14.86
N TYR A 84 -16.26 1.43 13.66
CA TYR A 84 -16.12 2.85 13.39
C TYR A 84 -17.27 3.65 13.98
N ARG A 85 -18.53 3.18 13.84
CA ARG A 85 -19.66 4.00 14.36
C ARG A 85 -19.69 4.12 15.88
N LEU A 86 -19.12 3.12 16.55
CA LEU A 86 -19.08 3.17 18.01
C LEU A 86 -17.93 4.07 18.44
N CYS A 87 -16.85 4.12 17.66
CA CYS A 87 -15.73 5.06 17.97
C CYS A 87 -16.23 6.50 17.98
N GLU A 88 -17.10 6.88 17.04
CA GLU A 88 -17.72 8.20 17.07
C GLU A 88 -18.55 8.46 18.30
N ILE A 89 -18.97 7.45 19.04
CA ILE A 89 -19.62 7.76 20.33
C ILE A 89 -18.53 8.11 21.35
N ASP A 90 -17.52 7.24 21.47
CA ASP A 90 -16.43 7.50 22.41
C ASP A 90 -15.45 6.37 22.33
N ASP A 91 -14.18 6.66 22.59
CA ASP A 91 -13.15 5.62 22.62
C ASP A 91 -13.49 4.64 23.71
N MET A 92 -14.18 5.14 24.73
CA MET A 92 -14.45 4.29 25.86
C MET A 92 -15.61 3.32 25.53
N VAL A 93 -16.19 3.43 24.34
CA VAL A 93 -17.20 2.48 23.89
C VAL A 93 -16.49 1.53 22.95
N CYS A 94 -15.83 2.07 21.94
CA CYS A 94 -15.23 1.18 20.97
C CYS A 94 -13.99 0.40 21.41
N TYR A 95 -13.23 0.94 22.35
CA TYR A 95 -12.04 0.20 22.84
C TYR A 95 -12.43 -1.19 23.47
N PRO A 96 -13.36 -1.23 24.44
CA PRO A 96 -13.60 -2.61 24.91
C PRO A 96 -14.30 -3.45 23.84
N TRP A 97 -15.28 -2.84 23.15
CA TRP A 97 -16.08 -3.54 22.11
C TRP A 97 -15.24 -4.28 21.12
N VAL A 98 -14.16 -3.69 20.65
CA VAL A 98 -13.37 -4.34 19.57
C VAL A 98 -12.47 -5.43 20.10
N ALA A 99 -12.49 -5.60 21.42
CA ALA A 99 -11.83 -6.75 22.03
C ALA A 99 -12.89 -7.86 22.29
N GLN A 100 -13.98 -7.51 22.99
CA GLN A 100 -15.09 -8.37 23.26
C GLN A 100 -15.71 -8.99 21.98
N VAL A 101 -15.42 -8.44 20.81
CA VAL A 101 -16.11 -8.87 19.62
C VAL A 101 -15.68 -10.29 19.28
N PHE A 102 -14.50 -10.69 19.77
CA PHE A 102 -14.00 -12.02 19.49
C PHE A 102 -14.57 -13.11 20.42
N SER A 103 -15.58 -12.77 21.22
CA SER A 103 -16.25 -13.72 22.10
C SER A 103 -16.91 -14.90 21.38
N GLY A 104 -17.02 -16.01 22.09
CA GLY A 104 -17.77 -17.17 21.60
C GLY A 104 -16.88 -18.14 20.88
N PHE A 105 -15.57 -17.83 20.80
CA PHE A 105 -14.55 -18.75 20.31
C PHE A 105 -13.71 -19.28 21.49
N THR A 106 -12.91 -20.31 21.23
CA THR A 106 -11.99 -20.86 22.21
C THR A 106 -10.67 -20.23 21.84
N LEU A 107 -9.74 -20.26 22.80
CA LEU A 107 -8.38 -19.75 22.58
C LEU A 107 -7.61 -20.56 21.56
N ARG A 108 -7.99 -21.83 21.39
CA ARG A 108 -7.44 -22.72 20.36
C ARG A 108 -7.83 -22.22 18.96
N GLU A 109 -9.13 -22.01 18.75
CA GLU A 109 -9.60 -21.51 17.45
C GLU A 109 -8.90 -20.17 17.14
N LEU A 110 -9.00 -19.22 18.08
CA LEU A 110 -8.45 -17.89 17.88
C LEU A 110 -6.97 -17.98 17.60
N LYS A 111 -6.25 -18.88 18.28
CA LYS A 111 -4.81 -18.99 17.99
C LYS A 111 -4.61 -19.39 16.53
N GLY A 112 -5.63 -20.06 15.96
CA GLY A 112 -5.61 -20.46 14.57
C GLY A 112 -5.66 -19.28 13.62
N TYR A 113 -6.77 -18.56 13.72
CA TYR A 113 -6.96 -17.30 13.00
C TYR A 113 -5.75 -16.33 13.11
N VAL A 114 -5.20 -16.15 14.31
CA VAL A 114 -4.13 -15.17 14.48
C VAL A 114 -2.93 -15.58 13.68
N ASP A 115 -2.54 -16.85 13.83
CA ASP A 115 -1.42 -17.38 13.07
C ASP A 115 -1.72 -17.30 11.55
N GLU A 116 -2.99 -17.48 11.17
CA GLU A 116 -3.41 -17.33 9.77
C GLU A 116 -3.21 -15.89 9.28
N LEU A 117 -3.88 -14.95 9.96
CA LEU A 117 -3.70 -13.51 9.74
C LEU A 117 -2.24 -13.10 9.66
N MET A 118 -1.44 -13.56 10.62
CA MET A 118 -0.01 -13.22 10.60
C MET A 118 0.70 -13.76 9.36
N ALA A 119 0.14 -14.81 8.78
CA ALA A 119 0.73 -15.45 7.60
C ALA A 119 0.07 -14.89 6.35
N TYR A 120 -1.22 -14.59 6.42
CA TYR A 120 -1.91 -13.99 5.29
C TYR A 120 -1.09 -12.92 4.56
N GLY A 121 -0.47 -12.01 5.30
CA GLY A 121 0.50 -11.05 4.73
C GLY A 121 0.01 -10.04 3.70
N LYS A 122 -1.25 -10.14 3.28
CA LYS A 122 -1.83 -9.23 2.27
C LYS A 122 -2.96 -8.31 2.83
N PRO A 123 -3.19 -7.13 2.18
CA PRO A 123 -4.31 -6.22 2.56
C PRO A 123 -5.72 -6.81 2.52
N ILE A 124 -6.48 -6.63 3.60
CA ILE A 124 -7.88 -7.06 3.73
C ILE A 124 -8.84 -5.90 3.44
N PRO A 125 -9.77 -6.09 2.45
CA PRO A 125 -10.80 -5.06 2.11
C PRO A 125 -11.79 -4.87 3.23
N ALA A 126 -12.19 -3.63 3.53
CA ALA A 126 -13.19 -3.41 4.58
C ALA A 126 -14.03 -2.21 4.22
N THR A 127 -15.23 -2.11 4.80
CA THR A 127 -16.17 -1.04 4.43
C THR A 127 -16.73 -0.34 5.65
N TYR A 128 -16.95 0.96 5.54
CA TYR A 128 -17.49 1.74 6.64
C TYR A 128 -18.33 2.90 6.13
N TYR A 129 -18.88 3.69 7.04
CA TYR A 129 -19.57 4.91 6.65
C TYR A 129 -18.72 6.15 6.83
N ASP A 130 -18.35 6.78 5.72
CA ASP A 130 -17.79 8.13 5.72
C ASP A 130 -18.97 9.08 5.70
N GLY A 131 -19.22 9.70 6.86
CA GLY A 131 -20.46 10.40 7.10
C GLY A 131 -21.63 9.46 6.84
N ASP A 132 -22.28 9.64 5.72
CA ASP A 132 -23.49 8.89 5.45
C ASP A 132 -23.30 8.06 4.21
N LYS A 133 -22.14 8.19 3.56
CA LYS A 133 -21.85 7.43 2.34
C LYS A 133 -20.95 6.22 2.61
N LEU A 134 -21.16 5.17 1.83
CA LEU A 134 -20.43 3.94 2.01
C LEU A 134 -19.07 4.06 1.36
N ALA A 135 -18.04 3.63 2.09
CA ALA A 135 -16.66 3.82 1.72
C ALA A 135 -15.87 2.55 1.95
N THR A 136 -14.72 2.48 1.29
CA THR A 136 -13.95 1.26 1.22
C THR A 136 -12.52 1.56 1.70
N LEU A 137 -11.87 0.62 2.37
CA LEU A 137 -10.47 0.82 2.67
C LEU A 137 -9.72 -0.49 2.80
N ASP A 138 -8.40 -0.40 2.68
CA ASP A 138 -7.52 -1.55 2.75
C ASP A 138 -6.83 -1.62 4.13
N VAL A 139 -7.16 -2.64 4.91
CA VAL A 139 -6.57 -2.83 6.22
C VAL A 139 -5.44 -3.85 6.13
N GLU A 140 -4.26 -3.44 6.62
CA GLU A 140 -3.06 -4.28 6.63
C GLU A 140 -2.97 -5.12 7.92
N PRO A 141 -2.56 -6.41 7.79
CA PRO A 141 -2.21 -7.33 8.90
C PRO A 141 -0.90 -6.95 9.54
N PRO A 142 -0.63 -7.41 10.79
CA PRO A 142 0.60 -7.00 11.45
C PRO A 142 1.82 -7.45 10.68
N ARG A 143 2.88 -6.60 10.67
CA ARG A 143 4.21 -6.95 10.16
C ARG A 143 5.18 -6.70 11.31
N VAL A 144 5.80 -7.78 11.80
CA VAL A 144 6.78 -7.73 12.88
C VAL A 144 7.91 -6.77 12.57
N PHE A 145 8.22 -5.90 13.55
CA PHE A 145 9.32 -4.95 13.48
C PHE A 145 10.56 -5.65 13.93
N SER A 146 11.52 -5.75 13.03
CA SER A 146 12.77 -6.42 13.34
C SER A 146 13.46 -5.67 14.47
N GLY A 147 13.41 -4.35 14.40
CA GLY A 147 14.09 -3.54 15.39
C GLY A 147 13.57 -3.90 16.76
N GLN A 148 12.24 -3.98 16.92
CA GLN A 148 11.65 -4.28 18.23
C GLN A 148 11.93 -5.75 18.64
N ARG A 149 11.94 -6.64 17.67
CA ARG A 149 12.25 -8.05 17.91
C ARG A 149 13.64 -8.13 18.57
N GLU A 150 14.59 -7.35 18.05
CA GLU A 150 15.93 -7.27 18.59
C GLU A 150 16.01 -6.64 19.98
N LEU A 151 15.31 -5.51 20.15
CA LEU A 151 15.32 -4.76 21.41
C LEU A 151 14.74 -5.61 22.55
N TYR A 152 13.60 -6.23 22.30
CA TYR A 152 13.04 -7.18 23.28
C TYR A 152 14.14 -8.16 23.77
N ASN A 153 14.84 -8.78 22.83
CA ASN A 153 15.77 -9.88 23.20
C ASN A 153 17.03 -9.38 23.88
N LYS A 154 17.56 -8.28 23.36
CA LYS A 154 18.67 -7.61 24.01
C LYS A 154 18.35 -7.19 25.42
N LEU A 155 17.11 -6.77 25.66
CA LEU A 155 16.69 -6.47 27.02
C LEU A 155 16.61 -7.75 27.89
N MET A 156 16.03 -8.80 27.38
CA MET A 156 15.94 -10.03 28.18
C MET A 156 17.36 -10.57 28.48
N GLU A 157 18.27 -10.47 27.51
CA GLU A 157 19.63 -11.00 27.64
C GLU A 157 20.50 -10.27 28.64
N ASN A 158 20.13 -9.03 28.96
CA ASN A 158 20.79 -8.24 30.00
C ASN A 158 19.92 -8.16 31.27
N GLY A 159 19.00 -9.12 31.37
CA GLY A 159 18.22 -9.29 32.59
C GLY A 159 17.41 -8.06 32.90
N ILE A 160 16.74 -7.54 31.87
CA ILE A 160 15.83 -6.44 32.02
C ILE A 160 14.52 -7.04 31.62
N GLU A 161 13.63 -7.25 32.58
CA GLU A 161 12.37 -7.87 32.27
C GLU A 161 11.54 -7.11 31.26
N VAL A 162 10.84 -7.81 30.40
CA VAL A 162 10.03 -7.19 29.37
C VAL A 162 8.54 -7.46 29.54
N TYR A 163 7.76 -6.38 29.63
CA TYR A 163 6.31 -6.51 29.69
C TYR A 163 5.67 -5.86 28.48
N VAL A 164 4.49 -6.33 28.13
CA VAL A 164 3.70 -5.76 27.06
C VAL A 164 2.42 -5.34 27.75
N ILE A 165 2.00 -4.08 27.50
CA ILE A 165 0.72 -3.51 28.02
C ILE A 165 0.01 -2.89 26.83
N SER A 166 -1.02 -3.59 26.37
CA SER A 166 -1.76 -3.39 25.17
C SER A 166 -3.21 -3.15 25.48
N ALA A 167 -3.84 -2.37 24.60
CA ALA A 167 -5.29 -2.10 24.61
C ALA A 167 -6.10 -3.13 23.80
N ALA A 168 -5.41 -4.01 23.08
CA ALA A 168 -5.99 -5.20 22.47
C ALA A 168 -6.18 -6.32 23.53
N HIS A 169 -7.03 -7.30 23.21
CA HIS A 169 -7.28 -8.51 24.08
C HIS A 169 -6.02 -9.16 24.48
N GLU A 170 -5.84 -9.37 25.78
CA GLU A 170 -4.61 -10.01 26.29
C GLU A 170 -4.34 -11.33 25.59
N GLU A 171 -5.38 -12.18 25.42
CA GLU A 171 -5.08 -13.50 24.84
C GLU A 171 -4.63 -13.40 23.40
N LEU A 172 -5.22 -12.47 22.62
CA LEU A 172 -4.76 -12.23 21.26
C LEU A 172 -3.31 -11.76 21.24
N VAL A 173 -3.00 -10.78 22.05
CA VAL A 173 -1.63 -10.26 22.07
C VAL A 173 -0.63 -11.35 22.47
N ARG A 174 -1.02 -12.16 23.45
CA ARG A 174 -0.15 -13.26 23.92
C ARG A 174 0.27 -14.20 22.76
N MET A 175 -0.70 -14.54 21.91
CA MET A 175 -0.54 -15.44 20.77
C MET A 175 0.50 -14.98 19.79
N VAL A 176 0.80 -13.68 19.76
CA VAL A 176 1.94 -13.20 18.98
C VAL A 176 3.16 -12.99 19.88
N ALA A 177 3.04 -12.26 20.98
CA ALA A 177 4.26 -11.79 21.69
C ALA A 177 4.99 -12.90 22.44
N ALA A 178 4.25 -13.91 22.86
CA ALA A 178 4.80 -15.00 23.68
C ALA A 178 5.20 -16.26 22.90
N ASP A 179 4.57 -16.42 21.72
CA ASP A 179 4.84 -17.50 20.77
C ASP A 179 6.17 -17.29 20.01
N PRO A 180 7.14 -18.20 20.17
CA PRO A 180 8.53 -17.93 19.75
C PRO A 180 8.75 -17.83 18.25
N ARG A 181 7.75 -18.25 17.47
CA ARG A 181 7.86 -18.20 16.03
C ARG A 181 7.76 -16.77 15.52
N TYR A 182 7.60 -15.80 16.42
CA TYR A 182 7.58 -14.41 15.98
C TYR A 182 8.81 -13.71 16.46
N GLY A 183 9.52 -14.32 17.39
CA GLY A 183 10.87 -13.84 17.68
C GLY A 183 10.99 -12.80 18.77
N TYR A 184 9.86 -12.37 19.32
CA TYR A 184 9.85 -11.53 20.53
C TYR A 184 10.31 -12.28 21.80
N ASN A 185 9.81 -13.51 22.02
CA ASN A 185 10.18 -14.37 23.17
C ASN A 185 9.76 -13.87 24.56
N ALA A 186 8.62 -13.21 24.62
CA ALA A 186 8.17 -12.62 25.86
C ALA A 186 7.61 -13.73 26.72
N LYS A 187 7.87 -13.69 28.01
CA LYS A 187 7.16 -14.61 28.89
C LYS A 187 5.65 -14.37 28.81
N PRO A 188 4.88 -15.45 28.68
CA PRO A 188 3.44 -15.39 28.59
C PRO A 188 2.78 -14.56 29.72
N GLU A 189 3.33 -14.69 30.92
CA GLU A 189 2.77 -14.06 32.07
C GLU A 189 3.06 -12.54 32.09
N ASN A 190 3.97 -12.11 31.22
CA ASN A 190 4.45 -10.75 31.21
C ASN A 190 3.71 -9.94 30.18
N VAL A 191 2.80 -10.61 29.47
CA VAL A 191 1.88 -9.98 28.55
C VAL A 191 0.58 -9.62 29.25
N ILE A 192 0.23 -8.33 29.19
CA ILE A 192 -0.88 -7.72 29.86
C ILE A 192 -1.73 -6.94 28.83
N GLY A 193 -3.04 -7.19 28.81
CA GLY A 193 -3.86 -6.72 27.75
C GLY A 193 -5.24 -6.65 28.33
N VAL A 194 -6.22 -6.45 27.46
CA VAL A 194 -7.60 -6.31 27.90
C VAL A 194 -8.08 -7.73 28.14
N THR A 195 -8.75 -7.93 29.26
CA THR A 195 -9.07 -9.25 29.73
C THR A 195 -10.58 -9.40 29.88
N THR A 196 -11.05 -10.57 29.44
CA THR A 196 -12.43 -10.99 29.61
C THR A 196 -12.40 -12.36 30.20
N LEU A 197 -13.43 -12.64 30.99
CA LEU A 197 -13.67 -13.90 31.63
C LEU A 197 -13.65 -15.05 30.62
N LEU A 198 -12.81 -16.05 30.92
CA LEU A 198 -12.75 -17.30 30.14
C LEU A 198 -13.61 -18.39 30.82
N LYS A 199 -14.42 -19.07 30.00
CA LYS A 199 -15.42 -20.03 30.46
C LYS A 199 -15.08 -21.45 30.00
N ASN A 200 -15.09 -22.32 31.00
CA ASN A 200 -15.12 -23.77 30.81
C ASN A 200 -16.53 -24.19 30.41
N ARG A 201 -16.71 -24.63 29.16
CA ARG A 201 -18.06 -25.04 28.69
C ARG A 201 -18.57 -26.28 29.49
N LYS A 202 -17.67 -27.25 29.71
CA LYS A 202 -17.94 -28.43 30.55
C LYS A 202 -18.54 -28.05 31.91
N THR A 203 -17.74 -27.38 32.75
CA THR A 203 -18.07 -27.21 34.17
C THR A 203 -18.79 -25.89 34.47
N GLY A 204 -18.68 -24.93 33.54
CA GLY A 204 -19.11 -23.55 33.81
C GLY A 204 -18.16 -22.69 34.66
N GLU A 205 -16.92 -23.15 34.88
CA GLU A 205 -15.93 -22.39 35.67
C GLU A 205 -15.58 -21.10 34.96
N LEU A 206 -15.42 -20.03 35.74
CA LEU A 206 -14.98 -18.76 35.17
C LEU A 206 -13.61 -18.35 35.74
N THR A 207 -12.66 -18.11 34.83
CA THR A 207 -11.31 -17.70 35.21
C THR A 207 -10.74 -16.69 34.20
N THR A 208 -9.57 -16.15 34.49
CA THR A 208 -8.78 -15.39 33.53
C THR A 208 -7.32 -15.69 33.77
N ALA A 209 -6.45 -15.47 32.78
CA ALA A 209 -5.02 -15.62 33.02
C ALA A 209 -4.54 -14.73 34.21
N ARG A 210 -5.03 -13.50 34.30
CA ARG A 210 -4.56 -12.59 35.38
C ARG A 210 -4.83 -13.18 36.74
N LYS A 211 -5.99 -13.84 36.87
CA LYS A 211 -6.35 -14.52 38.10
C LYS A 211 -5.33 -15.60 38.39
N GLN A 212 -4.91 -16.34 37.37
CA GLN A 212 -4.15 -17.53 37.59
C GLN A 212 -2.76 -17.12 37.95
N ILE A 213 -2.26 -16.15 37.20
CA ILE A 213 -0.95 -15.59 37.52
C ILE A 213 -0.98 -15.02 38.96
N ALA A 214 -1.97 -14.18 39.32
CA ALA A 214 -1.95 -13.53 40.69
C ALA A 214 -2.02 -14.58 41.81
N GLU A 215 -2.67 -15.70 41.51
CA GLU A 215 -2.75 -16.83 42.41
C GLU A 215 -1.51 -17.77 42.48
N GLY A 216 -0.70 -17.80 41.43
CA GLY A 216 0.64 -18.40 41.51
C GLY A 216 0.71 -19.71 40.78
N LYS A 217 -0.28 -19.95 39.94
CA LYS A 217 -0.28 -21.15 39.13
C LYS A 217 -0.82 -20.78 37.75
N TYR A 218 0.06 -20.59 36.78
CA TYR A 218 -0.39 -20.24 35.45
C TYR A 218 0.25 -21.12 34.41
N ASP A 219 -0.58 -21.77 33.61
CA ASP A 219 -0.12 -22.54 32.47
C ASP A 219 -1.03 -22.24 31.29
N PRO A 220 -0.48 -21.57 30.26
CA PRO A 220 -1.17 -21.07 29.05
C PRO A 220 -1.91 -22.19 28.33
N LYS A 221 -1.19 -23.30 28.11
CA LYS A 221 -1.78 -24.54 27.54
C LYS A 221 -3.06 -25.02 28.25
N ALA A 222 -3.11 -24.95 29.58
CA ALA A 222 -4.34 -25.32 30.32
C ALA A 222 -5.59 -24.54 29.88
N ASN A 223 -5.38 -23.45 29.17
CA ASN A 223 -6.48 -22.56 28.86
C ASN A 223 -7.07 -22.73 27.47
N LEU A 224 -6.29 -23.32 26.57
CA LEU A 224 -6.60 -23.44 25.14
C LEU A 224 -8.01 -23.88 24.74
N ASP A 225 -8.75 -24.55 25.61
CA ASP A 225 -10.11 -24.95 25.21
C ASP A 225 -11.19 -24.25 26.03
N LEU A 226 -10.78 -23.22 26.80
CA LEU A 226 -11.74 -22.25 27.36
C LEU A 226 -12.32 -21.31 26.28
N GLU A 227 -13.57 -20.91 26.48
CA GLU A 227 -14.31 -20.04 25.58
C GLU A 227 -14.13 -18.58 26.03
N VAL A 228 -13.70 -17.67 25.16
CA VAL A 228 -13.63 -16.26 25.50
C VAL A 228 -15.01 -15.69 25.58
N THR A 229 -15.37 -15.14 26.75
CA THR A 229 -16.61 -14.43 26.89
C THR A 229 -16.39 -12.89 26.85
N PRO A 230 -17.47 -12.09 26.82
CA PRO A 230 -17.29 -10.65 26.68
C PRO A 230 -17.14 -9.94 28.02
N TYR A 231 -17.31 -10.66 29.11
CA TYR A 231 -17.41 -9.95 30.40
C TYR A 231 -16.05 -9.39 30.88
N LEU A 232 -16.06 -8.09 31.12
CA LEU A 232 -14.82 -7.30 31.21
C LEU A 232 -14.21 -7.37 32.59
N TRP A 233 -12.92 -7.64 32.60
CA TRP A 233 -12.06 -7.74 33.78
C TRP A 233 -11.24 -6.49 33.79
N THR A 234 -11.00 -5.95 34.98
CA THR A 234 -10.26 -4.70 35.09
C THR A 234 -8.97 -4.86 35.95
N PRO A 235 -8.00 -3.93 35.84
CA PRO A 235 -8.08 -2.71 35.07
C PRO A 235 -8.01 -2.95 33.56
N ALA A 236 -8.79 -2.14 32.84
CA ALA A 236 -8.75 -2.08 31.38
C ALA A 236 -7.48 -1.38 30.93
N THR A 237 -6.67 -2.06 30.12
CA THR A 237 -5.37 -1.58 29.79
C THR A 237 -5.36 -0.61 28.59
N TRP A 238 -6.09 0.50 28.71
CA TRP A 238 -5.85 1.66 27.85
C TRP A 238 -5.82 2.95 28.69
N MET A 239 -5.32 4.04 28.13
CA MET A 239 -5.32 5.33 28.83
C MET A 239 -4.70 5.20 30.22
N ALA A 240 -5.32 5.77 31.25
CA ALA A 240 -4.75 5.66 32.58
C ALA A 240 -4.73 4.22 33.15
N GLY A 241 -5.55 3.35 32.54
CA GLY A 241 -5.50 1.91 32.82
C GLY A 241 -4.13 1.25 32.60
N LYS A 242 -3.34 1.77 31.67
CA LYS A 242 -2.05 1.19 31.43
C LYS A 242 -1.14 1.43 32.64
N GLN A 243 -1.19 2.64 33.19
CA GLN A 243 -0.50 2.95 34.43
C GLN A 243 -1.13 2.14 35.57
N ALA A 244 -2.46 2.03 35.60
CA ALA A 244 -3.07 1.17 36.62
C ALA A 244 -2.56 -0.26 36.51
N ALA A 245 -2.30 -0.73 35.29
CA ALA A 245 -1.87 -2.11 35.13
C ALA A 245 -0.46 -2.28 35.63
N ILE A 246 0.38 -1.25 35.50
CA ILE A 246 1.78 -1.34 35.98
C ILE A 246 1.73 -1.52 37.50
N LEU A 247 0.91 -0.71 38.18
CA LEU A 247 0.80 -0.77 39.64
C LEU A 247 0.31 -2.12 40.10
N THR A 248 -0.67 -2.68 39.39
CA THR A 248 -1.36 -3.88 39.82
C THR A 248 -0.58 -5.14 39.52
N TYR A 249 0.08 -5.19 38.38
CA TYR A 249 0.67 -6.47 37.97
C TYR A 249 2.17 -6.45 37.96
N ILE A 250 2.80 -5.28 38.01
CA ILE A 250 4.27 -5.24 37.90
C ILE A 250 4.93 -4.82 39.23
N ASP A 251 4.76 -3.56 39.62
CA ASP A 251 5.41 -3.08 40.84
C ASP A 251 4.75 -1.77 41.27
N ARG A 252 4.57 -1.60 42.57
CA ARG A 252 3.81 -0.46 43.08
C ARG A 252 4.70 0.75 43.16
N TRP A 253 6.02 0.55 43.19
CA TRP A 253 6.99 1.65 43.44
C TRP A 253 8.11 1.76 42.45
N LYS A 254 8.66 0.64 41.98
CA LYS A 254 9.70 0.67 40.93
C LYS A 254 9.14 1.03 39.52
N ARG A 255 9.80 1.95 38.84
CA ARG A 255 9.27 2.42 37.57
C ARG A 255 10.06 1.87 36.39
N PRO A 256 9.37 1.55 35.26
CA PRO A 256 10.10 1.02 34.09
C PRO A 256 11.12 2.02 33.57
N ILE A 257 12.27 1.51 33.16
CA ILE A 257 13.29 2.39 32.57
C ILE A 257 13.10 2.55 31.09
N LEU A 258 12.06 1.88 30.53
CA LEU A 258 11.73 2.08 29.13
C LEU A 258 10.25 1.95 28.98
N VAL A 259 9.62 2.94 28.34
CA VAL A 259 8.23 2.75 27.94
C VAL A 259 8.09 3.04 26.44
N ALA A 260 7.35 2.20 25.72
CA ALA A 260 7.20 2.37 24.27
C ALA A 260 5.73 2.47 23.85
N GLY A 261 5.45 3.41 22.94
CA GLY A 261 4.10 3.82 22.55
C GLY A 261 4.06 4.46 21.15
N ASP A 262 2.85 4.69 20.66
CA ASP A 262 2.61 5.21 19.34
C ASP A 262 1.29 5.96 19.31
N THR A 263 0.47 5.79 20.33
CA THR A 263 -0.83 6.50 20.37
C THR A 263 -0.91 7.54 21.53
N PRO A 264 -0.98 8.85 21.19
CA PRO A 264 -0.78 9.83 22.28
C PRO A 264 -1.78 9.71 23.44
N ASP A 265 -3.07 9.59 23.18
CA ASP A 265 -4.01 9.42 24.32
C ASP A 265 -3.92 8.06 25.03
N SER A 266 -3.93 6.97 24.29
CA SER A 266 -3.88 5.67 24.92
C SER A 266 -2.56 5.34 25.63
N ASP A 267 -1.43 5.71 25.05
CA ASP A 267 -0.16 5.39 25.68
C ASP A 267 0.39 6.52 26.64
N GLY A 268 -0.21 7.74 26.60
CA GLY A 268 0.34 8.93 27.32
C GLY A 268 0.49 8.73 28.84
N TYR A 269 -0.42 7.97 29.46
CA TYR A 269 -0.31 7.84 30.90
C TYR A 269 0.86 7.01 31.26
N MET A 270 1.07 5.87 30.61
CA MET A 270 2.28 5.10 30.99
C MET A 270 3.56 5.80 30.54
N LEU A 271 3.49 6.53 29.43
CA LEU A 271 4.66 7.30 28.98
C LEU A 271 5.12 8.39 29.92
N PHE A 272 4.20 9.20 30.41
CA PHE A 272 4.55 10.32 31.23
C PHE A 272 4.49 10.01 32.74
N ASN A 273 3.46 9.30 33.20
CA ASN A 273 3.39 8.94 34.63
C ASN A 273 4.15 7.67 35.00
N GLY A 274 4.43 6.80 34.02
CA GLY A 274 5.07 5.55 34.29
C GLY A 274 6.58 5.60 34.19
N THR A 275 7.09 5.97 33.03
CA THR A 275 8.52 5.94 32.79
C THR A 275 9.39 6.45 33.97
N ALA A 276 10.38 5.66 34.41
CA ALA A 276 11.35 6.17 35.44
C ALA A 276 11.96 7.54 35.08
N GLU A 277 12.41 8.33 36.04
CA GLU A 277 13.05 9.64 35.76
C GLU A 277 14.20 9.58 34.74
N ASN A 278 14.96 8.49 34.78
CA ASN A 278 16.08 8.34 33.87
C ASN A 278 15.78 7.31 32.80
N GLY A 279 14.50 7.02 32.67
CA GLY A 279 14.05 6.14 31.63
C GLY A 279 13.90 6.78 30.26
N VAL A 280 13.75 5.90 29.27
CA VAL A 280 13.59 6.25 27.87
C VAL A 280 12.11 6.21 27.50
N HIS A 281 11.69 7.23 26.79
CA HIS A 281 10.40 7.30 26.14
C HIS A 281 10.71 6.87 24.76
N LEU A 282 10.17 5.72 24.38
CA LEU A 282 10.47 5.22 23.05
C LEU A 282 9.21 5.41 22.23
N TRP A 283 9.32 6.17 21.14
CA TRP A 283 8.12 6.61 20.37
C TRP A 283 8.20 6.13 18.94
N VAL A 284 7.19 5.40 18.49
CA VAL A 284 7.09 5.02 17.09
C VAL A 284 6.12 6.00 16.41
N ASN A 285 6.63 6.83 15.48
CA ASN A 285 5.84 7.82 14.81
C ASN A 285 5.22 7.27 13.50
N ARG A 286 3.91 6.99 13.52
CA ARG A 286 3.23 6.38 12.36
C ARG A 286 2.10 7.23 11.80
N LYS A 287 2.08 8.52 12.17
CA LYS A 287 1.01 9.45 11.75
C LYS A 287 1.40 10.85 12.14
N ALA A 288 1.32 11.76 11.18
CA ALA A 288 1.87 13.10 11.35
C ALA A 288 1.17 13.85 12.50
N LYS A 289 -0.16 13.70 12.57
CA LYS A 289 -0.97 14.32 13.57
C LYS A 289 -0.56 13.83 14.97
N TYR A 290 -0.19 12.56 15.08
CA TYR A 290 0.21 12.03 16.39
C TYR A 290 1.56 12.58 16.89
N MET A 291 2.49 12.86 15.98
CA MET A 291 3.80 13.34 16.35
C MET A 291 3.63 14.73 16.93
N GLU A 292 2.80 15.57 16.32
CA GLU A 292 2.63 16.88 16.96
C GLU A 292 1.74 16.79 18.18
N GLN A 293 0.80 15.84 18.19
CA GLN A 293 0.00 15.71 19.42
C GLN A 293 0.90 15.29 20.61
N ILE A 294 1.87 14.40 20.40
CA ILE A 294 2.74 14.00 21.52
C ILE A 294 3.74 15.12 21.90
N ASN A 295 4.30 15.82 20.92
CA ASN A 295 5.10 17.02 21.23
C ASN A 295 4.33 18.06 22.04
N GLY A 296 3.10 18.36 21.66
CA GLY A 296 2.21 19.17 22.50
C GLY A 296 2.16 18.63 23.92
N MET A 297 1.84 17.34 24.10
CA MET A 297 1.73 16.77 25.45
C MET A 297 3.04 16.88 26.25
N ILE A 298 4.17 16.61 25.60
CA ILE A 298 5.46 16.71 26.26
C ILE A 298 5.69 18.08 26.90
N LYS A 299 5.42 19.15 26.13
CA LYS A 299 5.47 20.54 26.62
C LYS A 299 4.54 20.75 27.76
N GLN A 300 3.27 20.34 27.58
CA GLN A 300 2.29 20.57 28.64
C GLN A 300 2.73 19.84 29.91
N HIS A 301 3.12 18.58 29.77
CA HIS A 301 3.47 17.84 30.95
C HIS A 301 4.72 18.37 31.58
N SER A 302 5.64 18.89 30.77
CA SER A 302 6.89 19.44 31.33
C SER A 302 6.59 20.60 32.26
N ALA A 303 5.78 21.54 31.78
CA ALA A 303 5.34 22.71 32.54
C ALA A 303 4.53 22.24 33.77
N ALA A 304 3.69 21.23 33.62
CA ALA A 304 2.85 20.90 34.74
C ALA A 304 3.67 20.19 35.83
N GLN A 305 4.74 19.46 35.46
CA GLN A 305 5.62 18.87 36.48
C GLN A 305 6.32 19.95 37.30
N ALA A 306 6.89 20.97 36.64
CA ALA A 306 7.58 22.11 37.29
C ALA A 306 6.63 22.89 38.25
N LYS A 307 5.46 23.27 37.74
CA LYS A 307 4.46 23.92 38.55
C LYS A 307 4.15 23.16 39.87
N ALA A 308 4.29 21.83 39.85
CA ALA A 308 3.82 20.98 40.94
C ALA A 308 4.94 20.66 41.87
N GLY A 309 6.08 21.31 41.68
CA GLY A 309 7.33 21.00 42.38
C GLY A 309 7.97 19.64 42.14
N LEU A 310 7.72 19.05 40.97
CA LEU A 310 8.41 17.79 40.58
C LEU A 310 9.60 18.05 39.69
N PRO A 311 10.64 17.18 39.76
CA PRO A 311 11.69 17.27 38.69
C PRO A 311 11.04 17.08 37.32
N VAL A 312 11.44 17.86 36.34
CA VAL A 312 10.89 17.83 34.98
C VAL A 312 11.47 16.63 34.23
N THR A 313 10.65 15.63 33.93
CA THR A 313 11.15 14.37 33.36
C THR A 313 10.46 14.07 32.03
N ALA A 314 9.37 14.79 31.76
CA ALA A 314 8.58 14.52 30.60
C ALA A 314 9.33 14.72 29.25
N ASP A 315 10.33 15.60 29.24
CA ASP A 315 11.00 15.97 27.99
C ASP A 315 12.34 15.26 27.89
N ARG A 316 12.52 14.19 28.63
CA ARG A 316 13.82 13.56 28.76
C ARG A 316 13.96 12.23 27.99
N ASN A 317 15.12 12.00 27.36
CA ASN A 317 15.40 10.74 26.67
C ASN A 317 14.27 10.29 25.73
N TRP A 318 13.96 11.11 24.74
CA TRP A 318 13.04 10.68 23.70
C TRP A 318 13.79 9.95 22.59
N VAL A 319 13.49 8.68 22.38
CA VAL A 319 14.01 7.95 21.21
C VAL A 319 12.84 7.84 20.21
N ILE A 320 12.90 8.61 19.10
CA ILE A 320 11.81 8.71 18.08
C ILE A 320 12.14 8.02 16.75
N VAL A 321 11.33 7.04 16.37
CA VAL A 321 11.62 6.28 15.16
C VAL A 321 10.38 6.16 14.34
N THR A 322 10.51 6.10 13.00
CA THR A 322 9.37 5.73 12.10
C THR A 322 9.21 4.20 11.90
N PRO A 323 8.00 3.72 11.55
CA PRO A 323 7.84 2.32 11.18
C PRO A 323 8.95 1.85 10.23
N GLU A 324 9.13 2.56 9.10
CA GLU A 324 10.19 2.24 8.11
C GLU A 324 11.55 1.99 8.73
N GLN A 325 11.90 2.76 9.74
CA GLN A 325 13.26 2.78 10.25
C GLN A 325 13.61 1.57 11.13
N ILE A 326 12.59 0.82 11.55
CA ILE A 326 12.76 -0.29 12.45
C ILE A 326 12.14 -1.54 11.84
N GLN A 327 11.60 -1.39 10.63
CA GLN A 327 10.92 -2.50 9.94
C GLN A 327 11.88 -3.70 9.76
N THR B 1 -17.88 26.03 60.23
CA THR B 1 -18.17 24.54 60.38
C THR B 1 -17.07 23.87 61.18
N GLU B 2 -17.46 23.19 62.25
CA GLU B 2 -16.49 22.67 63.24
C GLU B 2 -16.46 21.16 63.22
N LEU B 3 -15.28 20.60 63.43
CA LEU B 3 -15.10 19.15 63.42
C LEU B 3 -15.56 18.60 64.77
N GLU B 4 -16.83 18.83 65.06
CA GLU B 4 -17.39 18.46 66.34
C GLU B 4 -17.59 16.97 66.61
N HIS B 5 -17.83 16.16 65.58
CA HIS B 5 -18.10 14.75 65.79
C HIS B 5 -16.91 13.92 65.43
N TRP B 6 -15.83 14.10 66.16
CA TRP B 6 -14.50 13.58 65.82
C TRP B 6 -13.74 13.38 67.13
N PRO B 7 -12.99 12.26 67.31
CA PRO B 7 -12.10 12.27 68.49
C PRO B 7 -11.21 13.52 68.48
N ALA B 8 -11.00 14.10 69.65
CA ALA B 8 -10.28 15.36 69.74
C ALA B 8 -8.86 15.33 69.09
N PRO B 9 -8.09 14.23 69.27
CA PRO B 9 -6.77 14.29 68.59
C PRO B 9 -6.89 14.10 67.04
N ALA B 10 -7.94 13.44 66.56
CA ALA B 10 -8.19 13.47 65.08
C ALA B 10 -8.65 14.85 64.62
N ALA B 11 -9.53 15.49 65.38
CA ALA B 11 -9.99 16.82 65.01
C ALA B 11 -8.79 17.74 64.97
N ARG B 12 -7.81 17.46 65.82
CA ARG B 12 -6.53 18.23 65.85
C ARG B 12 -5.70 18.17 64.55
N GLN B 13 -5.26 16.95 64.21
CA GLN B 13 -4.54 16.70 62.95
C GLN B 13 -5.29 17.24 61.74
N LEU B 14 -6.60 17.00 61.67
CA LEU B 14 -7.38 17.44 60.52
C LEU B 14 -7.50 18.97 60.40
N ASN B 15 -7.63 19.66 61.53
CA ASN B 15 -7.66 21.13 61.52
C ASN B 15 -6.32 21.68 61.07
N ALA B 16 -5.24 21.05 61.51
CA ALA B 16 -3.87 21.47 61.11
C ALA B 16 -3.69 21.31 59.61
N LEU B 17 -4.13 20.17 59.08
CA LEU B 17 -4.07 19.91 57.65
C LEU B 17 -4.82 20.98 56.87
N ILE B 18 -5.93 21.44 57.42
CA ILE B 18 -6.78 22.38 56.69
C ILE B 18 -6.22 23.80 56.73
N GLU B 19 -5.63 24.18 57.86
CA GLU B 19 -4.96 25.46 57.94
C GLU B 19 -3.79 25.48 56.97
N ALA B 20 -3.00 24.41 56.99
CA ALA B 20 -1.83 24.33 56.13
C ALA B 20 -2.20 24.39 54.62
N ASN B 21 -3.43 24.01 54.24
CA ASN B 21 -3.76 23.86 52.78
C ASN B 21 -4.98 24.63 52.26
N ALA B 22 -5.46 25.58 53.05
CA ALA B 22 -6.59 26.40 52.67
C ALA B 22 -6.24 27.23 51.47
N ASN B 23 -7.16 27.33 50.53
CA ASN B 23 -7.08 28.33 49.46
C ASN B 23 -5.80 28.35 48.63
N LYS B 24 -5.35 27.15 48.23
CA LYS B 24 -4.10 26.86 47.50
C LYS B 24 -4.35 25.91 46.33
N GLY B 25 -5.61 25.74 45.92
CA GLY B 25 -6.02 24.73 44.92
C GLY B 25 -5.69 23.30 45.35
N ALA B 26 -5.74 22.99 46.65
CA ALA B 26 -5.56 21.59 47.08
C ALA B 26 -6.88 20.79 46.93
N TYR B 27 -6.82 19.47 46.97
CA TYR B 27 -8.04 18.70 46.82
C TYR B 27 -7.95 17.49 47.66
N ALA B 28 -9.12 16.93 47.96
CA ALA B 28 -9.18 15.79 48.85
C ALA B 28 -10.03 14.69 48.20
N VAL B 29 -9.77 13.42 48.48
CA VAL B 29 -10.57 12.36 47.89
C VAL B 29 -11.17 11.43 48.94
N PHE B 30 -12.46 11.13 48.84
CA PHE B 30 -13.14 10.19 49.76
C PHE B 30 -13.75 8.97 49.09
N ASP B 31 -13.47 7.77 49.60
CA ASP B 31 -14.38 6.66 49.34
C ASP B 31 -15.79 7.02 49.83
N MET B 32 -16.84 6.40 49.28
CA MET B 32 -18.18 6.68 49.82
C MET B 32 -18.59 5.69 50.92
N ASP B 33 -19.00 4.49 50.47
CA ASP B 33 -19.45 3.36 51.31
C ASP B 33 -18.50 2.96 52.44
N ASN B 34 -19.02 3.05 53.65
CA ASN B 34 -18.30 2.74 54.88
C ASN B 34 -17.16 3.66 55.18
N THR B 35 -17.11 4.79 54.47
CA THR B 35 -16.10 5.81 54.74
C THR B 35 -16.76 7.11 55.02
N SER B 36 -17.62 7.58 54.10
CA SER B 36 -18.35 8.81 54.28
C SER B 36 -19.70 8.56 54.96
N TYR B 37 -20.24 7.35 54.82
CA TYR B 37 -21.41 6.94 55.61
C TYR B 37 -21.20 5.49 56.03
N ARG B 38 -21.96 5.07 57.03
CA ARG B 38 -21.80 3.71 57.50
C ARG B 38 -22.64 2.80 56.62
N TYR B 39 -22.14 1.59 56.43
CA TYR B 39 -22.79 0.58 55.63
C TYR B 39 -22.72 0.97 54.16
N ASP B 40 -23.36 0.18 53.33
CA ASP B 40 -23.07 0.16 51.94
C ASP B 40 -24.35 0.32 51.15
N LEU B 41 -24.32 1.20 50.15
CA LEU B 41 -25.50 1.58 49.36
C LEU B 41 -25.98 0.47 48.45
N GLU B 42 -25.09 -0.06 47.59
CA GLU B 42 -25.49 -1.12 46.67
C GLU B 42 -25.88 -2.39 47.40
N GLU B 43 -25.18 -2.70 48.49
CA GLU B 43 -25.41 -3.96 49.15
C GLU B 43 -26.71 -3.94 49.91
N SER B 44 -27.25 -2.76 50.21
CA SER B 44 -28.56 -2.73 50.83
C SER B 44 -29.68 -2.47 49.82
N LEU B 45 -29.40 -1.66 48.79
CA LEU B 45 -30.36 -1.39 47.69
C LEU B 45 -30.73 -2.63 46.89
N LEU B 46 -29.77 -3.52 46.64
CA LEU B 46 -30.08 -4.75 45.93
C LEU B 46 -31.19 -5.56 46.67
N PRO B 47 -30.92 -6.04 47.90
CA PRO B 47 -31.91 -6.84 48.56
C PRO B 47 -33.18 -6.01 48.84
N TYR B 48 -33.03 -4.71 49.07
CA TYR B 48 -34.22 -3.84 49.32
C TYR B 48 -35.17 -3.79 48.12
N LEU B 49 -34.64 -3.85 46.89
CA LEU B 49 -35.48 -3.82 45.70
C LEU B 49 -35.99 -5.22 45.33
N GLU B 50 -35.21 -6.23 45.64
CA GLU B 50 -35.65 -7.62 45.54
C GLU B 50 -36.88 -7.79 46.43
N MET B 51 -36.78 -7.34 47.68
CA MET B 51 -37.89 -7.48 48.59
C MET B 51 -39.18 -6.71 48.18
N LYS B 52 -39.04 -5.54 47.52
CA LYS B 52 -40.19 -4.79 46.98
C LYS B 52 -40.76 -5.46 45.76
N GLY B 53 -40.01 -6.43 45.21
CA GLY B 53 -40.43 -7.06 43.97
C GLY B 53 -40.09 -6.24 42.75
N VAL B 54 -39.24 -5.24 42.95
CA VAL B 54 -38.84 -4.31 41.90
C VAL B 54 -37.74 -4.89 41.06
N LEU B 55 -36.89 -5.69 41.69
CA LEU B 55 -35.84 -6.35 40.98
C LEU B 55 -36.00 -7.86 41.21
N THR B 56 -35.92 -8.61 40.13
CA THR B 56 -36.34 -10.00 40.12
C THR B 56 -35.45 -10.65 39.12
N ARG B 57 -35.25 -11.95 39.25
CA ARG B 57 -34.27 -12.62 38.44
C ARG B 57 -34.54 -12.58 36.95
N ASP B 58 -35.78 -12.33 36.56
CA ASP B 58 -36.08 -12.47 35.16
C ASP B 58 -36.02 -11.10 34.44
N ARG B 59 -36.01 -10.02 35.23
CA ARG B 59 -35.74 -8.66 34.73
C ARG B 59 -34.23 -8.42 34.50
N LEU B 60 -33.42 -9.36 34.99
CA LEU B 60 -31.97 -9.24 34.98
C LEU B 60 -31.41 -9.27 33.55
N ASP B 61 -30.62 -8.27 33.18
CA ASP B 61 -30.00 -8.27 31.87
C ASP B 61 -29.28 -9.58 31.58
N PRO B 62 -29.53 -10.20 30.42
CA PRO B 62 -28.83 -11.47 30.14
C PRO B 62 -27.29 -11.39 30.08
N SER B 63 -26.70 -10.21 29.99
CA SER B 63 -25.22 -10.18 29.97
C SER B 63 -24.62 -10.47 31.38
N LEU B 64 -25.47 -10.35 32.41
CA LEU B 64 -25.14 -10.52 33.83
C LEU B 64 -25.36 -11.94 34.40
N LYS B 65 -25.87 -12.83 33.53
CA LYS B 65 -26.14 -14.20 33.94
C LYS B 65 -24.87 -14.98 33.64
N LEU B 66 -23.93 -14.92 34.57
CA LEU B 66 -22.58 -15.38 34.24
C LEU B 66 -22.42 -16.87 34.55
N ILE B 67 -23.16 -17.33 35.54
CA ILE B 67 -23.10 -18.68 36.05
C ILE B 67 -24.52 -19.06 36.34
N PRO B 68 -24.82 -20.39 36.37
CA PRO B 68 -26.17 -20.89 36.70
C PRO B 68 -26.64 -20.51 38.11
N PHE B 69 -27.91 -20.15 38.29
CA PHE B 69 -28.43 -19.99 39.64
C PHE B 69 -28.41 -21.31 40.45
N LYS B 70 -28.42 -21.22 41.77
CA LYS B 70 -28.45 -22.42 42.60
C LYS B 70 -29.79 -22.55 43.29
N ASP B 71 -30.68 -23.31 42.66
CA ASP B 71 -32.06 -23.46 43.13
C ASP B 71 -32.35 -24.78 43.84
N GLN B 72 -31.30 -25.39 44.39
CA GLN B 72 -31.40 -26.62 45.20
C GLN B 72 -32.48 -26.55 46.31
N ALA B 73 -33.38 -27.54 46.31
CA ALA B 73 -34.37 -27.70 47.37
C ALA B 73 -35.62 -26.78 47.26
N GLY B 74 -36.08 -26.53 46.03
CA GLY B 74 -37.29 -25.74 45.75
C GLY B 74 -37.22 -24.34 46.33
N HIS B 75 -36.00 -23.88 46.56
CA HIS B 75 -35.74 -22.48 46.93
C HIS B 75 -35.09 -21.78 45.75
N LYS B 76 -35.70 -20.69 45.31
CA LYS B 76 -35.19 -19.90 44.19
C LYS B 76 -34.12 -18.92 44.71
N GLU B 77 -32.87 -19.10 44.29
CA GLU B 77 -31.77 -18.23 44.73
C GLU B 77 -32.10 -16.75 44.52
N SER B 78 -31.91 -15.91 45.54
CA SER B 78 -32.04 -14.48 45.37
C SER B 78 -30.82 -13.87 44.63
N LEU B 79 -30.99 -12.63 44.15
CA LEU B 79 -29.90 -11.93 43.44
C LEU B 79 -28.80 -11.59 44.43
N PHE B 80 -29.21 -11.26 45.65
CA PHE B 80 -28.21 -11.08 46.72
C PHE B 80 -27.32 -12.36 46.84
N SER B 81 -27.97 -13.51 46.92
CA SER B 81 -27.21 -14.72 47.18
C SER B 81 -26.24 -14.93 46.04
N TYR B 82 -26.70 -14.62 44.83
CA TYR B 82 -25.92 -14.86 43.61
C TYR B 82 -24.65 -13.96 43.59
N TYR B 83 -24.84 -12.71 44.05
CA TYR B 83 -23.79 -11.72 44.17
C TYR B 83 -22.64 -12.31 44.99
N TYR B 84 -22.98 -12.92 46.13
CA TYR B 84 -22.00 -13.58 47.02
C TYR B 84 -21.30 -14.69 46.34
N ARG B 85 -22.06 -15.50 45.61
CA ARG B 85 -21.40 -16.55 44.86
C ARG B 85 -20.44 -16.01 43.77
N LEU B 86 -20.76 -14.85 43.18
CA LEU B 86 -19.83 -14.23 42.22
C LEU B 86 -18.62 -13.69 42.96
N CYS B 87 -18.86 -13.09 44.11
CA CYS B 87 -17.75 -12.60 44.92
C CYS B 87 -16.76 -13.71 45.28
N GLU B 88 -17.25 -14.94 45.35
CA GLU B 88 -16.39 -16.09 45.59
C GLU B 88 -15.52 -16.40 44.38
N ILE B 89 -16.03 -16.19 43.16
CA ILE B 89 -15.18 -16.31 41.97
C ILE B 89 -14.06 -15.27 42.03
N ASP B 90 -14.43 -14.01 42.27
CA ASP B 90 -13.42 -12.91 42.35
C ASP B 90 -14.04 -11.55 42.53
N ASP B 91 -13.31 -10.69 43.21
CA ASP B 91 -13.70 -9.29 43.35
C ASP B 91 -13.94 -8.62 42.02
N MET B 92 -13.09 -8.93 41.05
CA MET B 92 -13.17 -8.37 39.72
C MET B 92 -14.40 -8.82 38.95
N VAL B 93 -15.07 -9.88 39.40
CA VAL B 93 -16.32 -10.26 38.76
C VAL B 93 -17.42 -9.55 39.49
N CYS B 94 -17.32 -9.58 40.81
CA CYS B 94 -18.46 -9.14 41.56
C CYS B 94 -18.55 -7.62 41.75
N TYR B 95 -17.41 -6.92 41.71
CA TYR B 95 -17.43 -5.45 41.81
C TYR B 95 -18.24 -4.77 40.66
N PRO B 96 -17.96 -5.09 39.37
CA PRO B 96 -18.81 -4.55 38.29
C PRO B 96 -20.26 -4.98 38.40
N TRP B 97 -20.47 -6.29 38.54
CA TRP B 97 -21.84 -6.86 38.57
C TRP B 97 -22.77 -6.16 39.50
N VAL B 98 -22.31 -5.77 40.70
CA VAL B 98 -23.23 -5.23 41.70
C VAL B 98 -23.51 -3.73 41.47
N ALA B 99 -22.81 -3.16 40.48
CA ALA B 99 -23.19 -1.85 39.89
C ALA B 99 -24.09 -2.11 38.70
N GLN B 100 -23.79 -3.12 37.88
CA GLN B 100 -24.57 -3.40 36.65
C GLN B 100 -26.01 -3.91 36.91
N VAL B 101 -26.19 -4.59 38.05
CA VAL B 101 -27.46 -5.22 38.39
C VAL B 101 -28.62 -4.22 38.40
N PHE B 102 -28.31 -2.94 38.52
CA PHE B 102 -29.36 -1.96 38.54
C PHE B 102 -29.78 -1.49 37.13
N SER B 103 -29.22 -2.11 36.10
CA SER B 103 -29.63 -1.91 34.72
C SER B 103 -31.16 -1.97 34.54
N GLY B 104 -31.70 -1.28 33.53
CA GLY B 104 -33.12 -1.35 33.22
C GLY B 104 -33.95 -0.28 33.88
N PHE B 105 -33.38 0.41 34.88
CA PHE B 105 -34.11 1.50 35.52
C PHE B 105 -33.67 2.86 34.96
N THR B 106 -34.58 3.84 35.00
CA THR B 106 -34.19 5.22 34.69
C THR B 106 -33.50 5.80 35.94
N LEU B 107 -32.68 6.83 35.76
CA LEU B 107 -32.09 7.47 36.93
C LEU B 107 -33.20 7.99 37.88
N ARG B 108 -34.27 8.57 37.33
CA ARG B 108 -35.35 9.16 38.15
C ARG B 108 -35.96 8.14 39.13
N GLU B 109 -36.27 6.95 38.59
CA GLU B 109 -36.72 5.78 39.36
C GLU B 109 -35.71 5.38 40.42
N LEU B 110 -34.47 5.07 40.01
CA LEU B 110 -33.39 4.79 40.96
C LEU B 110 -33.25 5.83 42.06
N LYS B 111 -33.35 7.11 41.74
CA LYS B 111 -33.31 8.17 42.76
C LYS B 111 -34.43 8.05 43.77
N GLY B 112 -35.62 7.68 43.31
CA GLY B 112 -36.76 7.50 44.23
C GLY B 112 -36.53 6.36 45.22
N TYR B 113 -35.98 5.24 44.73
CA TYR B 113 -35.62 4.10 45.58
C TYR B 113 -34.48 4.44 46.50
N VAL B 114 -33.42 5.09 45.98
CA VAL B 114 -32.30 5.52 46.85
C VAL B 114 -32.82 6.33 48.06
N ASP B 115 -33.70 7.28 47.79
CA ASP B 115 -34.29 8.09 48.87
C ASP B 115 -35.11 7.27 49.86
N GLU B 116 -35.81 6.28 49.34
CA GLU B 116 -36.56 5.34 50.19
C GLU B 116 -35.64 4.47 51.04
N LEU B 117 -34.55 3.99 50.46
CA LEU B 117 -33.59 3.24 51.26
C LEU B 117 -32.97 4.16 52.33
N MET B 118 -32.73 5.43 52.01
CA MET B 118 -32.02 6.29 52.97
C MET B 118 -32.94 6.59 54.14
N ALA B 119 -34.25 6.63 53.86
CA ALA B 119 -35.24 7.05 54.87
C ALA B 119 -35.81 5.85 55.63
N TYR B 120 -35.33 4.66 55.28
CA TYR B 120 -35.95 3.40 55.70
C TYR B 120 -35.89 3.15 57.20
N GLY B 121 -34.70 3.14 57.81
CA GLY B 121 -34.52 3.19 59.29
C GLY B 121 -34.60 1.85 60.01
N LYS B 122 -34.28 0.78 59.29
CA LYS B 122 -34.61 -0.55 59.77
C LYS B 122 -33.88 -1.53 58.86
N PRO B 123 -33.35 -2.66 59.41
CA PRO B 123 -32.57 -3.62 58.61
C PRO B 123 -33.41 -4.29 57.53
N ILE B 124 -32.76 -4.89 56.54
CA ILE B 124 -33.43 -5.51 55.39
C ILE B 124 -33.00 -6.96 55.29
N PRO B 125 -33.97 -7.89 55.30
CA PRO B 125 -33.58 -9.28 55.31
C PRO B 125 -33.11 -9.73 53.95
N ALA B 126 -32.04 -10.50 53.91
CA ALA B 126 -31.66 -11.13 52.67
C ALA B 126 -31.29 -12.59 52.95
N THR B 127 -31.04 -13.35 51.89
CA THR B 127 -30.61 -14.75 52.00
C THR B 127 -29.43 -15.01 51.10
N TYR B 128 -28.67 -16.05 51.43
CA TYR B 128 -27.39 -16.34 50.78
C TYR B 128 -26.90 -17.69 51.22
N TYR B 129 -25.99 -18.29 50.46
CA TYR B 129 -25.47 -19.59 50.81
C TYR B 129 -24.18 -19.50 51.61
N ASP B 130 -24.22 -20.01 52.84
CA ASP B 130 -23.00 -20.35 53.61
C ASP B 130 -22.65 -21.83 53.38
N GLY B 131 -21.80 -22.06 52.38
CA GLY B 131 -21.58 -23.39 51.81
C GLY B 131 -22.85 -23.84 51.08
N ASP B 132 -23.45 -24.92 51.57
CA ASP B 132 -24.70 -25.36 50.98
C ASP B 132 -25.92 -25.02 51.83
N LYS B 133 -25.72 -24.37 52.98
CA LYS B 133 -26.85 -24.01 53.85
C LYS B 133 -27.41 -22.63 53.51
N LEU B 134 -28.66 -22.60 53.08
CA LEU B 134 -29.44 -21.38 53.08
C LEU B 134 -29.42 -20.62 54.44
N ALA B 135 -29.02 -19.36 54.38
CA ALA B 135 -28.83 -18.60 55.60
C ALA B 135 -29.51 -17.23 55.55
N THR B 136 -29.41 -16.54 56.67
CA THR B 136 -30.15 -15.35 56.95
C THR B 136 -29.11 -14.33 57.33
N LEU B 137 -29.30 -13.09 56.90
CA LEU B 137 -28.64 -11.98 57.57
C LEU B 137 -29.40 -10.71 57.27
N ASP B 138 -29.28 -9.74 58.18
CA ASP B 138 -29.95 -8.47 58.01
C ASP B 138 -28.94 -7.45 57.50
N VAL B 139 -29.32 -6.70 56.47
CA VAL B 139 -28.43 -5.69 55.89
C VAL B 139 -28.90 -4.30 56.23
N GLU B 140 -28.04 -3.53 56.90
CA GLU B 140 -28.35 -2.15 57.24
C GLU B 140 -28.29 -1.20 56.04
N PRO B 141 -29.26 -0.29 55.95
CA PRO B 141 -29.19 0.85 55.02
C PRO B 141 -28.08 1.84 55.40
N PRO B 142 -27.58 2.66 54.45
CA PRO B 142 -26.51 3.62 54.79
C PRO B 142 -26.84 4.53 55.95
N ARG B 143 -25.86 4.83 56.78
CA ARG B 143 -26.11 5.79 57.82
C ARG B 143 -25.04 6.90 57.78
N VAL B 144 -25.46 8.10 57.36
CA VAL B 144 -24.57 9.26 57.20
C VAL B 144 -23.70 9.50 58.44
N PHE B 145 -22.38 9.51 58.26
CA PHE B 145 -21.49 9.91 59.36
C PHE B 145 -21.59 11.41 59.59
N SER B 146 -21.87 11.84 60.81
CA SER B 146 -21.92 13.27 61.08
C SER B 146 -20.57 13.95 60.91
N GLY B 147 -19.51 13.28 61.33
CA GLY B 147 -18.18 13.84 61.27
C GLY B 147 -17.73 14.03 59.83
N GLN B 148 -18.08 13.08 58.94
CA GLN B 148 -17.76 13.23 57.54
C GLN B 148 -18.53 14.37 56.94
N ARG B 149 -19.79 14.51 57.30
CA ARG B 149 -20.55 15.67 56.90
C ARG B 149 -19.81 16.91 57.25
N GLU B 150 -19.29 16.94 58.46
CA GLU B 150 -18.58 18.12 58.92
C GLU B 150 -17.29 18.38 58.12
N LEU B 151 -16.49 17.32 57.91
CA LEU B 151 -15.23 17.44 57.22
C LEU B 151 -15.45 17.81 55.72
N TYR B 152 -16.51 17.31 55.07
CA TYR B 152 -16.67 17.60 53.64
C TYR B 152 -16.83 19.11 53.50
N ASN B 153 -17.74 19.67 54.29
CA ASN B 153 -18.08 21.07 54.20
C ASN B 153 -16.97 21.98 54.70
N LYS B 154 -16.22 21.54 55.71
CA LYS B 154 -15.17 22.37 56.19
C LYS B 154 -14.00 22.42 55.17
N LEU B 155 -13.81 21.33 54.43
CA LEU B 155 -12.81 21.36 53.35
C LEU B 155 -13.25 22.33 52.28
N MET B 156 -14.49 22.21 51.81
CA MET B 156 -15.00 23.15 50.77
C MET B 156 -14.98 24.59 51.24
N GLU B 157 -15.17 24.82 52.54
CA GLU B 157 -15.24 26.19 53.04
C GLU B 157 -13.89 26.84 53.08
N ASN B 158 -12.87 25.99 53.19
CA ASN B 158 -11.51 26.43 53.14
C ASN B 158 -10.87 26.29 51.73
N GLY B 159 -11.67 26.33 50.66
CA GLY B 159 -11.12 26.24 49.28
C GLY B 159 -10.25 25.01 49.00
N ILE B 160 -10.59 23.86 49.60
CA ILE B 160 -10.06 22.53 49.31
C ILE B 160 -11.14 21.69 48.63
N GLU B 161 -10.98 21.46 47.33
CA GLU B 161 -12.02 20.78 46.61
C GLU B 161 -12.10 19.29 47.00
N VAL B 162 -13.33 18.81 46.96
CA VAL B 162 -13.64 17.52 47.54
C VAL B 162 -14.18 16.64 46.43
N TYR B 163 -13.65 15.44 46.32
CA TYR B 163 -14.08 14.47 45.32
C TYR B 163 -14.42 13.19 45.97
N VAL B 164 -15.21 12.38 45.28
CA VAL B 164 -15.60 11.08 45.77
C VAL B 164 -15.13 10.10 44.72
N ILE B 165 -14.33 9.13 45.12
CA ILE B 165 -13.95 8.06 44.23
C ILE B 165 -14.39 6.76 44.87
N SER B 166 -15.50 6.24 44.34
CA SER B 166 -16.18 5.13 44.95
C SER B 166 -16.26 4.00 43.98
N ALA B 167 -16.17 2.78 44.48
CA ALA B 167 -16.34 1.54 43.66
C ALA B 167 -17.79 1.18 43.32
N ALA B 168 -18.76 2.03 43.67
CA ALA B 168 -20.14 1.75 43.40
C ALA B 168 -20.62 2.66 42.26
N HIS B 169 -21.73 2.33 41.61
CA HIS B 169 -22.27 3.15 40.49
C HIS B 169 -22.27 4.61 40.75
N GLU B 170 -21.63 5.35 39.84
CA GLU B 170 -21.44 6.82 39.97
C GLU B 170 -22.74 7.52 40.20
N GLU B 171 -23.77 7.09 39.48
CA GLU B 171 -25.04 7.80 39.57
C GLU B 171 -25.75 7.50 40.89
N LEU B 172 -25.52 6.32 41.48
CA LEU B 172 -26.16 5.98 42.78
C LEU B 172 -25.44 6.76 43.85
N VAL B 173 -24.12 6.74 43.84
CA VAL B 173 -23.36 7.56 44.78
C VAL B 173 -23.77 9.02 44.69
N ARG B 174 -23.91 9.56 43.46
CA ARG B 174 -24.18 11.00 43.27
C ARG B 174 -25.53 11.36 43.87
N MET B 175 -26.45 10.40 43.92
CA MET B 175 -27.78 10.68 44.45
C MET B 175 -27.72 10.87 45.95
N VAL B 176 -26.67 10.36 46.59
CA VAL B 176 -26.47 10.62 48.01
C VAL B 176 -25.57 11.84 48.20
N ALA B 177 -24.36 11.77 47.59
CA ALA B 177 -23.27 12.72 47.86
C ALA B 177 -23.59 14.13 47.42
N ALA B 178 -24.29 14.27 46.30
CA ALA B 178 -24.59 15.61 45.71
C ALA B 178 -25.95 16.19 46.05
N ASP B 179 -26.81 15.47 46.77
CA ASP B 179 -28.15 15.96 47.16
C ASP B 179 -28.06 16.70 48.52
N PRO B 180 -28.42 18.00 48.55
CA PRO B 180 -28.29 18.78 49.78
C PRO B 180 -28.88 18.14 51.02
N ARG B 181 -29.95 17.34 50.88
CA ARG B 181 -30.67 16.81 52.06
C ARG B 181 -29.78 15.89 52.91
N TYR B 182 -28.75 15.30 52.31
CA TYR B 182 -27.87 14.44 53.11
C TYR B 182 -26.69 15.17 53.81
N GLY B 183 -26.52 16.47 53.52
CA GLY B 183 -25.48 17.27 54.23
C GLY B 183 -24.01 17.22 53.74
N TYR B 184 -23.72 16.44 52.68
CA TYR B 184 -22.38 16.45 52.05
C TYR B 184 -22.19 17.67 51.17
N ASN B 185 -23.15 18.00 50.30
CA ASN B 185 -23.03 19.17 49.42
C ASN B 185 -21.85 19.00 48.40
N ALA B 186 -21.47 17.76 48.08
CA ALA B 186 -20.51 17.54 47.00
C ALA B 186 -21.03 18.20 45.69
N LYS B 187 -20.14 18.71 44.86
CA LYS B 187 -20.60 19.08 43.52
C LYS B 187 -20.82 17.79 42.76
N PRO B 188 -21.90 17.71 41.95
CA PRO B 188 -22.21 16.45 41.22
C PRO B 188 -21.11 16.01 40.25
N GLU B 189 -20.44 16.97 39.62
CA GLU B 189 -19.33 16.67 38.70
C GLU B 189 -18.08 16.13 39.44
N ASN B 190 -17.95 16.42 40.74
CA ASN B 190 -16.85 15.85 41.51
C ASN B 190 -17.11 14.44 42.12
N VAL B 191 -18.18 13.79 41.70
CA VAL B 191 -18.45 12.44 42.16
C VAL B 191 -18.02 11.51 41.09
N ILE B 192 -17.05 10.67 41.42
CA ILE B 192 -16.50 9.73 40.47
C ILE B 192 -16.77 8.30 40.98
N GLY B 193 -17.50 7.50 40.19
CA GLY B 193 -17.83 6.13 40.54
C GLY B 193 -17.79 5.22 39.36
N VAL B 194 -18.28 4.00 39.52
CA VAL B 194 -18.36 3.08 38.41
C VAL B 194 -19.40 3.63 37.41
N THR B 195 -19.03 3.68 36.12
CA THR B 195 -19.91 4.26 35.11
C THR B 195 -20.38 3.17 34.12
N THR B 196 -21.67 3.21 33.76
CA THR B 196 -22.08 2.40 32.61
C THR B 196 -22.82 3.33 31.65
N LEU B 197 -22.99 2.88 30.42
CA LEU B 197 -23.61 3.71 29.38
C LEU B 197 -25.04 3.96 29.79
N LEU B 198 -25.48 5.20 29.57
CA LEU B 198 -26.82 5.65 29.84
C LEU B 198 -27.55 5.76 28.50
N LYS B 199 -28.77 5.22 28.39
CA LYS B 199 -29.39 5.20 27.07
C LYS B 199 -30.65 5.99 26.97
N ASN B 200 -30.76 6.74 25.87
CA ASN B 200 -31.99 7.42 25.55
C ASN B 200 -33.00 6.47 24.93
N ARG B 201 -34.13 6.33 25.60
CA ARG B 201 -35.15 5.41 25.09
C ARG B 201 -35.79 5.82 23.74
N LYS B 202 -36.00 7.11 23.50
CA LYS B 202 -36.56 7.52 22.22
C LYS B 202 -35.54 7.53 21.10
N THR B 203 -34.40 8.17 21.32
CA THR B 203 -33.38 8.38 20.29
C THR B 203 -32.34 7.25 20.21
N GLY B 204 -32.29 6.39 21.23
CA GLY B 204 -31.16 5.45 21.41
C GLY B 204 -29.75 6.05 21.46
N GLU B 205 -29.60 7.36 21.70
CA GLU B 205 -28.30 7.97 22.02
C GLU B 205 -27.69 7.38 23.31
N LEU B 206 -26.39 7.07 23.27
CA LEU B 206 -25.66 6.58 24.46
C LEU B 206 -24.74 7.64 24.99
N THR B 207 -24.83 7.90 26.28
CA THR B 207 -23.92 8.89 26.88
C THR B 207 -23.53 8.47 28.28
N THR B 208 -22.64 9.26 28.91
CA THR B 208 -22.38 9.15 30.34
C THR B 208 -22.05 10.52 30.92
N ALA B 209 -22.27 10.66 32.24
CA ALA B 209 -21.90 11.89 32.88
C ALA B 209 -20.39 12.24 32.62
N ARG B 210 -19.52 11.26 32.76
CA ARG B 210 -18.07 11.49 32.54
C ARG B 210 -17.81 12.13 31.19
N LYS B 211 -18.51 11.64 30.18
CA LYS B 211 -18.42 12.16 28.83
C LYS B 211 -18.89 13.60 28.75
N GLN B 212 -20.05 13.87 29.35
CA GLN B 212 -20.62 15.18 29.30
C GLN B 212 -19.74 16.17 30.07
N ILE B 213 -19.17 15.75 31.21
CA ILE B 213 -18.31 16.61 32.03
C ILE B 213 -17.05 16.98 31.28
N ALA B 214 -16.33 15.99 30.74
CA ALA B 214 -15.12 16.29 29.94
C ALA B 214 -15.42 17.22 28.77
N GLU B 215 -16.63 17.14 28.20
CA GLU B 215 -17.00 17.98 27.08
C GLU B 215 -17.49 19.35 27.54
N GLY B 216 -17.61 19.52 28.86
CA GLY B 216 -18.09 20.77 29.44
C GLY B 216 -19.57 21.08 29.21
N LYS B 217 -20.41 20.05 29.03
CA LYS B 217 -21.86 20.21 28.84
C LYS B 217 -22.62 19.30 29.82
N TYR B 218 -22.20 19.30 31.07
CA TYR B 218 -22.88 18.49 32.06
C TYR B 218 -24.05 19.18 32.75
N ASP B 219 -25.20 18.52 32.75
CA ASP B 219 -26.37 19.01 33.51
C ASP B 219 -27.09 17.77 33.96
N PRO B 220 -27.08 17.49 35.27
CA PRO B 220 -27.60 16.20 35.76
C PRO B 220 -29.12 16.00 35.51
N LYS B 221 -29.87 17.10 35.43
CA LYS B 221 -31.31 17.05 35.20
C LYS B 221 -31.71 16.34 33.88
N ALA B 222 -30.92 16.55 32.83
CA ALA B 222 -31.26 16.02 31.51
C ALA B 222 -30.96 14.52 31.39
N ASN B 223 -30.26 13.96 32.37
CA ASN B 223 -30.01 12.52 32.36
C ASN B 223 -31.09 11.77 33.12
N LEU B 224 -31.95 12.49 33.80
CA LEU B 224 -32.96 11.85 34.64
C LEU B 224 -33.75 10.70 34.00
N ASP B 225 -34.14 10.82 32.73
CA ASP B 225 -35.00 9.78 32.18
C ASP B 225 -34.28 8.83 31.28
N LEU B 226 -32.97 8.79 31.38
CA LEU B 226 -32.19 7.88 30.58
C LEU B 226 -32.13 6.57 31.34
N GLU B 227 -31.93 5.48 30.63
CA GLU B 227 -31.90 4.18 31.26
C GLU B 227 -30.46 3.80 31.53
N VAL B 228 -30.20 3.21 32.69
CA VAL B 228 -28.92 2.61 33.01
C VAL B 228 -28.79 1.30 32.27
N THR B 229 -27.73 1.16 31.47
CA THR B 229 -27.47 -0.06 30.73
C THR B 229 -26.28 -0.71 31.44
N PRO B 230 -26.00 -1.96 31.14
CA PRO B 230 -24.88 -2.46 31.91
C PRO B 230 -23.51 -2.28 31.25
N TYR B 231 -23.44 -1.68 30.07
CA TYR B 231 -22.14 -1.71 29.34
C TYR B 231 -21.15 -0.74 30.04
N LEU B 232 -19.98 -1.28 30.35
CA LEU B 232 -19.07 -0.67 31.30
C LEU B 232 -18.18 0.42 30.69
N TRP B 233 -18.11 1.56 31.36
CA TRP B 233 -17.16 2.61 30.98
C TRP B 233 -15.93 2.64 31.89
N THR B 234 -14.75 2.81 31.33
CA THR B 234 -13.54 2.85 32.13
C THR B 234 -12.87 4.23 32.23
N PRO B 235 -12.02 4.46 33.27
CA PRO B 235 -11.55 3.44 34.26
C PRO B 235 -12.55 3.07 35.35
N ALA B 236 -12.44 1.85 35.83
CA ALA B 236 -13.34 1.34 36.82
C ALA B 236 -12.73 1.69 38.14
N THR B 237 -13.51 2.38 38.92
CA THR B 237 -13.00 3.04 40.12
C THR B 237 -12.85 2.16 41.34
N TRP B 238 -12.05 1.09 41.22
CA TRP B 238 -11.65 0.27 42.39
C TRP B 238 -10.23 -0.16 42.20
N MET B 239 -9.59 -0.57 43.31
CA MET B 239 -8.17 -0.98 43.27
C MET B 239 -7.34 0.14 42.60
N ALA B 240 -6.48 -0.19 41.65
CA ALA B 240 -5.63 0.77 41.01
C ALA B 240 -6.41 1.76 40.13
N GLY B 241 -7.64 1.39 39.78
CA GLY B 241 -8.58 2.24 39.04
C GLY B 241 -8.90 3.49 39.84
N LYS B 242 -8.80 3.40 41.17
CA LYS B 242 -8.98 4.62 41.95
C LYS B 242 -7.87 5.63 41.61
N GLN B 243 -6.64 5.13 41.56
CA GLN B 243 -5.52 5.98 41.19
C GLN B 243 -5.71 6.41 39.72
N ALA B 244 -6.13 5.47 38.85
CA ALA B 244 -6.41 5.85 37.44
C ALA B 244 -7.40 7.00 37.35
N ALA B 245 -8.43 6.95 38.18
CA ALA B 245 -9.48 7.95 38.20
C ALA B 245 -8.97 9.31 38.59
N ILE B 246 -8.15 9.41 39.66
CA ILE B 246 -7.44 10.65 39.98
C ILE B 246 -6.67 11.20 38.76
N LEU B 247 -5.88 10.37 38.08
CA LEU B 247 -5.07 10.89 36.96
C LEU B 247 -5.97 11.42 35.85
N THR B 248 -7.07 10.73 35.61
CA THR B 248 -7.85 10.99 34.41
C THR B 248 -8.78 12.16 34.64
N TYR B 249 -9.41 12.20 35.82
CA TYR B 249 -10.48 13.15 36.03
C TYR B 249 -10.10 14.33 36.93
N ILE B 250 -8.99 14.23 37.66
CA ILE B 250 -8.61 15.33 38.60
C ILE B 250 -7.31 16.05 38.19
N ASP B 251 -6.19 15.38 38.36
CA ASP B 251 -4.91 15.96 38.05
C ASP B 251 -3.89 14.88 37.77
N ARG B 252 -3.13 15.09 36.68
CA ARG B 252 -1.95 14.24 36.36
C ARG B 252 -0.78 14.33 37.34
N TRP B 253 -0.59 15.48 37.99
CA TRP B 253 0.63 15.59 38.82
C TRP B 253 0.43 16.06 40.24
N LYS B 254 -0.58 16.85 40.52
CA LYS B 254 -0.82 17.33 41.92
C LYS B 254 -1.48 16.22 42.71
N ARG B 255 -0.93 15.81 43.84
CA ARG B 255 -1.59 14.77 44.59
C ARG B 255 -2.61 15.26 45.63
N PRO B 256 -3.58 14.40 46.04
CA PRO B 256 -4.57 14.87 47.02
C PRO B 256 -3.92 15.02 48.38
N ILE B 257 -4.33 16.03 49.14
CA ILE B 257 -3.70 16.22 50.47
C ILE B 257 -4.39 15.39 51.55
N LEU B 258 -5.52 14.79 51.16
CA LEU B 258 -6.19 13.85 52.03
C LEU B 258 -6.85 12.76 51.21
N VAL B 259 -6.74 11.52 51.66
CA VAL B 259 -7.41 10.39 51.05
C VAL B 259 -8.04 9.57 52.17
N ALA B 260 -9.38 9.38 52.08
CA ALA B 260 -10.22 8.62 53.05
C ALA B 260 -10.73 7.28 52.46
N GLY B 261 -10.55 6.19 53.23
CA GLY B 261 -10.93 4.84 52.81
C GLY B 261 -11.26 3.91 53.98
N ASP B 262 -11.71 2.69 53.68
CA ASP B 262 -12.08 1.70 54.71
C ASP B 262 -11.85 0.23 54.29
N THR B 263 -11.65 -0.04 53.00
CA THR B 263 -11.37 -1.38 52.45
C THR B 263 -9.93 -1.48 51.91
N PRO B 264 -9.05 -2.20 52.61
CA PRO B 264 -7.63 -2.28 52.26
C PRO B 264 -7.30 -2.52 50.76
N ASP B 265 -7.76 -3.60 50.16
CA ASP B 265 -7.37 -3.79 48.76
C ASP B 265 -7.97 -2.69 47.87
N SER B 266 -9.22 -2.37 48.08
CA SER B 266 -9.90 -1.52 47.15
C SER B 266 -9.52 -0.04 47.27
N ASP B 267 -9.38 0.47 48.50
CA ASP B 267 -8.92 1.83 48.76
C ASP B 267 -7.40 1.98 48.82
N GLY B 268 -6.65 0.90 48.71
CA GLY B 268 -5.22 0.95 49.07
C GLY B 268 -4.30 1.59 48.04
N TYR B 269 -4.73 1.65 46.79
CA TYR B 269 -3.96 2.31 45.74
C TYR B 269 -4.07 3.81 45.88
N MET B 270 -5.29 4.31 46.04
CA MET B 270 -5.37 5.77 46.19
C MET B 270 -4.70 6.21 47.51
N LEU B 271 -4.68 5.34 48.52
CA LEU B 271 -4.13 5.70 49.84
C LEU B 271 -2.61 5.76 49.81
N PHE B 272 -2.01 4.73 49.25
CA PHE B 272 -0.58 4.64 49.21
C PHE B 272 0.06 5.33 48.01
N ASN B 273 -0.48 5.17 46.80
CA ASN B 273 0.14 5.82 45.64
C ASN B 273 -0.41 7.20 45.39
N GLY B 274 -1.57 7.49 45.99
CA GLY B 274 -2.23 8.74 45.66
C GLY B 274 -1.90 9.90 46.59
N THR B 275 -2.05 9.70 47.91
CA THR B 275 -1.86 10.76 48.92
C THR B 275 -0.54 11.47 48.73
N ALA B 276 -0.57 12.79 48.70
CA ALA B 276 0.65 13.65 48.74
C ALA B 276 1.58 13.21 49.85
N GLU B 277 2.84 13.62 49.71
CA GLU B 277 3.88 13.33 50.69
C GLU B 277 3.46 13.69 52.11
N ASN B 278 2.89 14.88 52.25
CA ASN B 278 2.52 15.38 53.57
C ASN B 278 1.01 15.39 53.82
N GLY B 279 0.28 14.66 52.98
CA GLY B 279 -1.18 14.49 53.09
C GLY B 279 -1.63 13.55 54.19
N VAL B 280 -2.91 13.61 54.55
CA VAL B 280 -3.45 12.69 55.55
C VAL B 280 -4.03 11.41 54.94
N HIS B 281 -3.76 10.27 55.59
CA HIS B 281 -4.43 9.04 55.26
C HIS B 281 -5.58 8.94 56.24
N LEU B 282 -6.81 9.22 55.81
CA LEU B 282 -7.98 9.10 56.71
C LEU B 282 -8.54 7.70 56.66
N TRP B 283 -8.44 6.94 57.75
CA TRP B 283 -8.94 5.58 57.77
C TRP B 283 -10.15 5.43 58.66
N VAL B 284 -11.18 4.75 58.13
CA VAL B 284 -12.31 4.40 58.96
C VAL B 284 -12.20 2.89 59.29
N ASN B 285 -12.01 2.58 60.58
CA ASN B 285 -11.72 1.18 60.98
C ASN B 285 -13.01 0.48 61.38
N ARG B 286 -13.48 -0.41 60.54
CA ARG B 286 -14.77 -1.04 60.80
C ARG B 286 -14.69 -2.57 60.91
N LYS B 287 -13.50 -3.13 60.76
CA LYS B 287 -13.39 -4.57 60.82
C LYS B 287 -11.97 -4.89 61.25
N ALA B 288 -11.83 -5.40 62.46
CA ALA B 288 -10.51 -5.60 63.02
C ALA B 288 -9.54 -6.40 62.10
N LYS B 289 -10.04 -7.35 61.32
CA LYS B 289 -9.21 -8.03 60.31
C LYS B 289 -8.75 -7.11 59.12
N TYR B 290 -9.47 -6.00 58.92
CA TYR B 290 -9.01 -4.94 58.03
C TYR B 290 -7.96 -4.02 58.69
N MET B 291 -8.09 -3.75 59.99
CA MET B 291 -7.08 -2.97 60.74
C MET B 291 -5.71 -3.67 60.65
N GLU B 292 -5.67 -4.96 60.92
CA GLU B 292 -4.42 -5.68 60.78
C GLU B 292 -3.89 -5.77 59.32
N GLN B 293 -4.80 -5.87 58.35
CA GLN B 293 -4.38 -5.93 56.97
C GLN B 293 -3.74 -4.56 56.53
N ILE B 294 -4.28 -3.44 57.04
CA ILE B 294 -3.85 -2.11 56.61
C ILE B 294 -2.51 -1.82 57.23
N ASN B 295 -2.36 -2.26 58.48
CA ASN B 295 -1.10 -2.16 59.24
C ASN B 295 0.01 -2.94 58.62
N GLY B 296 -0.31 -4.15 58.10
CA GLY B 296 0.60 -4.95 57.28
C GLY B 296 0.99 -4.18 55.99
N MET B 297 0.00 -3.54 55.35
CA MET B 297 0.26 -2.69 54.15
C MET B 297 1.16 -1.48 54.45
N ILE B 298 0.90 -0.78 55.55
CA ILE B 298 1.75 0.34 55.94
C ILE B 298 3.22 -0.09 56.09
N LYS B 299 3.46 -1.23 56.77
CA LYS B 299 4.81 -1.80 56.99
C LYS B 299 5.49 -2.08 55.68
N GLN B 300 4.96 -3.05 54.94
CA GLN B 300 5.44 -3.44 53.62
C GLN B 300 5.65 -2.30 52.59
N HIS B 301 4.72 -1.33 52.51
CA HIS B 301 4.93 -0.21 51.59
C HIS B 301 6.02 0.72 52.04
N SER B 302 6.04 1.04 53.34
CA SER B 302 7.12 1.83 53.95
C SER B 302 8.48 1.29 53.51
N ALA B 303 8.63 -0.02 53.70
CA ALA B 303 9.86 -0.75 53.33
C ALA B 303 10.14 -0.72 51.82
N ALA B 304 9.11 -0.98 51.02
CA ALA B 304 9.26 -0.93 49.56
C ALA B 304 9.49 0.50 49.04
N GLN B 305 8.88 1.53 49.66
CA GLN B 305 9.25 2.90 49.24
C GLN B 305 10.74 3.12 49.43
N ALA B 306 11.27 2.84 50.65
CA ALA B 306 12.70 3.00 51.00
C ALA B 306 13.60 2.21 50.01
N LYS B 307 13.26 0.95 49.76
CA LYS B 307 14.12 0.10 48.92
C LYS B 307 14.22 0.60 47.50
N ALA B 308 13.25 1.43 47.08
CA ALA B 308 13.21 2.02 45.72
C ALA B 308 13.73 3.47 45.71
N GLY B 309 14.20 3.94 46.86
CA GLY B 309 14.85 5.24 46.97
C GLY B 309 13.88 6.40 47.01
N LEU B 310 12.67 6.14 47.51
CA LEU B 310 11.58 7.12 47.63
C LEU B 310 11.49 7.51 49.12
N PRO B 311 11.09 8.77 49.42
CA PRO B 311 10.76 9.10 50.82
C PRO B 311 9.71 8.14 51.34
N VAL B 312 9.87 7.73 52.60
CA VAL B 312 8.91 6.80 53.23
C VAL B 312 7.69 7.64 53.64
N THR B 313 6.60 7.57 52.86
CA THR B 313 5.41 8.37 53.21
C THR B 313 4.23 7.47 53.61
N ALA B 314 4.34 6.16 53.37
CA ALA B 314 3.23 5.27 53.60
C ALA B 314 2.78 5.23 55.04
N ASP B 315 3.64 5.62 55.98
CA ASP B 315 3.28 5.52 57.39
C ASP B 315 2.99 6.91 57.98
N ARG B 316 2.89 7.91 57.14
CA ARG B 316 2.69 9.26 57.58
C ARG B 316 1.24 9.59 57.76
N ASN B 317 0.96 10.29 58.85
CA ASN B 317 -0.28 11.02 59.02
C ASN B 317 -1.55 10.17 58.83
N TRP B 318 -1.58 9.05 59.52
CA TRP B 318 -2.80 8.29 59.67
C TRP B 318 -3.74 8.93 60.68
N VAL B 319 -5.00 9.05 60.30
CA VAL B 319 -6.05 9.44 61.20
C VAL B 319 -7.03 8.30 61.17
N ILE B 320 -7.05 7.55 62.27
CA ILE B 320 -7.80 6.35 62.36
C ILE B 320 -8.96 6.53 63.33
N VAL B 321 -10.17 6.44 62.80
CA VAL B 321 -11.38 6.42 63.58
C VAL B 321 -12.22 5.15 63.31
N THR B 322 -13.04 4.78 64.30
CA THR B 322 -14.08 3.76 64.16
C THR B 322 -15.38 4.43 63.75
N PRO B 323 -16.31 3.65 63.20
CA PRO B 323 -17.61 4.24 62.78
C PRO B 323 -18.35 5.01 63.91
N GLU B 324 -18.18 4.52 65.12
CA GLU B 324 -18.88 5.00 66.29
C GLU B 324 -18.27 6.30 66.75
N GLN B 325 -16.99 6.50 66.45
CA GLN B 325 -16.31 7.76 66.83
C GLN B 325 -16.75 9.00 65.99
N ILE B 326 -17.22 8.74 64.77
CA ILE B 326 -17.73 9.78 63.87
C ILE B 326 -19.26 9.74 63.61
N GLN B 327 -19.95 8.74 64.16
CA GLN B 327 -21.37 8.56 63.83
C GLN B 327 -22.21 9.84 64.00
N THR C 1 19.96 22.69 -61.94
CA THR C 1 19.93 21.18 -62.09
C THR C 1 18.65 20.66 -62.67
N GLU C 2 18.79 20.03 -63.82
CA GLU C 2 17.64 19.69 -64.58
C GLU C 2 17.35 18.21 -64.46
N LEU C 3 16.10 17.82 -64.67
CA LEU C 3 15.75 16.41 -64.65
C LEU C 3 16.06 15.74 -65.99
N GLU C 4 17.35 15.79 -66.37
CA GLU C 4 17.81 15.20 -67.64
C GLU C 4 17.61 13.67 -67.76
N HIS C 5 18.01 12.89 -66.76
CA HIS C 5 17.93 11.40 -66.90
C HIS C 5 16.65 10.79 -66.41
N TRP C 6 15.53 11.27 -66.94
CA TRP C 6 14.19 10.82 -66.59
C TRP C 6 13.42 10.74 -67.86
N PRO C 7 12.57 9.73 -68.04
CA PRO C 7 11.61 9.82 -69.18
C PRO C 7 10.82 11.17 -69.15
N ALA C 8 10.47 11.71 -70.33
CA ALA C 8 9.74 13.00 -70.46
C ALA C 8 8.46 13.15 -69.58
N PRO C 9 7.61 12.10 -69.52
CA PRO C 9 6.41 12.19 -68.66
C PRO C 9 6.73 12.26 -67.15
N ALA C 10 7.66 11.43 -66.71
CA ALA C 10 8.12 11.44 -65.32
C ALA C 10 8.60 12.82 -64.89
N ALA C 11 9.44 13.42 -65.73
CA ALA C 11 10.01 14.73 -65.45
C ALA C 11 8.93 15.77 -65.34
N ARG C 12 7.93 15.67 -66.18
CA ARG C 12 6.94 16.74 -66.22
C ARG C 12 6.20 16.72 -64.89
N GLN C 13 5.76 15.51 -64.51
CA GLN C 13 5.13 15.30 -63.21
C GLN C 13 5.96 15.83 -62.07
N LEU C 14 7.27 15.58 -62.10
CA LEU C 14 8.15 15.97 -61.00
C LEU C 14 8.36 17.48 -60.91
N ASN C 15 8.70 18.10 -62.04
CA ASN C 15 8.81 19.56 -62.10
C ASN C 15 7.60 20.30 -61.59
N ALA C 16 6.39 19.81 -61.89
CA ALA C 16 5.13 20.49 -61.47
C ALA C 16 5.07 20.47 -59.96
N LEU C 17 5.41 19.31 -59.40
CA LEU C 17 5.38 19.11 -57.96
C LEU C 17 6.43 20.01 -57.27
N ILE C 18 7.61 20.10 -57.87
CA ILE C 18 8.65 20.98 -57.33
C ILE C 18 8.30 22.47 -57.40
N GLU C 19 7.71 22.87 -58.50
CA GLU C 19 7.38 24.28 -58.64
C GLU C 19 6.25 24.70 -57.71
N ALA C 20 5.28 23.82 -57.47
CA ALA C 20 4.16 24.14 -56.54
C ALA C 20 4.68 24.20 -55.10
N ASN C 21 5.72 23.41 -54.82
CA ASN C 21 6.13 23.20 -53.42
C ASN C 21 7.44 23.88 -53.02
N ALA C 22 8.01 24.62 -53.96
CA ALA C 22 9.34 25.22 -53.73
C ALA C 22 9.26 26.12 -52.51
N ASN C 23 10.21 26.01 -51.59
CA ASN C 23 10.41 26.98 -50.52
C ASN C 23 9.16 27.25 -49.67
N LYS C 24 8.40 26.18 -49.42
CA LYS C 24 7.22 26.24 -48.54
C LYS C 24 7.37 25.45 -47.25
N GLY C 25 8.58 24.99 -46.93
CA GLY C 25 8.80 24.13 -45.75
C GLY C 25 8.42 22.65 -45.97
N ALA C 26 8.26 22.27 -47.23
CA ALA C 26 7.94 20.90 -47.60
C ALA C 26 9.18 20.00 -47.60
N TYR C 27 8.97 18.66 -47.68
CA TYR C 27 10.08 17.70 -47.65
C TYR C 27 9.68 16.47 -48.41
N ALA C 28 10.66 15.65 -48.82
CA ALA C 28 10.48 14.42 -49.62
C ALA C 28 11.22 13.27 -48.96
N VAL C 29 10.73 12.04 -49.14
CA VAL C 29 11.38 10.90 -48.48
C VAL C 29 11.76 9.86 -49.50
N PHE C 30 12.99 9.38 -49.45
CA PHE C 30 13.48 8.38 -50.42
C PHE C 30 13.93 7.13 -49.74
N ASP C 31 13.63 5.96 -50.30
CA ASP C 31 14.30 4.73 -49.86
C ASP C 31 15.68 4.78 -50.49
N MET C 32 16.67 4.06 -49.94
CA MET C 32 17.99 4.02 -50.59
C MET C 32 18.16 2.86 -51.60
N ASP C 33 18.31 1.64 -51.10
CA ASP C 33 18.64 0.49 -51.97
C ASP C 33 17.56 0.17 -52.97
N ASN C 34 18.04 0.03 -54.20
CA ASN C 34 17.20 -0.05 -55.38
C ASN C 34 16.22 1.10 -55.60
N THR C 35 16.46 2.25 -54.99
CA THR C 35 15.59 3.40 -55.23
C THR C 35 16.43 4.61 -55.53
N SER C 36 17.38 4.92 -54.66
CA SER C 36 18.25 6.03 -54.99
C SER C 36 19.45 5.57 -55.84
N TYR C 37 19.82 4.29 -55.70
CA TYR C 37 20.81 3.67 -56.55
C TYR C 37 20.34 2.24 -56.84
N ARG C 38 20.92 1.62 -57.86
CA ARG C 38 20.57 0.27 -58.24
C ARG C 38 21.32 -0.68 -57.34
N TYR C 39 20.62 -1.76 -56.96
CA TYR C 39 21.16 -2.83 -56.10
C TYR C 39 21.32 -2.40 -54.66
N ASP C 40 21.96 -3.27 -53.88
CA ASP C 40 21.82 -3.24 -52.44
C ASP C 40 23.16 -3.17 -51.74
N LEU C 41 23.34 -2.17 -50.88
CA LEU C 41 24.60 -1.99 -50.19
C LEU C 41 24.92 -3.18 -49.28
N GLU C 42 24.07 -3.45 -48.31
CA GLU C 42 24.30 -4.52 -47.36
C GLU C 42 24.45 -5.89 -48.02
N GLU C 43 23.68 -6.16 -49.06
CA GLU C 43 23.71 -7.50 -49.64
C GLU C 43 24.90 -7.70 -50.55
N SER C 44 25.68 -6.63 -50.77
CA SER C 44 26.87 -6.78 -51.56
C SER C 44 28.05 -6.59 -50.62
N LEU C 45 27.86 -5.82 -49.57
CA LEU C 45 28.98 -5.54 -48.68
C LEU C 45 29.30 -6.76 -47.84
N LEU C 46 28.31 -7.60 -47.62
CA LEU C 46 28.49 -8.81 -46.85
C LEU C 46 29.42 -9.77 -47.63
N PRO C 47 29.00 -10.20 -48.83
CA PRO C 47 29.84 -11.13 -49.59
C PRO C 47 31.19 -10.53 -49.98
N TYR C 48 31.19 -9.24 -50.35
CA TYR C 48 32.44 -8.53 -50.55
C TYR C 48 33.41 -8.78 -49.41
N LEU C 49 33.01 -8.46 -48.19
CA LEU C 49 33.88 -8.63 -47.03
C LEU C 49 34.12 -10.12 -46.60
N GLU C 50 33.22 -11.02 -46.98
CA GLU C 50 33.45 -12.46 -46.74
C GLU C 50 34.60 -12.89 -47.65
N MET C 51 34.45 -12.53 -48.92
CA MET C 51 35.44 -12.81 -49.92
C MET C 51 36.83 -12.34 -49.48
N LYS C 52 36.93 -11.15 -48.88
CA LYS C 52 38.21 -10.57 -48.49
C LYS C 52 38.71 -11.10 -47.16
N GLY C 53 37.92 -11.98 -46.53
CA GLY C 53 38.34 -12.60 -45.30
C GLY C 53 38.23 -11.67 -44.09
N VAL C 54 37.53 -10.57 -44.26
CA VAL C 54 37.28 -9.63 -43.17
C VAL C 54 36.08 -10.11 -42.33
N LEU C 55 35.17 -10.85 -42.95
CA LEU C 55 33.95 -11.27 -42.29
C LEU C 55 33.92 -12.79 -42.28
N THR C 56 34.06 -13.39 -41.11
CA THR C 56 34.18 -14.85 -41.04
C THR C 56 33.18 -15.33 -40.03
N ARG C 57 32.74 -16.57 -40.15
CA ARG C 57 31.75 -17.08 -39.21
C ARG C 57 32.32 -17.06 -37.77
N ASP C 58 33.62 -16.95 -37.70
CA ASP C 58 34.29 -17.01 -36.44
C ASP C 58 34.27 -15.61 -35.76
N ARG C 59 34.30 -14.51 -36.53
CA ARG C 59 34.13 -13.13 -35.99
C ARG C 59 32.64 -12.72 -35.83
N LEU C 60 31.70 -13.59 -36.22
CA LEU C 60 30.27 -13.27 -36.13
C LEU C 60 29.81 -13.13 -34.67
N ASP C 61 29.17 -12.01 -34.34
CA ASP C 61 28.79 -11.77 -32.96
C ASP C 61 27.90 -12.91 -32.45
N PRO C 62 28.23 -13.46 -31.25
CA PRO C 62 27.49 -14.64 -30.79
C PRO C 62 25.97 -14.43 -30.68
N SER C 63 25.53 -13.19 -30.53
CA SER C 63 24.10 -12.89 -30.49
C SER C 63 23.45 -13.08 -31.85
N LEU C 64 24.25 -13.05 -32.93
CA LEU C 64 23.69 -13.11 -34.29
C LEU C 64 23.58 -14.55 -34.83
N LYS C 65 24.00 -15.51 -34.02
CA LYS C 65 24.01 -16.92 -34.43
C LYS C 65 22.69 -17.57 -33.96
N LEU C 66 21.64 -17.38 -34.73
CA LEU C 66 20.28 -17.65 -34.28
C LEU C 66 19.91 -19.08 -34.48
N ILE C 67 20.49 -19.70 -35.52
CA ILE C 67 20.28 -21.10 -35.89
C ILE C 67 21.64 -21.79 -36.18
N PRO C 68 21.72 -23.14 -36.06
CA PRO C 68 22.93 -23.80 -36.57
C PRO C 68 23.26 -23.53 -38.08
N PHE C 69 24.55 -23.50 -38.35
CA PHE C 69 25.04 -23.52 -39.70
C PHE C 69 24.71 -24.87 -40.34
N LYS C 70 24.43 -24.81 -41.64
CA LYS C 70 24.08 -25.99 -42.45
C LYS C 70 25.31 -26.28 -43.30
N ASP C 71 26.28 -26.98 -42.72
CA ASP C 71 27.52 -27.36 -43.38
C ASP C 71 27.32 -28.68 -44.08
N GLN C 72 27.41 -28.67 -45.41
CA GLN C 72 27.11 -29.86 -46.20
C GLN C 72 28.36 -30.65 -46.60
N ALA C 73 28.35 -31.14 -47.83
CA ALA C 73 29.33 -32.13 -48.29
C ALA C 73 30.74 -31.54 -48.40
N GLY C 74 31.46 -31.44 -47.28
CA GLY C 74 32.77 -30.75 -47.21
C GLY C 74 32.78 -29.22 -47.35
N HIS C 75 31.59 -28.63 -47.52
CA HIS C 75 31.38 -27.19 -47.66
C HIS C 75 30.95 -26.50 -46.37
N LYS C 76 31.61 -25.39 -46.06
CA LYS C 76 31.23 -24.57 -44.93
C LYS C 76 30.27 -23.49 -45.42
N GLU C 77 29.06 -23.43 -44.87
CA GLU C 77 28.08 -22.42 -45.29
C GLU C 77 28.65 -21.00 -45.09
N SER C 78 28.54 -20.16 -46.12
CA SER C 78 28.90 -18.73 -45.98
C SER C 78 27.85 -17.98 -45.13
N LEU C 79 28.24 -16.81 -44.62
CA LEU C 79 27.34 -15.88 -43.96
C LEU C 79 26.22 -15.48 -44.91
N PHE C 80 26.59 -15.11 -46.13
CA PHE C 80 25.60 -14.83 -47.18
C PHE C 80 24.47 -15.86 -47.28
N SER C 81 24.83 -17.14 -47.37
CA SER C 81 23.86 -18.21 -47.41
C SER C 81 23.00 -18.30 -46.12
N TYR C 82 23.64 -18.10 -44.97
CA TYR C 82 22.99 -18.11 -43.68
C TYR C 82 21.91 -17.03 -43.74
N TYR C 83 22.30 -15.83 -44.16
CA TYR C 83 21.42 -14.68 -44.33
C TYR C 83 20.16 -15.06 -45.09
N TYR C 84 20.34 -15.71 -46.24
CA TYR C 84 19.21 -16.18 -47.07
C TYR C 84 18.32 -17.13 -46.35
N ARG C 85 18.90 -18.03 -45.54
CA ARG C 85 18.11 -18.96 -44.75
C ARG C 85 17.34 -18.28 -43.62
N LEU C 86 17.88 -17.21 -43.04
CA LEU C 86 17.12 -16.47 -42.00
C LEU C 86 15.92 -15.81 -42.65
N CYS C 87 16.11 -15.33 -43.88
CA CYS C 87 14.99 -14.76 -44.63
C CYS C 87 13.83 -15.72 -44.74
N GLU C 88 14.11 -17.00 -44.93
CA GLU C 88 13.05 -18.04 -45.02
C GLU C 88 12.30 -18.20 -43.71
N ILE C 89 12.96 -17.84 -42.61
CA ILE C 89 12.27 -17.82 -41.33
C ILE C 89 11.27 -16.66 -41.36
N ASP C 90 11.74 -15.43 -41.61
CA ASP C 90 10.87 -14.25 -41.77
C ASP C 90 11.67 -13.01 -42.09
N ASP C 91 11.07 -12.12 -42.88
CA ASP C 91 11.62 -10.81 -43.13
C ASP C 91 12.06 -10.07 -41.84
N MET C 92 11.28 -10.19 -40.75
CA MET C 92 11.57 -9.52 -39.49
C MET C 92 12.77 -10.13 -38.77
N VAL C 93 13.22 -11.31 -39.20
CA VAL C 93 14.46 -11.85 -38.66
C VAL C 93 15.65 -11.35 -39.51
N CYS C 94 15.53 -11.44 -40.83
CA CYS C 94 16.71 -11.19 -41.63
C CYS C 94 17.04 -9.70 -41.88
N TYR C 95 16.06 -8.83 -41.74
CA TYR C 95 16.24 -7.41 -41.99
C TYR C 95 17.12 -6.81 -40.92
N PRO C 96 16.79 -7.02 -39.62
CA PRO C 96 17.75 -6.49 -38.64
C PRO C 96 19.12 -7.19 -38.74
N TRP C 97 19.10 -8.51 -38.94
CA TRP C 97 20.32 -9.32 -38.94
C TRP C 97 21.39 -8.76 -39.87
N VAL C 98 20.98 -8.46 -41.10
CA VAL C 98 21.93 -8.11 -42.14
C VAL C 98 22.45 -6.67 -42.01
N ALA C 99 22.05 -5.98 -40.94
CA ALA C 99 22.63 -4.70 -40.57
C ALA C 99 23.54 -4.91 -39.37
N GLN C 100 23.04 -5.68 -38.38
CA GLN C 100 23.83 -6.11 -37.21
C GLN C 100 25.14 -6.86 -37.56
N VAL C 101 25.17 -7.53 -38.69
CA VAL C 101 26.29 -8.43 -39.09
C VAL C 101 27.59 -7.67 -39.33
N PHE C 102 27.50 -6.35 -39.50
CA PHE C 102 28.65 -5.51 -39.69
C PHE C 102 29.17 -5.00 -38.36
N SER C 103 28.72 -5.64 -37.27
CA SER C 103 29.17 -5.35 -35.91
C SER C 103 30.64 -5.65 -35.66
N GLY C 104 31.26 -4.82 -34.84
CA GLY C 104 32.60 -5.10 -34.32
C GLY C 104 33.62 -4.21 -34.96
N PHE C 105 33.20 -3.54 -36.03
CA PHE C 105 34.04 -2.59 -36.74
C PHE C 105 33.79 -1.18 -36.27
N THR C 106 34.77 -0.32 -36.50
CA THR C 106 34.61 1.11 -36.33
C THR C 106 33.94 1.69 -37.55
N LEU C 107 33.35 2.85 -37.34
CA LEU C 107 32.77 3.60 -38.41
C LEU C 107 33.85 4.01 -39.43
N ARG C 108 35.01 4.46 -38.93
CA ARG C 108 36.17 4.70 -39.81
C ARG C 108 36.43 3.50 -40.70
N GLU C 109 36.56 2.33 -40.08
CA GLU C 109 36.88 1.10 -40.84
C GLU C 109 35.76 0.78 -41.88
N LEU C 110 34.49 0.87 -41.47
CA LEU C 110 33.38 0.57 -42.40
C LEU C 110 33.27 1.58 -43.54
N LYS C 111 33.58 2.84 -43.29
CA LYS C 111 33.64 3.86 -44.37
C LYS C 111 34.63 3.46 -45.50
N GLY C 112 35.90 3.20 -45.11
CA GLY C 112 36.89 2.64 -46.05
C GLY C 112 36.37 1.40 -46.81
N TYR C 113 35.69 0.46 -46.14
CA TYR C 113 35.21 -0.74 -46.86
C TYR C 113 34.10 -0.41 -47.89
N VAL C 114 33.16 0.44 -47.48
CA VAL C 114 32.07 0.90 -48.36
C VAL C 114 32.59 1.68 -49.57
N ASP C 115 33.54 2.58 -49.33
CA ASP C 115 34.18 3.25 -50.46
C ASP C 115 34.83 2.26 -51.43
N GLU C 116 35.46 1.21 -50.90
CA GLU C 116 36.00 0.15 -51.78
C GLU C 116 34.92 -0.60 -52.52
N LEU C 117 33.79 -0.88 -51.85
CA LEU C 117 32.66 -1.52 -52.55
C LEU C 117 32.09 -0.63 -53.64
N MET C 118 31.94 0.67 -53.36
CA MET C 118 31.41 1.58 -54.40
C MET C 118 32.43 1.74 -55.55
N ALA C 119 33.73 1.69 -55.26
CA ALA C 119 34.76 1.62 -56.33
C ALA C 119 34.86 0.29 -57.10
N TYR C 120 34.73 -0.84 -56.40
CA TYR C 120 34.97 -2.21 -56.95
C TYR C 120 34.65 -2.49 -58.45
N GLY C 121 33.43 -2.25 -58.90
CA GLY C 121 33.07 -2.50 -60.31
C GLY C 121 32.56 -3.87 -60.74
N LYS C 122 33.21 -4.93 -60.29
CA LYS C 122 32.87 -6.29 -60.73
C LYS C 122 31.74 -6.94 -59.90
N PRO C 123 31.06 -7.97 -60.45
CA PRO C 123 30.20 -8.82 -59.62
C PRO C 123 30.96 -9.48 -58.48
N ILE C 124 30.28 -9.80 -57.39
CA ILE C 124 30.89 -10.46 -56.25
C ILE C 124 30.27 -11.84 -56.21
N PRO C 125 31.12 -12.91 -56.27
CA PRO C 125 30.53 -14.24 -56.19
C PRO C 125 30.04 -14.52 -54.78
N ALA C 126 28.99 -15.32 -54.69
CA ALA C 126 28.42 -15.69 -53.42
C ALA C 126 27.75 -17.04 -53.63
N THR C 127 27.36 -17.69 -52.55
CA THR C 127 26.79 -19.04 -52.61
C THR C 127 25.66 -19.14 -51.63
N TYR C 128 24.67 -19.94 -51.96
CA TYR C 128 23.50 -20.08 -51.13
C TYR C 128 22.88 -21.45 -51.36
N TYR C 129 21.94 -21.88 -50.50
CA TYR C 129 21.25 -23.15 -50.73
C TYR C 129 19.96 -22.97 -51.50
N ASP C 130 19.84 -23.65 -52.63
CA ASP C 130 18.61 -23.71 -53.42
C ASP C 130 17.98 -25.06 -53.09
N GLY C 131 17.10 -25.04 -52.09
CA GLY C 131 16.63 -26.27 -51.43
C GLY C 131 17.76 -26.86 -50.59
N ASP C 132 18.12 -28.10 -50.89
CA ASP C 132 19.29 -28.73 -50.25
C ASP C 132 20.52 -28.73 -51.17
N LYS C 133 20.48 -27.90 -52.21
CA LYS C 133 21.48 -27.91 -53.25
C LYS C 133 22.25 -26.62 -53.26
N LEU C 134 23.56 -26.73 -53.25
CA LEU C 134 24.44 -25.58 -53.27
C LEU C 134 24.39 -24.81 -54.63
N ALA C 135 24.28 -23.48 -54.57
CA ALA C 135 24.28 -22.63 -55.78
C ALA C 135 25.25 -21.46 -55.67
N THR C 136 25.74 -21.04 -56.83
CA THR C 136 26.54 -19.85 -56.91
C THR C 136 25.63 -18.75 -57.47
N LEU C 137 26.11 -17.52 -57.37
CA LEU C 137 25.31 -16.35 -57.60
C LEU C 137 26.23 -15.16 -57.62
N ASP C 138 26.11 -14.33 -58.66
CA ASP C 138 26.88 -13.08 -58.74
C ASP C 138 26.00 -11.93 -58.17
N VAL C 139 26.59 -11.12 -57.28
CA VAL C 139 25.91 -9.97 -56.63
C VAL C 139 26.52 -8.65 -57.06
N GLU C 140 25.70 -7.76 -57.66
CA GLU C 140 26.16 -6.49 -58.23
C GLU C 140 26.27 -5.38 -57.19
N PRO C 141 27.43 -4.67 -57.12
CA PRO C 141 27.46 -3.60 -56.14
C PRO C 141 26.52 -2.42 -56.53
N PRO C 142 26.22 -1.55 -55.57
CA PRO C 142 25.33 -0.42 -55.88
C PRO C 142 25.92 0.40 -57.02
N ARG C 143 25.03 0.93 -57.86
CA ARG C 143 25.34 1.76 -59.02
C ARG C 143 24.47 2.99 -58.95
N VAL C 144 25.04 4.14 -58.59
CA VAL C 144 24.24 5.36 -58.44
C VAL C 144 23.38 5.64 -59.68
N PHE C 145 22.08 5.94 -59.49
CA PHE C 145 21.17 6.36 -60.60
C PHE C 145 21.41 7.83 -60.82
N SER C 146 21.66 8.24 -62.05
CA SER C 146 21.85 9.67 -62.31
C SER C 146 20.54 10.45 -62.16
N GLY C 147 19.42 9.85 -62.50
CA GLY C 147 18.09 10.46 -62.28
C GLY C 147 17.88 10.94 -60.84
N GLN C 148 18.23 10.08 -59.90
CA GLN C 148 17.98 10.35 -58.51
C GLN C 148 18.95 11.35 -57.99
N ARG C 149 20.17 11.32 -58.52
CA ARG C 149 21.15 12.30 -58.10
C ARG C 149 20.66 13.71 -58.51
N GLU C 150 20.08 13.79 -59.71
CA GLU C 150 19.45 15.03 -60.23
C GLU C 150 18.23 15.43 -59.39
N LEU C 151 17.34 14.45 -59.15
CA LEU C 151 16.14 14.70 -58.34
C LEU C 151 16.51 15.24 -56.95
N TYR C 152 17.47 14.57 -56.29
CA TYR C 152 17.87 15.00 -54.95
C TYR C 152 18.29 16.46 -54.94
N ASN C 153 19.10 16.86 -55.91
CA ASN C 153 19.69 18.20 -55.84
C ASN C 153 18.70 19.24 -56.28
N LYS C 154 17.87 18.89 -57.25
CA LYS C 154 16.82 19.81 -57.68
C LYS C 154 15.87 20.07 -56.53
N LEU C 155 15.45 19.02 -55.81
CA LEU C 155 14.62 19.22 -54.64
C LEU C 155 15.24 20.22 -53.67
N MET C 156 16.51 20.02 -53.30
CA MET C 156 17.14 20.86 -52.28
C MET C 156 17.36 22.29 -52.74
N GLU C 157 17.63 22.44 -54.03
CA GLU C 157 17.88 23.76 -54.67
C GLU C 157 16.60 24.56 -54.62
N ASN C 158 15.49 23.85 -54.42
CA ASN C 158 14.17 24.45 -54.45
C ASN C 158 13.59 24.46 -53.06
N GLY C 159 14.48 24.26 -52.09
CA GLY C 159 14.11 24.42 -50.67
C GLY C 159 13.10 23.37 -50.28
N ILE C 160 13.27 22.19 -50.81
CA ILE C 160 12.44 21.06 -50.44
C ILE C 160 13.37 20.07 -49.75
N GLU C 161 13.16 19.87 -48.45
CA GLU C 161 14.08 19.13 -47.62
C GLU C 161 14.09 17.68 -48.07
N VAL C 162 15.29 17.08 -48.10
CA VAL C 162 15.33 15.68 -48.50
C VAL C 162 15.76 14.75 -47.37
N TYR C 163 15.03 13.64 -47.26
CA TYR C 163 15.35 12.64 -46.28
C TYR C 163 15.47 11.31 -46.95
N VAL C 164 16.31 10.48 -46.35
CA VAL C 164 16.47 9.07 -46.75
C VAL C 164 15.92 8.26 -45.61
N ILE C 165 15.03 7.32 -45.89
CA ILE C 165 14.63 6.40 -44.82
C ILE C 165 14.83 5.00 -45.35
N SER C 166 15.83 4.32 -44.80
CA SER C 166 16.25 3.05 -45.40
C SER C 166 16.19 1.95 -44.36
N ALA C 167 15.91 0.73 -44.83
CA ALA C 167 15.95 -0.44 -43.97
C ALA C 167 17.37 -1.02 -43.80
N ALA C 168 18.39 -0.30 -44.27
CA ALA C 168 19.76 -0.72 -44.04
C ALA C 168 20.36 0.18 -42.97
N HIS C 169 21.48 -0.26 -42.38
CA HIS C 169 22.13 0.50 -41.30
C HIS C 169 22.32 1.98 -41.56
N GLU C 170 21.77 2.81 -40.69
CA GLU C 170 21.87 4.24 -40.89
C GLU C 170 23.28 4.70 -41.29
N GLU C 171 24.28 4.14 -40.61
CA GLU C 171 25.65 4.65 -40.69
C GLU C 171 26.27 4.25 -42.04
N LEU C 172 26.02 3.01 -42.46
CA LEU C 172 26.31 2.61 -43.80
C LEU C 172 25.67 3.54 -44.84
N VAL C 173 24.36 3.69 -44.77
CA VAL C 173 23.64 4.51 -45.75
C VAL C 173 24.13 5.93 -45.72
N ARG C 174 24.47 6.45 -44.55
CA ARG C 174 25.04 7.81 -44.46
C ARG C 174 26.34 7.93 -45.30
N MET C 175 27.16 6.87 -45.24
CA MET C 175 28.45 6.79 -45.88
C MET C 175 28.41 7.03 -47.36
N VAL C 176 27.30 6.63 -47.99
CA VAL C 176 26.99 6.89 -49.40
C VAL C 176 26.13 8.17 -49.61
N ALA C 177 25.08 8.39 -48.80
CA ALA C 177 24.11 9.45 -49.11
C ALA C 177 24.62 10.85 -48.83
N ALA C 178 25.35 11.00 -47.73
CA ALA C 178 25.89 12.30 -47.35
C ALA C 178 27.33 12.59 -47.82
N ASP C 179 28.01 11.61 -48.43
CA ASP C 179 29.37 11.87 -48.93
C ASP C 179 29.33 12.50 -50.34
N PRO C 180 29.68 13.80 -50.47
CA PRO C 180 29.60 14.53 -51.75
C PRO C 180 30.15 13.78 -52.98
N ARG C 181 31.12 12.89 -52.80
CA ARG C 181 31.67 12.13 -53.93
C ARG C 181 30.63 11.34 -54.70
N TYR C 182 29.53 10.96 -54.06
CA TYR C 182 28.52 10.16 -54.71
C TYR C 182 27.45 11.03 -55.35
N GLY C 183 27.45 12.31 -55.00
CA GLY C 183 26.66 13.29 -55.70
C GLY C 183 25.20 13.50 -55.26
N TYR C 184 24.77 12.90 -54.16
CA TYR C 184 23.41 13.10 -53.67
C TYR C 184 23.34 14.34 -52.78
N ASN C 185 24.37 14.54 -51.99
CA ASN C 185 24.49 15.72 -51.15
C ASN C 185 23.43 15.80 -50.07
N ALA C 186 22.88 14.66 -49.67
CA ALA C 186 21.91 14.63 -48.57
C ALA C 186 22.59 15.18 -47.33
N LYS C 187 21.90 15.97 -46.50
CA LYS C 187 22.47 16.37 -45.22
C LYS C 187 22.58 15.13 -44.35
N PRO C 188 23.71 14.94 -43.66
CA PRO C 188 23.93 13.71 -42.87
C PRO C 188 22.88 13.47 -41.77
N GLU C 189 22.40 14.54 -41.13
CA GLU C 189 21.33 14.43 -40.15
C GLU C 189 20.01 13.90 -40.73
N ASN C 190 19.79 14.10 -42.05
CA ASN C 190 18.54 13.67 -42.70
C ASN C 190 18.53 12.24 -43.25
N VAL C 191 19.58 11.48 -42.91
CA VAL C 191 19.66 10.08 -43.33
C VAL C 191 19.16 9.33 -42.11
N ILE C 192 18.12 8.52 -42.31
CA ILE C 192 17.47 7.80 -41.24
C ILE C 192 17.45 6.37 -41.67
N GLY C 193 18.01 5.47 -40.86
CA GLY C 193 18.00 4.03 -41.19
C GLY C 193 18.06 3.18 -39.94
N VAL C 194 18.36 1.89 -40.09
CA VAL C 194 18.43 0.98 -38.96
C VAL C 194 19.53 1.52 -38.06
N THR C 195 19.22 1.79 -36.79
CA THR C 195 20.26 2.26 -35.90
C THR C 195 20.63 1.20 -34.88
N THR C 196 21.92 1.09 -34.57
CA THR C 196 22.33 0.21 -33.46
C THR C 196 23.24 1.02 -32.55
N LEU C 197 23.43 0.56 -31.31
CA LEU C 197 24.31 1.28 -30.40
C LEU C 197 25.78 1.35 -30.88
N LEU C 198 26.36 2.54 -30.73
CA LEU C 198 27.77 2.75 -31.07
C LEU C 198 28.53 2.79 -29.78
N LYS C 199 29.68 2.13 -29.72
CA LYS C 199 30.44 2.04 -28.49
C LYS C 199 31.77 2.73 -28.56
N ASN C 200 32.04 3.53 -27.55
CA ASN C 200 33.33 4.15 -27.39
C ASN C 200 34.27 3.14 -26.73
N ARG C 201 35.22 2.64 -27.51
CA ARG C 201 36.12 1.54 -27.11
C ARG C 201 36.88 1.78 -25.78
N LYS C 202 37.15 3.04 -25.45
CA LYS C 202 37.86 3.32 -24.20
C LYS C 202 36.87 3.39 -23.04
N THR C 203 35.85 4.24 -23.23
CA THR C 203 34.88 4.61 -22.19
C THR C 203 33.77 3.59 -21.94
N GLY C 204 33.42 2.81 -22.96
CA GLY C 204 32.15 2.07 -22.90
C GLY C 204 30.90 2.96 -22.96
N GLU C 205 31.06 4.28 -23.05
CA GLU C 205 29.96 5.20 -23.40
C GLU C 205 29.22 4.62 -24.60
N LEU C 206 27.89 4.60 -24.54
CA LEU C 206 27.09 4.10 -25.66
C LEU C 206 26.26 5.26 -26.16
N THR C 207 26.13 5.35 -27.49
CA THR C 207 25.39 6.47 -28.06
C THR C 207 24.97 6.09 -29.47
N THR C 208 24.17 6.96 -30.09
CA THR C 208 23.75 6.81 -31.50
C THR C 208 23.59 8.18 -32.13
N ALA C 209 23.65 8.21 -33.44
CA ALA C 209 23.48 9.44 -34.18
C ALA C 209 22.10 10.02 -33.92
N ARG C 210 21.04 9.18 -33.90
CA ARG C 210 19.65 9.68 -33.65
C ARG C 210 19.53 10.40 -32.35
N LYS C 211 20.08 9.81 -31.31
CA LYS C 211 20.07 10.41 -30.00
C LYS C 211 20.81 11.75 -30.00
N GLN C 212 21.98 11.81 -30.62
CA GLN C 212 22.76 13.07 -30.66
C GLN C 212 22.06 14.17 -31.44
N ILE C 213 21.46 13.82 -32.56
CA ILE C 213 20.69 14.77 -33.35
C ILE C 213 19.49 15.32 -32.56
N ALA C 214 18.78 14.46 -31.84
CA ALA C 214 17.69 14.86 -30.94
C ALA C 214 18.06 15.81 -29.78
N GLU C 215 19.23 15.61 -29.17
CA GLU C 215 19.77 16.55 -28.19
C GLU C 215 20.36 17.83 -28.80
N GLY C 216 20.43 17.89 -30.13
CA GLY C 216 20.86 19.10 -30.84
C GLY C 216 22.35 19.21 -31.09
N LYS C 217 23.09 18.12 -30.92
CA LYS C 217 24.54 18.21 -30.98
C LYS C 217 25.08 17.09 -31.83
N TYR C 218 25.01 17.25 -33.14
CA TYR C 218 25.51 16.22 -33.99
C TYR C 218 26.69 16.68 -34.86
N ASP C 219 27.78 15.93 -34.81
CA ASP C 219 28.90 16.05 -35.76
C ASP C 219 29.28 14.63 -36.09
N PRO C 220 29.32 14.29 -37.38
CA PRO C 220 29.68 12.91 -37.73
C PRO C 220 31.06 12.46 -37.25
N LYS C 221 32.05 13.31 -37.44
CA LYS C 221 33.46 12.97 -37.22
C LYS C 221 33.78 12.66 -35.75
N ALA C 222 32.86 13.03 -34.87
CA ALA C 222 32.87 12.59 -33.48
C ALA C 222 32.85 11.06 -33.44
N ASN C 223 31.98 10.48 -34.29
CA ASN C 223 31.56 9.09 -34.25
C ASN C 223 32.46 8.07 -34.96
N LEU C 224 33.34 8.54 -35.84
CA LEU C 224 34.15 7.63 -36.65
C LEU C 224 34.96 6.58 -35.89
N ASP C 225 35.48 6.91 -34.72
CA ASP C 225 36.28 5.92 -33.97
C ASP C 225 35.45 4.98 -33.06
N LEU C 226 34.12 5.07 -33.17
CA LEU C 226 33.21 4.26 -32.36
C LEU C 226 32.92 2.88 -32.98
N GLU C 227 32.66 1.92 -32.11
CA GLU C 227 32.37 0.57 -32.55
C GLU C 227 30.86 0.28 -32.69
N VAL C 228 30.48 -0.19 -33.86
CA VAL C 228 29.15 -0.65 -34.10
C VAL C 228 28.91 -1.91 -33.28
N THR C 229 27.92 -1.87 -32.40
CA THR C 229 27.45 -3.08 -31.73
C THR C 229 26.16 -3.53 -32.40
N PRO C 230 25.71 -4.76 -32.10
CA PRO C 230 24.46 -5.19 -32.69
C PRO C 230 23.19 -4.71 -31.97
N TYR C 231 23.30 -3.98 -30.88
CA TYR C 231 22.14 -3.77 -30.03
C TYR C 231 21.17 -2.80 -30.67
N LEU C 232 19.98 -3.29 -30.98
CA LEU C 232 19.04 -2.65 -31.89
C LEU C 232 18.31 -1.43 -31.28
N TRP C 233 18.38 -0.28 -31.96
CA TRP C 233 17.60 0.92 -31.58
C TRP C 233 16.33 0.96 -32.42
N THR C 234 15.33 1.69 -31.93
CA THR C 234 14.02 1.78 -32.57
C THR C 234 13.53 3.25 -32.65
N PRO C 235 12.55 3.52 -33.53
CA PRO C 235 11.90 2.64 -34.50
C PRO C 235 12.89 2.07 -35.56
N ALA C 236 12.73 0.78 -35.85
CA ALA C 236 13.45 0.12 -36.90
C ALA C 236 12.77 0.44 -38.23
N THR C 237 13.57 0.81 -39.21
CA THR C 237 13.06 1.55 -40.36
C THR C 237 12.75 0.70 -41.55
N TRP C 238 11.89 -0.28 -41.33
CA TRP C 238 11.28 -1.06 -42.39
C TRP C 238 9.76 -1.23 -42.15
N MET C 239 9.02 -1.60 -43.18
CA MET C 239 7.55 -1.76 -43.07
C MET C 239 6.93 -0.53 -42.42
N ALA C 240 6.16 -0.73 -41.35
CA ALA C 240 5.46 0.36 -40.70
C ALA C 240 6.43 1.29 -40.02
N GLY C 241 7.60 0.75 -39.71
CA GLY C 241 8.64 1.50 -39.00
C GLY C 241 9.11 2.72 -39.76
N LYS C 242 8.91 2.71 -41.08
CA LYS C 242 9.29 3.84 -41.91
C LYS C 242 8.35 5.03 -41.67
N GLN C 243 7.04 4.72 -41.60
CA GLN C 243 6.04 5.66 -41.17
C GLN C 243 6.36 6.10 -39.73
N ALA C 244 6.65 5.16 -38.83
CA ALA C 244 7.08 5.56 -37.49
C ALA C 244 8.27 6.53 -37.57
N ALA C 245 9.23 6.28 -38.46
CA ALA C 245 10.43 7.17 -38.48
C ALA C 245 10.11 8.62 -38.83
N ILE C 246 9.17 8.78 -39.78
CA ILE C 246 8.67 10.04 -40.25
C ILE C 246 8.00 10.77 -39.10
N LEU C 247 7.07 10.11 -38.42
CA LEU C 247 6.48 10.74 -37.22
C LEU C 247 7.54 11.10 -36.18
N THR C 248 8.50 10.20 -35.96
CA THR C 248 9.40 10.40 -34.85
C THR C 248 10.46 11.48 -35.10
N TYR C 249 10.95 11.58 -36.34
CA TYR C 249 12.23 12.27 -36.63
C TYR C 249 12.03 13.43 -37.61
N ILE C 250 10.87 13.50 -38.27
CA ILE C 250 10.59 14.54 -39.24
C ILE C 250 9.44 15.44 -38.84
N ASP C 251 8.20 14.96 -38.90
CA ASP C 251 7.02 15.75 -38.47
C ASP C 251 5.82 14.91 -38.02
N ARG C 252 5.19 15.27 -36.92
CA ARG C 252 4.00 14.56 -36.49
C ARG C 252 2.80 14.82 -37.44
N TRP C 253 2.79 15.96 -38.14
CA TRP C 253 1.56 16.34 -38.85
C TRP C 253 1.81 16.64 -40.28
N LYS C 254 2.88 17.35 -40.61
CA LYS C 254 3.08 17.59 -42.04
C LYS C 254 3.55 16.30 -42.77
N ARG C 255 2.96 15.97 -43.90
CA ARG C 255 3.31 14.76 -44.65
C ARG C 255 4.27 15.09 -45.82
N PRO C 256 5.13 14.12 -46.20
CA PRO C 256 6.02 14.31 -47.38
C PRO C 256 5.25 14.56 -48.68
N ILE C 257 5.70 15.50 -49.49
CA ILE C 257 5.11 15.77 -50.84
C ILE C 257 5.53 14.71 -51.87
N LEU C 258 6.54 13.91 -51.52
CA LEU C 258 6.96 12.81 -52.36
C LEU C 258 7.55 11.71 -51.55
N VAL C 259 7.23 10.47 -51.91
CA VAL C 259 7.88 9.33 -51.30
C VAL C 259 8.26 8.37 -52.40
N ALA C 260 9.47 7.82 -52.30
CA ALA C 260 10.05 6.90 -53.31
C ALA C 260 10.44 5.54 -52.77
N GLY C 261 10.13 4.50 -53.51
CA GLY C 261 10.47 3.17 -53.03
C GLY C 261 10.44 2.13 -54.13
N ASP C 262 10.77 0.90 -53.76
CA ASP C 262 10.94 -0.19 -54.73
C ASP C 262 10.50 -1.57 -54.20
N THR C 263 10.42 -1.75 -52.86
CA THR C 263 9.89 -3.01 -52.27
C THR C 263 8.46 -2.82 -51.72
N PRO C 264 7.47 -3.52 -52.28
CA PRO C 264 6.07 -3.41 -51.81
C PRO C 264 5.86 -3.53 -50.31
N ASP C 265 6.42 -4.55 -49.70
CA ASP C 265 6.21 -4.74 -48.28
C ASP C 265 6.96 -3.68 -47.51
N SER C 266 8.24 -3.53 -47.77
CA SER C 266 9.03 -2.63 -46.93
C SER C 266 8.69 -1.15 -47.12
N ASP C 267 8.37 -0.73 -48.34
CA ASP C 267 8.14 0.69 -48.59
C ASP C 267 6.64 1.06 -48.54
N GLY C 268 5.76 0.06 -48.49
CA GLY C 268 4.30 0.29 -48.69
C GLY C 268 3.62 1.20 -47.68
N TYR C 269 4.15 1.27 -46.44
CA TYR C 269 3.58 2.05 -45.35
C TYR C 269 3.85 3.52 -45.52
N MET C 270 5.12 3.86 -45.75
CA MET C 270 5.44 5.26 -46.03
C MET C 270 4.90 5.72 -47.38
N LEU C 271 4.81 4.83 -48.37
CA LEU C 271 4.20 5.20 -49.64
C LEU C 271 2.71 5.51 -49.51
N PHE C 272 1.95 4.63 -48.83
CA PHE C 272 0.51 4.74 -48.81
C PHE C 272 0.04 5.58 -47.64
N ASN C 273 0.60 5.38 -46.44
CA ASN C 273 0.15 6.12 -45.25
C ASN C 273 0.87 7.45 -45.05
N GLY C 274 2.00 7.62 -45.75
CA GLY C 274 2.85 8.79 -45.59
C GLY C 274 2.62 9.87 -46.63
N THR C 275 2.55 9.49 -47.89
CA THR C 275 2.52 10.44 -48.97
C THR C 275 1.33 11.41 -48.84
N ALA C 276 1.62 12.70 -48.65
CA ALA C 276 0.57 13.76 -48.73
C ALA C 276 -0.48 13.49 -49.80
N GLU C 277 -1.69 14.00 -49.62
CA GLU C 277 -2.80 13.70 -50.55
C GLU C 277 -2.55 14.13 -51.99
N ASN C 278 -1.84 15.24 -52.15
CA ASN C 278 -1.49 15.72 -53.49
C ASN C 278 -0.01 15.52 -53.82
N GLY C 279 0.58 14.57 -53.07
CA GLY C 279 1.99 14.21 -53.21
C GLY C 279 2.24 13.16 -54.26
N VAL C 280 3.50 12.95 -54.65
CA VAL C 280 3.84 11.94 -55.66
C VAL C 280 4.27 10.64 -55.03
N HIS C 281 3.73 9.52 -55.56
CA HIS C 281 4.23 8.19 -55.28
C HIS C 281 5.25 7.88 -56.35
N LEU C 282 6.50 7.69 -55.95
CA LEU C 282 7.60 7.50 -56.92
C LEU C 282 8.10 6.09 -56.75
N TRP C 283 7.95 5.33 -57.82
CA TRP C 283 8.18 3.95 -57.79
C TRP C 283 9.23 3.54 -58.83
N VAL C 284 10.35 3.01 -58.34
CA VAL C 284 11.36 2.32 -59.17
C VAL C 284 10.95 0.85 -59.38
N ASN C 285 10.46 0.55 -60.58
CA ASN C 285 9.94 -0.78 -60.89
C ASN C 285 11.04 -1.77 -61.35
N ARG C 286 11.65 -2.49 -60.42
CA ARG C 286 12.77 -3.37 -60.76
C ARG C 286 12.46 -4.86 -60.86
N LYS C 287 11.21 -5.27 -60.71
CA LYS C 287 10.88 -6.69 -60.60
C LYS C 287 9.42 -6.77 -60.90
N ALA C 288 9.04 -7.69 -61.79
CA ALA C 288 7.69 -7.68 -62.34
C ALA C 288 6.70 -8.14 -61.30
N LYS C 289 7.11 -9.07 -60.44
CA LYS C 289 6.25 -9.60 -59.38
C LYS C 289 5.92 -8.46 -58.40
N TYR C 290 6.91 -7.62 -58.13
CA TYR C 290 6.74 -6.37 -57.43
C TYR C 290 5.73 -5.43 -58.06
N MET C 291 5.86 -5.12 -59.35
CA MET C 291 4.85 -4.30 -60.02
C MET C 291 3.40 -4.79 -59.89
N GLU C 292 3.19 -6.10 -59.99
CA GLU C 292 1.87 -6.66 -59.82
C GLU C 292 1.40 -6.43 -58.38
N GLN C 293 2.30 -6.57 -57.42
CA GLN C 293 1.91 -6.57 -56.02
C GLN C 293 1.47 -5.18 -55.64
N ILE C 294 2.27 -4.18 -56.07
CA ILE C 294 1.96 -2.80 -55.79
C ILE C 294 0.62 -2.39 -56.46
N ASN C 295 0.38 -2.83 -57.69
CA ASN C 295 -0.96 -2.65 -58.30
C ASN C 295 -2.13 -3.20 -57.49
N GLY C 296 -1.94 -4.36 -56.89
CA GLY C 296 -2.91 -4.93 -55.94
C GLY C 296 -3.05 -4.12 -54.64
N MET C 297 -1.93 -3.57 -54.13
CA MET C 297 -1.99 -2.72 -52.94
C MET C 297 -2.76 -1.46 -53.26
N ILE C 298 -2.62 -0.98 -54.49
CA ILE C 298 -3.26 0.29 -54.85
C ILE C 298 -4.75 0.06 -54.81
N LYS C 299 -5.19 -1.04 -55.42
CA LYS C 299 -6.60 -1.35 -55.54
C LYS C 299 -7.20 -1.58 -54.14
N GLN C 300 -6.51 -2.35 -53.30
CA GLN C 300 -6.96 -2.63 -51.94
C GLN C 300 -7.06 -1.35 -51.01
N HIS C 301 -6.02 -0.50 -51.01
CA HIS C 301 -5.99 0.75 -50.26
C HIS C 301 -6.97 1.79 -50.76
N SER C 302 -7.11 1.89 -52.09
CA SER C 302 -8.18 2.74 -52.72
C SER C 302 -9.58 2.42 -52.22
N ALA C 303 -9.91 1.12 -52.21
CA ALA C 303 -11.20 0.67 -51.71
C ALA C 303 -11.36 0.96 -50.20
N ALA C 304 -10.30 0.75 -49.45
CA ALA C 304 -10.39 0.89 -47.99
C ALA C 304 -10.39 2.36 -47.60
N GLN C 305 -9.76 3.23 -48.40
CA GLN C 305 -9.83 4.65 -48.11
C GLN C 305 -11.25 5.12 -48.28
N ALA C 306 -11.88 4.75 -49.39
CA ALA C 306 -13.28 5.16 -49.67
C ALA C 306 -14.19 4.64 -48.56
N LYS C 307 -14.02 3.38 -48.24
CA LYS C 307 -14.77 2.76 -47.18
C LYS C 307 -14.61 3.50 -45.81
N ALA C 308 -13.48 4.14 -45.58
CA ALA C 308 -13.26 4.79 -44.29
C ALA C 308 -13.58 6.29 -44.39
N GLY C 309 -14.23 6.68 -45.47
CA GLY C 309 -14.69 8.05 -45.65
C GLY C 309 -13.55 9.00 -45.92
N LEU C 310 -12.40 8.49 -46.36
CA LEU C 310 -11.20 9.31 -46.58
C LEU C 310 -11.10 9.62 -48.06
N PRO C 311 -10.45 10.72 -48.42
CA PRO C 311 -10.17 10.99 -49.83
C PRO C 311 -9.33 9.85 -50.41
N VAL C 312 -9.72 9.34 -51.57
CA VAL C 312 -8.98 8.28 -52.23
C VAL C 312 -7.64 8.79 -52.78
N THR C 313 -6.54 8.47 -52.09
CA THR C 313 -5.24 9.01 -52.55
C THR C 313 -4.26 7.98 -53.11
N ALA C 314 -4.56 6.70 -52.90
CA ALA C 314 -3.67 5.56 -53.15
C ALA C 314 -3.32 5.41 -54.60
N ASP C 315 -4.20 5.87 -55.47
CA ASP C 315 -4.04 5.66 -56.88
C ASP C 315 -3.65 6.94 -57.57
N ARG C 316 -3.31 7.97 -56.80
CA ARG C 316 -2.97 9.26 -57.39
C ARG C 316 -1.48 9.46 -57.56
N ASN C 317 -1.14 10.17 -58.63
CA ASN C 317 0.19 10.75 -58.76
C ASN C 317 1.34 9.73 -58.78
N TRP C 318 1.15 8.69 -59.54
CA TRP C 318 2.20 7.72 -59.60
C TRP C 318 3.25 8.07 -60.64
N VAL C 319 4.51 8.05 -60.24
CA VAL C 319 5.59 8.16 -61.19
C VAL C 319 6.40 6.86 -61.20
N ILE C 320 6.14 6.05 -62.20
CA ILE C 320 6.78 4.75 -62.36
C ILE C 320 7.97 4.82 -63.35
N VAL C 321 9.15 4.38 -62.93
CA VAL C 321 10.33 4.29 -63.82
C VAL C 321 11.02 2.93 -63.65
N THR C 322 11.56 2.36 -64.72
CA THR C 322 12.45 1.19 -64.60
C THR C 322 13.83 1.65 -64.18
N PRO C 323 14.70 0.75 -63.72
CA PRO C 323 16.04 1.26 -63.40
C PRO C 323 16.84 1.80 -64.62
N GLU C 324 16.67 1.14 -65.75
CA GLU C 324 17.24 1.61 -67.01
C GLU C 324 16.87 3.07 -67.37
N GLN C 325 15.65 3.52 -67.04
CA GLN C 325 15.15 4.86 -67.46
C GLN C 325 15.76 6.00 -66.72
N ILE C 326 16.28 5.69 -65.52
CA ILE C 326 16.94 6.68 -64.64
C ILE C 326 18.40 6.40 -64.35
N GLN C 327 18.92 5.31 -64.92
CA GLN C 327 20.31 4.89 -64.63
C GLN C 327 21.30 5.97 -65.03
N THR D 1 -22.99 -6.15 -18.59
CA THR D 1 -21.91 -5.39 -17.88
C THR D 1 -22.14 -3.88 -17.78
N GLU D 2 -22.07 -3.39 -16.55
CA GLU D 2 -22.21 -1.96 -16.27
C GLU D 2 -20.84 -1.38 -15.83
N LEU D 3 -20.67 -0.08 -16.04
CA LEU D 3 -19.42 0.55 -15.65
C LEU D 3 -19.57 1.10 -14.25
N GLU D 4 -19.51 0.21 -13.25
CA GLU D 4 -19.70 0.56 -11.85
C GLU D 4 -18.49 1.24 -11.23
N HIS D 5 -17.28 0.74 -11.48
CA HIS D 5 -16.13 1.34 -10.84
C HIS D 5 -15.53 2.49 -11.65
N TRP D 6 -16.37 3.43 -12.04
CA TRP D 6 -16.00 4.62 -12.81
C TRP D 6 -16.63 5.82 -12.16
N PRO D 7 -16.00 7.00 -12.27
CA PRO D 7 -16.75 8.22 -11.93
C PRO D 7 -17.96 8.31 -12.88
N ALA D 8 -19.12 8.75 -12.40
CA ALA D 8 -20.31 8.89 -13.26
C ALA D 8 -20.15 9.69 -14.58
N PRO D 9 -19.51 10.88 -14.57
CA PRO D 9 -19.33 11.62 -15.82
C PRO D 9 -18.51 10.83 -16.87
N ALA D 10 -17.40 10.24 -16.42
CA ALA D 10 -16.57 9.38 -17.28
C ALA D 10 -17.40 8.20 -17.84
N ALA D 11 -18.17 7.53 -16.97
CA ALA D 11 -19.02 6.40 -17.41
C ALA D 11 -20.02 6.84 -18.42
N ARG D 12 -20.63 8.03 -18.28
CA ARG D 12 -21.67 8.45 -19.28
C ARG D 12 -21.02 8.76 -20.63
N GLN D 13 -19.81 9.29 -20.63
CA GLN D 13 -19.14 9.43 -21.96
C GLN D 13 -18.72 8.10 -22.55
N LEU D 14 -18.15 7.23 -21.76
CA LEU D 14 -17.84 5.87 -22.26
C LEU D 14 -19.10 5.16 -22.79
N ASN D 15 -20.20 5.27 -22.05
CA ASN D 15 -21.46 4.68 -22.46
C ASN D 15 -21.99 5.28 -23.76
N ALA D 16 -21.90 6.59 -23.94
CA ALA D 16 -22.40 7.18 -25.17
C ALA D 16 -21.51 6.73 -26.37
N LEU D 17 -20.20 6.61 -26.09
CA LEU D 17 -19.30 6.20 -27.15
C LEU D 17 -19.65 4.78 -27.59
N ILE D 18 -19.93 3.89 -26.61
CA ILE D 18 -20.30 2.51 -26.90
C ILE D 18 -21.59 2.38 -27.70
N GLU D 19 -22.58 3.17 -27.32
CA GLU D 19 -23.86 3.07 -27.99
C GLU D 19 -23.71 3.61 -29.40
N ALA D 20 -23.07 4.76 -29.58
CA ALA D 20 -22.78 5.32 -30.92
C ALA D 20 -21.89 4.41 -31.86
N ASN D 21 -21.19 3.44 -31.29
CA ASN D 21 -20.30 2.61 -32.10
C ASN D 21 -20.51 1.12 -32.02
N ALA D 22 -21.60 0.69 -31.38
CA ALA D 22 -21.89 -0.74 -31.20
C ALA D 22 -22.01 -1.40 -32.58
N ASN D 23 -21.43 -2.57 -32.74
CA ASN D 23 -21.63 -3.40 -33.94
C ASN D 23 -21.44 -2.68 -35.27
N LYS D 24 -20.26 -2.10 -35.48
CA LYS D 24 -19.92 -1.38 -36.70
C LYS D 24 -18.51 -1.73 -37.23
N GLY D 25 -17.94 -2.81 -36.74
CA GLY D 25 -16.55 -3.11 -37.03
C GLY D 25 -15.60 -2.14 -36.32
N ALA D 26 -16.03 -1.45 -35.27
CA ALA D 26 -15.08 -0.53 -34.59
C ALA D 26 -14.14 -1.28 -33.66
N TYR D 27 -13.03 -0.65 -33.31
CA TYR D 27 -12.15 -1.23 -32.28
C TYR D 27 -11.61 -0.20 -31.30
N ALA D 28 -11.11 -0.70 -30.17
CA ALA D 28 -10.49 0.17 -29.15
C ALA D 28 -9.09 -0.35 -28.89
N VAL D 29 -8.18 0.53 -28.44
CA VAL D 29 -6.84 0.08 -28.03
C VAL D 29 -6.46 0.52 -26.58
N PHE D 30 -5.94 -0.42 -25.80
CA PHE D 30 -5.44 -0.13 -24.46
C PHE D 30 -3.95 -0.38 -24.29
N ASP D 31 -3.28 0.57 -23.65
CA ASP D 31 -2.03 0.23 -22.95
C ASP D 31 -2.33 -0.73 -21.78
N MET D 32 -1.30 -1.44 -21.33
CA MET D 32 -1.46 -2.35 -20.21
C MET D 32 -0.94 -1.84 -18.87
N ASP D 33 0.36 -1.64 -18.70
CA ASP D 33 0.88 -1.24 -17.39
C ASP D 33 0.42 0.15 -17.00
N ASN D 34 -0.17 0.23 -15.81
CA ASN D 34 -0.61 1.53 -15.27
C ASN D 34 -1.79 2.15 -16.05
N THR D 35 -2.32 1.43 -17.03
CA THR D 35 -3.56 1.80 -17.73
C THR D 35 -4.69 0.81 -17.49
N SER D 36 -4.48 -0.46 -17.87
CA SER D 36 -5.44 -1.55 -17.65
C SER D 36 -5.39 -2.15 -16.26
N TYR D 37 -4.21 -2.18 -15.66
CA TYR D 37 -4.11 -2.42 -14.23
C TYR D 37 -3.12 -1.42 -13.64
N ARG D 38 -3.14 -1.33 -12.31
CA ARG D 38 -2.23 -0.46 -11.61
C ARG D 38 -0.83 -1.06 -11.43
N TYR D 39 0.17 -0.21 -11.51
CA TYR D 39 1.57 -0.67 -11.47
C TYR D 39 2.00 -1.47 -12.70
N ASP D 40 3.16 -2.09 -12.61
CA ASP D 40 3.92 -2.52 -13.78
C ASP D 40 4.42 -3.96 -13.61
N LEU D 41 4.20 -4.77 -14.65
CA LEU D 41 4.53 -6.19 -14.70
C LEU D 41 6.03 -6.40 -14.72
N GLU D 42 6.68 -5.96 -15.80
CA GLU D 42 8.11 -6.26 -15.95
C GLU D 42 8.91 -5.72 -14.78
N GLU D 43 8.58 -4.51 -14.32
CA GLU D 43 9.35 -3.88 -13.25
C GLU D 43 9.16 -4.55 -11.88
N SER D 44 8.05 -5.23 -11.67
CA SER D 44 7.87 -5.95 -10.43
C SER D 44 8.37 -7.40 -10.57
N LEU D 45 8.04 -8.03 -11.69
CA LEU D 45 8.52 -9.39 -12.00
C LEU D 45 10.05 -9.51 -11.92
N LEU D 46 10.76 -8.53 -12.44
CA LEU D 46 12.20 -8.56 -12.40
C LEU D 46 12.71 -8.68 -10.94
N PRO D 47 12.52 -7.64 -10.11
CA PRO D 47 12.99 -7.79 -8.71
C PRO D 47 12.42 -9.01 -7.98
N TYR D 48 11.22 -9.45 -8.37
CA TYR D 48 10.61 -10.61 -7.77
C TYR D 48 11.45 -11.87 -7.98
N LEU D 49 11.80 -12.13 -9.25
CA LEU D 49 12.50 -13.33 -9.64
C LEU D 49 13.95 -13.31 -9.22
N GLU D 50 14.59 -12.13 -9.25
CA GLU D 50 15.92 -11.97 -8.61
C GLU D 50 15.85 -12.46 -7.16
N MET D 51 14.88 -11.89 -6.42
CA MET D 51 14.72 -12.20 -5.03
C MET D 51 14.58 -13.73 -4.76
N LYS D 52 13.86 -14.44 -5.61
CA LYS D 52 13.68 -15.88 -5.45
C LYS D 52 14.87 -16.69 -6.02
N GLY D 53 15.91 -15.98 -6.48
CA GLY D 53 17.15 -16.62 -6.97
C GLY D 53 16.96 -17.28 -8.33
N VAL D 54 15.88 -16.89 -9.01
CA VAL D 54 15.44 -17.55 -10.22
C VAL D 54 16.04 -16.83 -11.45
N LEU D 55 16.20 -15.53 -11.34
CA LEU D 55 16.68 -14.73 -12.45
C LEU D 55 17.86 -14.00 -11.88
N THR D 56 19.03 -14.24 -12.43
CA THR D 56 20.25 -13.71 -11.81
C THR D 56 21.16 -13.12 -12.84
N ARG D 57 21.97 -12.19 -12.38
CA ARG D 57 22.95 -11.56 -13.22
C ARG D 57 23.95 -12.53 -13.86
N ASP D 58 24.08 -13.73 -13.28
CA ASP D 58 24.98 -14.78 -13.79
C ASP D 58 24.51 -15.45 -15.08
N ARG D 59 23.20 -15.44 -15.31
CA ARG D 59 22.63 -16.12 -16.47
C ARG D 59 21.95 -15.09 -17.40
N LEU D 60 22.31 -13.84 -17.23
CA LEU D 60 21.87 -12.83 -18.18
C LEU D 60 22.48 -13.21 -19.49
N ASP D 61 21.66 -13.32 -20.52
CA ASP D 61 22.15 -13.51 -21.87
C ASP D 61 23.28 -12.53 -22.17
N PRO D 62 24.39 -13.06 -22.71
CA PRO D 62 25.56 -12.17 -22.98
C PRO D 62 25.25 -10.98 -23.90
N SER D 63 24.26 -11.08 -24.80
CA SER D 63 23.92 -9.90 -25.63
C SER D 63 23.25 -8.74 -24.86
N LEU D 64 22.91 -8.97 -23.58
CA LEU D 64 22.25 -7.95 -22.79
C LEU D 64 23.19 -7.27 -21.77
N LYS D 65 24.44 -7.72 -21.73
CA LYS D 65 25.43 -7.06 -20.87
C LYS D 65 26.08 -5.99 -21.71
N LEU D 66 25.60 -4.77 -21.57
CA LEU D 66 25.92 -3.72 -22.52
C LEU D 66 26.86 -2.74 -21.90
N ILE D 67 26.81 -2.63 -20.58
CA ILE D 67 27.75 -1.78 -19.85
C ILE D 67 28.22 -2.58 -18.64
N PRO D 68 29.43 -2.25 -18.12
CA PRO D 68 29.91 -2.93 -16.89
C PRO D 68 28.91 -2.78 -15.76
N PHE D 69 28.85 -3.76 -14.86
CA PHE D 69 28.15 -3.60 -13.60
C PHE D 69 28.94 -2.70 -12.64
N LYS D 70 28.27 -2.09 -11.68
CA LYS D 70 28.96 -1.14 -10.83
C LYS D 70 28.87 -1.64 -9.41
N ASP D 71 29.95 -2.28 -8.95
CA ASP D 71 29.90 -3.01 -7.68
C ASP D 71 30.62 -2.36 -6.54
N GLN D 72 30.02 -2.44 -5.36
CA GLN D 72 30.56 -1.78 -4.18
C GLN D 72 31.30 -2.76 -3.28
N ALA D 73 31.82 -2.25 -2.17
CA ALA D 73 32.41 -3.09 -1.14
C ALA D 73 31.32 -4.00 -0.56
N GLY D 74 31.46 -5.30 -0.81
CA GLY D 74 30.49 -6.31 -0.35
C GLY D 74 29.26 -6.47 -1.23
N HIS D 75 28.66 -5.34 -1.64
CA HIS D 75 27.41 -5.31 -2.41
C HIS D 75 27.60 -5.37 -3.91
N LYS D 76 27.06 -6.44 -4.50
CA LYS D 76 27.04 -6.65 -5.96
C LYS D 76 25.73 -6.14 -6.58
N GLU D 77 25.84 -5.21 -7.53
CA GLU D 77 24.66 -4.56 -8.15
C GLU D 77 23.65 -5.53 -8.75
N SER D 78 22.39 -5.23 -8.48
CA SER D 78 21.23 -5.95 -8.99
C SER D 78 20.88 -5.60 -10.47
N LEU D 79 20.13 -6.51 -11.10
CA LEU D 79 19.55 -6.35 -12.43
C LEU D 79 18.59 -5.14 -12.49
N PHE D 80 17.76 -4.99 -11.48
CA PHE D 80 16.86 -3.85 -11.40
C PHE D 80 17.66 -2.54 -11.40
N SER D 81 18.68 -2.50 -10.57
CA SER D 81 19.54 -1.34 -10.47
C SER D 81 20.21 -1.07 -11.79
N TYR D 82 20.66 -2.16 -12.43
CA TYR D 82 21.28 -2.10 -13.76
C TYR D 82 20.29 -1.54 -14.77
N TYR D 83 19.07 -2.08 -14.77
CA TYR D 83 18.01 -1.58 -15.64
C TYR D 83 17.89 -0.06 -15.51
N TYR D 84 17.73 0.43 -14.28
CA TYR D 84 17.68 1.91 -14.05
C TYR D 84 18.86 2.71 -14.63
N ARG D 85 20.10 2.18 -14.49
CA ARG D 85 21.29 2.82 -15.12
C ARG D 85 21.25 2.83 -16.66
N LEU D 86 20.61 1.82 -17.25
CA LEU D 86 20.37 1.82 -18.69
C LEU D 86 19.36 2.87 -19.13
N CYS D 87 18.33 3.12 -18.32
CA CYS D 87 17.34 4.18 -18.61
C CYS D 87 18.03 5.52 -18.68
N GLU D 88 19.07 5.66 -17.87
CA GLU D 88 19.93 6.83 -17.83
C GLU D 88 20.61 7.07 -19.17
N ILE D 89 21.09 6.02 -19.81
CA ILE D 89 21.62 6.13 -21.17
C ILE D 89 20.55 6.62 -22.13
N ASP D 90 19.45 5.86 -22.25
CA ASP D 90 18.27 6.28 -23.01
C ASP D 90 17.09 5.31 -22.92
N ASP D 91 15.89 5.81 -23.15
CA ASP D 91 14.67 5.00 -23.12
C ASP D 91 14.72 3.91 -24.14
N MET D 92 15.26 4.22 -25.30
CA MET D 92 15.40 3.25 -26.35
C MET D 92 16.44 2.15 -26.03
N VAL D 93 17.26 2.32 -25.00
CA VAL D 93 18.09 1.22 -24.46
C VAL D 93 17.30 0.42 -23.45
N CYS D 94 16.73 1.08 -22.45
CA CYS D 94 16.04 0.30 -21.41
C CYS D 94 14.67 -0.33 -21.76
N TYR D 95 13.97 0.16 -22.78
CA TYR D 95 12.64 -0.40 -23.06
C TYR D 95 12.77 -1.83 -23.58
N PRO D 96 13.66 -2.04 -24.57
CA PRO D 96 13.77 -3.42 -25.02
C PRO D 96 14.41 -4.34 -23.92
N TRP D 97 15.35 -3.77 -23.17
CA TRP D 97 16.19 -4.59 -22.33
C TRP D 97 15.35 -5.31 -21.33
N VAL D 98 14.41 -4.57 -20.76
CA VAL D 98 13.57 -5.06 -19.70
C VAL D 98 12.44 -5.94 -20.19
N ALA D 99 12.33 -6.05 -21.52
CA ALA D 99 11.52 -7.17 -22.04
C ALA D 99 12.45 -8.33 -22.31
N GLN D 100 13.63 -8.05 -22.88
CA GLN D 100 14.56 -9.12 -23.24
C GLN D 100 15.16 -9.87 -22.03
N VAL D 101 15.13 -9.24 -20.85
CA VAL D 101 15.74 -9.81 -19.65
C VAL D 101 15.07 -11.11 -19.20
N PHE D 102 13.84 -11.37 -19.67
CA PHE D 102 13.11 -12.59 -19.33
C PHE D 102 13.35 -13.77 -20.26
N SER D 103 14.37 -13.64 -21.10
CA SER D 103 14.97 -14.77 -21.87
C SER D 103 15.51 -15.93 -21.05
N GLY D 104 15.54 -17.10 -21.70
CA GLY D 104 16.10 -18.32 -21.15
C GLY D 104 14.97 -19.17 -20.60
N PHE D 105 13.78 -18.59 -20.42
CA PHE D 105 12.70 -19.33 -19.80
C PHE D 105 11.70 -19.80 -20.82
N THR D 106 10.93 -20.82 -20.46
CA THR D 106 9.82 -21.22 -21.29
C THR D 106 8.57 -20.41 -20.96
N LEU D 107 7.71 -20.26 -21.97
CA LEU D 107 6.47 -19.57 -21.75
C LEU D 107 5.73 -20.25 -20.61
N ARG D 108 5.79 -21.57 -20.52
CA ARG D 108 5.15 -22.28 -19.40
C ARG D 108 5.67 -21.89 -18.01
N GLU D 109 6.99 -21.88 -17.82
CA GLU D 109 7.62 -21.33 -16.61
C GLU D 109 7.13 -19.92 -16.30
N LEU D 110 7.26 -19.02 -17.29
CA LEU D 110 6.95 -17.62 -17.05
C LEU D 110 5.49 -17.45 -16.64
N LYS D 111 4.63 -18.31 -17.18
CA LYS D 111 3.21 -18.23 -16.81
C LYS D 111 3.01 -18.51 -15.30
N GLY D 112 3.68 -19.52 -14.77
CA GLY D 112 3.59 -19.79 -13.34
C GLY D 112 4.10 -18.63 -12.48
N TYR D 113 5.17 -18.00 -12.93
CA TYR D 113 5.76 -16.85 -12.26
C TYR D 113 4.84 -15.64 -12.34
N VAL D 114 4.24 -15.35 -13.51
CA VAL D 114 3.28 -14.26 -13.63
C VAL D 114 2.15 -14.48 -12.63
N ASP D 115 1.64 -15.71 -12.55
CA ASP D 115 0.52 -15.99 -11.67
C ASP D 115 0.93 -15.78 -10.21
N GLU D 116 2.12 -16.24 -9.84
CA GLU D 116 2.61 -16.05 -8.49
C GLU D 116 2.73 -14.55 -8.20
N LEU D 117 3.25 -13.78 -9.16
CA LEU D 117 3.38 -12.34 -8.99
C LEU D 117 2.02 -11.68 -8.76
N MET D 118 1.03 -12.04 -9.56
CA MET D 118 -0.31 -11.47 -9.40
C MET D 118 -0.96 -11.79 -8.05
N ALA D 119 -0.56 -12.88 -7.42
CA ALA D 119 -1.16 -13.29 -6.16
C ALA D 119 -0.25 -12.90 -5.01
N TYR D 120 0.92 -12.37 -5.31
CA TYR D 120 1.87 -12.10 -4.26
C TYR D 120 1.35 -11.12 -3.19
N GLY D 121 0.78 -9.99 -3.63
CA GLY D 121 0.06 -9.03 -2.77
C GLY D 121 0.84 -8.23 -1.73
N LYS D 122 2.16 -8.19 -1.88
CA LYS D 122 3.11 -7.51 -0.99
C LYS D 122 4.09 -6.76 -1.88
N PRO D 123 4.69 -5.67 -1.36
CA PRO D 123 5.78 -4.97 -2.06
C PRO D 123 7.05 -5.82 -2.21
N ILE D 124 7.79 -5.61 -3.30
CA ILE D 124 9.05 -6.33 -3.51
C ILE D 124 10.22 -5.34 -3.34
N PRO D 125 11.15 -5.59 -2.39
CA PRO D 125 12.26 -4.65 -2.16
C PRO D 125 13.21 -4.67 -3.31
N ALA D 126 13.69 -3.51 -3.71
CA ALA D 126 14.62 -3.42 -4.82
C ALA D 126 15.63 -2.33 -4.51
N THR D 127 16.85 -2.48 -5.00
CA THR D 127 17.88 -1.49 -4.76
C THR D 127 18.31 -0.92 -6.12
N TYR D 128 18.76 0.33 -6.11
CA TYR D 128 19.25 1.01 -7.31
C TYR D 128 20.19 2.19 -6.94
N TYR D 129 20.74 2.88 -7.93
CA TYR D 129 21.58 4.05 -7.68
C TYR D 129 20.84 5.39 -7.89
N ASP D 130 20.89 6.27 -6.89
CA ASP D 130 20.37 7.63 -7.04
C ASP D 130 21.57 8.59 -7.20
N GLY D 131 22.34 8.37 -8.26
CA GLY D 131 23.67 8.93 -8.34
C GLY D 131 24.61 7.81 -7.95
N ASP D 132 25.68 8.15 -7.23
CA ASP D 132 26.62 7.16 -6.72
C ASP D 132 26.09 6.54 -5.41
N LYS D 133 24.94 7.08 -4.96
CA LYS D 133 24.30 6.69 -3.72
C LYS D 133 23.49 5.41 -3.93
N LEU D 134 23.83 4.40 -3.14
CA LEU D 134 23.00 3.23 -3.02
C LEU D 134 21.68 3.65 -2.35
N ALA D 135 20.56 3.28 -2.95
CA ALA D 135 19.25 3.60 -2.42
C ALA D 135 18.29 2.44 -2.59
N THR D 136 17.14 2.52 -1.94
CA THR D 136 16.19 1.39 -1.84
C THR D 136 14.80 1.87 -2.21
N LEU D 137 14.00 1.01 -2.85
CA LEU D 137 12.55 1.22 -2.87
C LEU D 137 11.73 -0.06 -2.89
N ASP D 138 10.42 0.07 -2.67
CA ASP D 138 9.53 -1.08 -2.63
C ASP D 138 8.67 -1.05 -3.85
N VAL D 139 8.69 -2.13 -4.61
CA VAL D 139 8.01 -2.19 -5.91
C VAL D 139 6.72 -2.97 -5.76
N GLU D 140 5.62 -2.39 -6.23
CA GLU D 140 4.32 -3.01 -6.09
C GLU D 140 3.96 -3.85 -7.34
N PRO D 141 3.53 -5.11 -7.14
CA PRO D 141 2.92 -6.01 -8.12
C PRO D 141 1.63 -5.46 -8.71
N PRO D 142 1.34 -5.76 -9.98
CA PRO D 142 0.12 -5.25 -10.63
C PRO D 142 -1.17 -5.50 -9.81
N ARG D 143 -2.16 -4.60 -9.94
CA ARG D 143 -3.47 -4.72 -9.32
C ARG D 143 -4.54 -4.43 -10.37
N VAL D 144 -5.40 -5.38 -10.64
CA VAL D 144 -6.33 -5.28 -11.77
C VAL D 144 -7.25 -4.09 -11.49
N PHE D 145 -7.38 -3.14 -12.43
CA PHE D 145 -8.45 -2.10 -12.26
C PHE D 145 -9.85 -2.64 -12.57
N SER D 146 -10.73 -2.65 -11.59
CA SER D 146 -12.08 -3.16 -11.85
C SER D 146 -12.73 -2.38 -12.95
N GLY D 147 -12.47 -1.09 -12.98
CA GLY D 147 -13.05 -0.24 -14.03
C GLY D 147 -12.75 -0.74 -15.43
N GLN D 148 -11.55 -1.22 -15.63
CA GLN D 148 -11.06 -1.58 -16.95
C GLN D 148 -11.47 -2.97 -17.35
N ARG D 149 -11.43 -3.88 -16.39
CA ARG D 149 -12.08 -5.19 -16.46
C ARG D 149 -13.50 -5.01 -17.04
N GLU D 150 -14.31 -4.11 -16.44
CA GLU D 150 -15.68 -3.78 -16.96
C GLU D 150 -15.73 -3.08 -18.34
N LEU D 151 -14.88 -2.10 -18.55
CA LEU D 151 -14.90 -1.44 -19.85
C LEU D 151 -14.46 -2.40 -20.97
N TYR D 152 -13.48 -3.27 -20.70
CA TYR D 152 -13.10 -4.29 -21.70
C TYR D 152 -14.30 -5.11 -22.12
N ASN D 153 -15.02 -5.63 -21.14
CA ASN D 153 -16.14 -6.54 -21.39
C ASN D 153 -17.32 -5.82 -22.02
N LYS D 154 -17.66 -4.64 -21.49
CA LYS D 154 -18.71 -3.86 -22.17
C LYS D 154 -18.41 -3.54 -23.63
N LEU D 155 -17.17 -3.17 -23.97
CA LEU D 155 -16.84 -2.95 -25.40
C LEU D 155 -17.01 -4.22 -26.25
N MET D 156 -16.52 -5.34 -25.75
CA MET D 156 -16.62 -6.59 -26.49
C MET D 156 -18.09 -7.04 -26.72
N GLU D 157 -18.94 -6.80 -25.71
CA GLU D 157 -20.36 -7.21 -25.69
C GLU D 157 -21.17 -6.44 -26.70
N ASN D 158 -20.59 -5.33 -27.15
CA ASN D 158 -21.26 -4.42 -28.05
C ASN D 158 -20.56 -4.46 -29.39
N GLY D 159 -19.80 -5.54 -29.61
CA GLY D 159 -19.15 -5.76 -30.89
C GLY D 159 -18.15 -4.68 -31.26
N ILE D 160 -17.42 -4.20 -30.26
CA ILE D 160 -16.30 -3.31 -30.46
C ILE D 160 -15.06 -4.08 -30.02
N GLU D 161 -14.18 -4.39 -30.97
CA GLU D 161 -12.95 -5.17 -30.68
C GLU D 161 -11.95 -4.46 -29.80
N VAL D 162 -11.50 -5.18 -28.80
CA VAL D 162 -10.51 -4.70 -27.88
C VAL D 162 -9.11 -5.26 -28.21
N TYR D 163 -8.16 -4.35 -28.39
CA TYR D 163 -6.73 -4.68 -28.54
C TYR D 163 -5.94 -4.10 -27.41
N VAL D 164 -4.89 -4.81 -27.05
CA VAL D 164 -3.90 -4.27 -26.12
C VAL D 164 -2.62 -3.97 -26.90
N ILE D 165 -2.04 -2.79 -26.71
CA ILE D 165 -0.74 -2.44 -27.27
C ILE D 165 0.19 -1.94 -26.17
N SER D 166 1.08 -2.84 -25.76
CA SER D 166 1.92 -2.69 -24.58
C SER D 166 3.39 -2.61 -24.98
N ALA D 167 4.14 -1.85 -24.18
CA ALA D 167 5.57 -1.70 -24.37
C ALA D 167 6.30 -2.73 -23.57
N ALA D 168 5.56 -3.72 -23.05
CA ALA D 168 6.16 -4.81 -22.33
C ALA D 168 6.03 -6.08 -23.21
N HIS D 169 6.67 -7.18 -22.80
CA HIS D 169 6.73 -8.38 -23.61
C HIS D 169 5.37 -8.93 -23.92
N GLU D 170 5.08 -9.07 -25.22
CA GLU D 170 3.75 -9.52 -25.63
C GLU D 170 3.29 -10.78 -24.89
N GLU D 171 4.21 -11.71 -24.68
CA GLU D 171 3.83 -12.98 -24.08
C GLU D 171 3.57 -12.78 -22.60
N LEU D 172 4.32 -11.88 -21.93
CA LEU D 172 4.01 -11.57 -20.53
C LEU D 172 2.63 -10.91 -20.37
N VAL D 173 2.40 -9.86 -21.18
CA VAL D 173 1.10 -9.19 -21.22
C VAL D 173 -0.07 -10.17 -21.51
N ARG D 174 0.15 -11.10 -22.42
CA ARG D 174 -0.91 -12.06 -22.80
C ARG D 174 -1.29 -12.94 -21.61
N MET D 175 -0.32 -13.18 -20.73
CA MET D 175 -0.56 -14.07 -19.62
C MET D 175 -1.54 -13.52 -18.60
N VAL D 176 -1.68 -12.18 -18.58
CA VAL D 176 -2.64 -11.48 -17.72
C VAL D 176 -3.88 -11.17 -18.57
N ALA D 177 -3.71 -10.37 -19.60
CA ALA D 177 -4.83 -9.85 -20.37
C ALA D 177 -5.80 -10.90 -20.85
N ALA D 178 -5.26 -12.03 -21.29
CA ALA D 178 -6.07 -13.00 -21.99
C ALA D 178 -6.32 -14.26 -21.14
N ASP D 179 -5.96 -14.22 -19.84
CA ASP D 179 -6.38 -15.26 -18.92
C ASP D 179 -7.66 -14.84 -18.15
N PRO D 180 -8.77 -15.58 -18.36
CA PRO D 180 -10.09 -15.23 -17.79
C PRO D 180 -10.12 -15.07 -16.28
N ARG D 181 -9.26 -15.73 -15.53
CA ARG D 181 -9.23 -15.43 -14.10
C ARG D 181 -8.97 -13.92 -13.74
N TYR D 182 -8.35 -13.14 -14.63
CA TYR D 182 -8.16 -11.73 -14.28
C TYR D 182 -9.27 -10.88 -14.76
N GLY D 183 -10.10 -11.41 -15.64
CA GLY D 183 -11.38 -10.75 -15.88
C GLY D 183 -11.39 -9.77 -17.04
N TYR D 184 -10.31 -9.67 -17.83
CA TYR D 184 -10.33 -8.77 -18.98
C TYR D 184 -10.97 -9.47 -20.13
N ASN D 185 -10.63 -10.75 -20.29
CA ASN D 185 -11.09 -11.63 -21.39
C ASN D 185 -10.65 -11.19 -22.77
N ALA D 186 -9.49 -10.55 -22.83
CA ALA D 186 -8.99 -10.09 -24.13
C ALA D 186 -8.80 -11.34 -24.99
N LYS D 187 -9.09 -11.25 -26.29
CA LYS D 187 -8.75 -12.41 -27.18
C LYS D 187 -7.22 -12.58 -27.25
N PRO D 188 -6.73 -13.83 -27.17
CA PRO D 188 -5.24 -13.83 -27.06
C PRO D 188 -4.46 -13.27 -28.29
N GLU D 189 -5.03 -13.42 -29.48
CA GLU D 189 -4.43 -12.86 -30.70
C GLU D 189 -4.44 -11.31 -30.72
N ASN D 190 -5.25 -10.71 -29.86
CA ASN D 190 -5.43 -9.28 -29.89
C ASN D 190 -4.51 -8.55 -28.90
N VAL D 191 -3.63 -9.30 -28.23
CA VAL D 191 -2.68 -8.70 -27.31
C VAL D 191 -1.39 -8.47 -28.08
N ILE D 192 -1.04 -7.20 -28.25
CA ILE D 192 0.13 -6.84 -29.02
C ILE D 192 1.17 -6.21 -28.08
N GLY D 193 2.38 -6.77 -28.02
CA GLY D 193 3.42 -6.22 -27.17
C GLY D 193 4.78 -6.35 -27.82
N VAL D 194 5.83 -6.31 -27.00
CA VAL D 194 7.22 -6.36 -27.46
C VAL D 194 7.49 -7.82 -27.74
N THR D 195 7.82 -8.16 -28.98
CA THR D 195 7.99 -9.56 -29.36
C THR D 195 9.49 -9.90 -29.51
N THR D 196 9.90 -11.06 -29.00
CA THR D 196 11.23 -11.61 -29.24
C THR D 196 11.04 -12.99 -29.80
N LEU D 197 12.10 -13.52 -30.42
CA LEU D 197 12.02 -14.83 -31.06
C LEU D 197 11.85 -15.97 -30.05
N LEU D 198 10.99 -16.92 -30.42
CA LEU D 198 10.65 -18.09 -29.60
C LEU D 198 11.24 -19.35 -30.22
N LYS D 199 11.93 -20.11 -29.39
CA LYS D 199 12.73 -21.20 -29.85
C LYS D 199 12.13 -22.54 -29.40
N ASN D 200 11.94 -23.47 -30.33
CA ASN D 200 11.86 -24.88 -29.97
C ASN D 200 13.28 -25.38 -29.77
N ARG D 201 13.64 -25.82 -28.56
CA ARG D 201 15.05 -26.21 -28.29
C ARG D 201 15.49 -27.48 -29.00
N LYS D 202 14.60 -28.47 -29.07
CA LYS D 202 14.90 -29.69 -29.80
C LYS D 202 15.17 -29.40 -31.30
N THR D 203 14.14 -28.92 -31.98
CA THR D 203 14.15 -28.56 -33.41
C THR D 203 15.16 -27.51 -33.77
N GLY D 204 15.20 -26.44 -32.99
CA GLY D 204 15.85 -25.21 -33.43
C GLY D 204 14.92 -24.26 -34.19
N GLU D 205 13.67 -24.64 -34.47
CA GLU D 205 12.71 -23.72 -35.09
C GLU D 205 12.46 -22.42 -34.29
N LEU D 206 12.46 -21.30 -35.00
CA LEU D 206 12.19 -19.97 -34.45
C LEU D 206 10.89 -19.43 -35.03
N THR D 207 10.04 -18.84 -34.17
CA THR D 207 8.73 -18.31 -34.57
C THR D 207 8.32 -17.22 -33.58
N THR D 208 7.15 -16.60 -33.80
CA THR D 208 6.56 -15.69 -32.85
C THR D 208 5.10 -15.81 -33.01
N ALA D 209 4.36 -15.50 -31.95
CA ALA D 209 2.90 -15.43 -32.02
C ALA D 209 2.41 -14.49 -33.10
N ARG D 210 3.12 -13.37 -33.34
CA ARG D 210 2.75 -12.42 -34.38
C ARG D 210 2.72 -13.07 -35.76
N LYS D 211 3.80 -13.79 -36.07
CA LYS D 211 3.94 -14.47 -37.34
C LYS D 211 2.80 -15.51 -37.54
N GLN D 212 2.61 -16.38 -36.54
CA GLN D 212 1.54 -17.36 -36.53
C GLN D 212 0.16 -16.67 -36.68
N ILE D 213 -0.02 -15.54 -36.00
CA ILE D 213 -1.31 -14.86 -36.06
C ILE D 213 -1.50 -14.35 -37.48
N ALA D 214 -0.46 -13.70 -38.04
CA ALA D 214 -0.47 -13.20 -39.41
C ALA D 214 -0.80 -14.30 -40.45
N GLU D 215 -0.27 -15.52 -40.27
CA GLU D 215 -0.63 -16.68 -41.13
C GLU D 215 -2.05 -17.23 -40.90
N GLY D 216 -2.66 -16.85 -39.78
CA GLY D 216 -4.02 -17.30 -39.44
C GLY D 216 -4.07 -18.66 -38.76
N LYS D 217 -2.94 -19.09 -38.21
CA LYS D 217 -2.85 -20.33 -37.45
C LYS D 217 -2.18 -20.04 -36.11
N TYR D 218 -2.95 -19.69 -35.10
CA TYR D 218 -2.37 -19.37 -33.80
C TYR D 218 -3.08 -20.12 -32.71
N ASP D 219 -2.30 -20.85 -31.90
CA ASP D 219 -2.80 -21.52 -30.71
C ASP D 219 -1.81 -21.33 -29.56
N PRO D 220 -2.14 -20.46 -28.60
CA PRO D 220 -1.20 -20.22 -27.48
C PRO D 220 -0.83 -21.48 -26.69
N LYS D 221 -1.70 -22.51 -26.64
CA LYS D 221 -1.27 -23.79 -26.03
C LYS D 221 -0.04 -24.34 -26.73
N ALA D 222 -0.01 -24.28 -28.06
CA ALA D 222 1.13 -24.83 -28.79
C ALA D 222 2.49 -24.17 -28.47
N ASN D 223 2.52 -22.95 -27.90
CA ASN D 223 3.81 -22.27 -27.64
C ASN D 223 4.38 -22.43 -26.23
N LEU D 224 3.59 -23.01 -25.34
CA LEU D 224 3.93 -23.06 -23.93
C LEU D 224 5.33 -23.59 -23.71
N ASP D 225 5.77 -24.55 -24.51
CA ASP D 225 7.12 -25.13 -24.25
C ASP D 225 8.25 -24.51 -25.03
N LEU D 226 7.94 -23.48 -25.81
CA LEU D 226 8.97 -22.72 -26.49
C LEU D 226 9.76 -21.86 -25.51
N GLU D 227 10.97 -21.50 -25.88
CA GLU D 227 11.83 -20.72 -25.02
C GLU D 227 11.95 -19.28 -25.54
N VAL D 228 11.93 -18.32 -24.62
CA VAL D 228 12.04 -16.91 -24.99
C VAL D 228 13.51 -16.62 -25.25
N THR D 229 13.81 -16.01 -26.38
CA THR D 229 15.18 -15.59 -26.66
C THR D 229 15.18 -14.08 -26.61
N PRO D 230 16.37 -13.44 -26.73
CA PRO D 230 16.28 -11.99 -26.69
C PRO D 230 16.15 -11.35 -28.05
N TYR D 231 16.19 -12.13 -29.12
CA TYR D 231 16.23 -11.47 -30.44
C TYR D 231 14.96 -10.67 -30.74
N LEU D 232 15.10 -9.37 -30.95
CA LEU D 232 13.95 -8.49 -31.02
C LEU D 232 13.19 -8.60 -32.34
N TRP D 233 11.86 -8.68 -32.29
CA TRP D 233 11.00 -8.60 -33.48
C TRP D 233 10.38 -7.21 -33.60
N THR D 234 10.01 -6.76 -34.78
CA THR D 234 9.47 -5.42 -34.90
C THR D 234 8.10 -5.35 -35.66
N PRO D 235 7.37 -4.24 -35.49
CA PRO D 235 7.75 -3.07 -34.71
C PRO D 235 7.69 -3.23 -33.20
N ALA D 236 8.61 -2.57 -32.52
CA ALA D 236 8.64 -2.45 -31.11
C ALA D 236 7.56 -1.47 -30.63
N THR D 237 6.74 -1.99 -29.75
CA THR D 237 5.47 -1.41 -29.37
C THR D 237 5.59 -0.30 -28.32
N TRP D 238 6.32 0.77 -28.65
CA TRP D 238 6.45 1.91 -27.76
C TRP D 238 6.65 3.10 -28.64
N MET D 239 6.37 4.31 -28.12
CA MET D 239 6.40 5.58 -28.88
C MET D 239 5.70 5.44 -30.26
N ALA D 240 6.32 5.83 -31.37
CA ALA D 240 5.63 5.74 -32.66
C ALA D 240 5.45 4.29 -33.03
N GLY D 241 6.24 3.43 -32.41
CA GLY D 241 5.95 1.97 -32.47
C GLY D 241 4.49 1.50 -32.15
N LYS D 242 3.76 2.17 -31.28
CA LYS D 242 2.39 1.69 -31.02
C LYS D 242 1.51 2.02 -32.24
N GLN D 243 1.74 3.19 -32.81
CA GLN D 243 1.03 3.52 -34.05
C GLN D 243 1.41 2.59 -35.23
N ALA D 244 2.71 2.36 -35.41
CA ALA D 244 3.22 1.32 -36.30
C ALA D 244 2.47 0.01 -36.11
N ALA D 245 2.35 -0.44 -34.86
CA ALA D 245 1.59 -1.66 -34.57
C ALA D 245 0.12 -1.60 -34.99
N ILE D 246 -0.56 -0.45 -34.85
CA ILE D 246 -1.99 -0.33 -35.23
C ILE D 246 -2.04 -0.65 -36.73
N LEU D 247 -1.14 0.01 -37.47
CA LEU D 247 -1.08 -0.14 -38.95
C LEU D 247 -0.76 -1.57 -39.38
N THR D 248 0.20 -2.23 -38.74
CA THR D 248 0.66 -3.56 -39.19
C THR D 248 -0.30 -4.65 -38.85
N TYR D 249 -0.84 -4.57 -37.64
CA TYR D 249 -1.57 -5.67 -37.05
C TYR D 249 -3.07 -5.46 -36.98
N ILE D 250 -3.58 -4.22 -37.11
CA ILE D 250 -5.04 -4.03 -37.02
C ILE D 250 -5.72 -3.45 -38.27
N ASP D 251 -5.37 -2.24 -38.65
CA ASP D 251 -6.03 -1.57 -39.76
C ASP D 251 -5.22 -0.39 -40.28
N ARG D 252 -5.05 -0.36 -41.59
CA ARG D 252 -4.25 0.66 -42.23
C ARG D 252 -4.95 2.01 -42.31
N TRP D 253 -6.29 2.03 -42.26
CA TRP D 253 -7.07 3.24 -42.55
C TRP D 253 -8.04 3.65 -41.48
N LYS D 254 -8.70 2.64 -40.91
CA LYS D 254 -9.71 2.79 -39.85
C LYS D 254 -9.04 2.93 -38.49
N ARG D 255 -9.25 4.09 -37.86
CA ARG D 255 -8.67 4.42 -36.58
C ARG D 255 -9.48 3.88 -35.40
N PRO D 256 -8.85 3.66 -34.23
CA PRO D 256 -9.59 3.26 -33.03
C PRO D 256 -10.48 4.37 -32.53
N ILE D 257 -11.64 3.96 -32.01
CA ILE D 257 -12.58 4.94 -31.46
C ILE D 257 -12.32 5.20 -29.97
N LEU D 258 -11.34 4.50 -29.42
CA LEU D 258 -10.89 4.77 -28.08
C LEU D 258 -9.42 4.29 -28.03
N VAL D 259 -8.55 5.12 -27.44
CA VAL D 259 -7.21 4.74 -27.05
C VAL D 259 -6.96 5.12 -25.59
N ALA D 260 -6.35 4.23 -24.82
CA ALA D 260 -6.09 4.51 -23.40
C ALA D 260 -4.58 4.36 -23.10
N GLY D 261 -4.06 5.33 -22.34
CA GLY D 261 -2.67 5.35 -21.95
C GLY D 261 -2.49 6.10 -20.63
N ASP D 262 -1.22 6.21 -20.21
CA ASP D 262 -0.82 6.73 -18.89
C ASP D 262 0.62 7.31 -18.95
N THR D 263 1.42 6.96 -19.97
CA THR D 263 2.80 7.56 -20.12
C THR D 263 2.91 8.53 -21.32
N PRO D 264 3.03 9.87 -21.07
CA PRO D 264 2.96 10.83 -22.18
C PRO D 264 3.79 10.44 -23.41
N ASP D 265 5.07 10.19 -23.25
CA ASP D 265 5.85 9.98 -24.49
C ASP D 265 5.71 8.59 -25.14
N SER D 266 5.49 7.57 -24.33
CA SER D 266 5.28 6.25 -24.87
C SER D 266 3.88 6.01 -25.48
N ASP D 267 2.81 6.50 -24.86
CA ASP D 267 1.45 6.38 -25.42
C ASP D 267 1.05 7.51 -26.34
N GLY D 268 1.86 8.55 -26.38
CA GLY D 268 1.48 9.80 -27.06
C GLY D 268 1.19 9.68 -28.54
N TYR D 269 1.93 8.79 -29.21
CA TYR D 269 1.73 8.57 -30.62
C TYR D 269 0.39 7.90 -30.94
N MET D 270 0.05 6.82 -30.24
CA MET D 270 -1.20 6.19 -30.59
C MET D 270 -2.36 7.06 -30.06
N LEU D 271 -2.15 7.78 -28.96
CA LEU D 271 -3.16 8.73 -28.52
C LEU D 271 -3.44 9.85 -29.51
N PHE D 272 -2.42 10.60 -29.94
CA PHE D 272 -2.69 11.74 -30.83
C PHE D 272 -2.76 11.42 -32.33
N ASN D 273 -1.97 10.45 -32.79
CA ASN D 273 -1.97 10.06 -34.19
C ASN D 273 -2.93 8.89 -34.48
N GLY D 274 -3.18 8.08 -33.45
CA GLY D 274 -4.05 6.94 -33.60
C GLY D 274 -5.53 7.29 -33.55
N THR D 275 -5.94 7.90 -32.45
CA THR D 275 -7.35 8.04 -32.11
C THR D 275 -8.22 8.68 -33.18
N ALA D 276 -9.28 7.99 -33.58
CA ALA D 276 -10.29 8.57 -34.53
C ALA D 276 -10.74 10.00 -34.23
N GLU D 277 -11.19 10.71 -35.26
CA GLU D 277 -11.71 12.10 -35.16
C GLU D 277 -12.64 12.30 -33.91
N ASN D 278 -13.61 11.39 -33.81
CA ASN D 278 -14.66 11.35 -32.77
C ASN D 278 -14.36 10.29 -31.67
N GLY D 279 -13.12 9.81 -31.60
CA GLY D 279 -12.74 8.84 -30.59
C GLY D 279 -12.46 9.49 -29.25
N VAL D 280 -12.48 8.66 -28.22
CA VAL D 280 -12.18 9.08 -26.90
C VAL D 280 -10.71 8.84 -26.57
N HIS D 281 -10.09 9.83 -25.92
CA HIS D 281 -8.76 9.66 -25.37
C HIS D 281 -8.94 9.41 -23.92
N LEU D 282 -8.58 8.21 -23.51
CA LEU D 282 -8.78 7.78 -22.16
C LEU D 282 -7.42 7.77 -21.51
N TRP D 283 -7.32 8.53 -20.42
CA TRP D 283 -6.08 8.82 -19.75
C TRP D 283 -6.11 8.38 -18.30
N VAL D 284 -5.15 7.55 -17.91
CA VAL D 284 -5.09 7.19 -16.50
C VAL D 284 -4.03 8.06 -15.87
N ASN D 285 -4.46 8.95 -14.98
CA ASN D 285 -3.51 9.90 -14.40
C ASN D 285 -2.85 9.42 -13.11
N ARG D 286 -1.59 9.01 -13.18
CA ARG D 286 -0.92 8.40 -12.03
C ARG D 286 0.32 9.15 -11.53
N LYS D 287 0.57 10.35 -12.01
CA LYS D 287 1.80 11.08 -11.62
C LYS D 287 1.49 12.53 -11.94
N ALA D 288 1.53 13.42 -10.95
CA ALA D 288 1.18 14.83 -11.19
C ALA D 288 1.95 15.41 -12.36
N LYS D 289 3.21 15.02 -12.51
CA LYS D 289 4.06 15.56 -13.59
C LYS D 289 3.62 15.08 -14.98
N TYR D 290 3.08 13.87 -15.11
CA TYR D 290 2.50 13.41 -16.35
C TYR D 290 1.22 14.11 -16.77
N MET D 291 0.42 14.54 -15.80
CA MET D 291 -0.79 15.25 -16.11
C MET D 291 -0.45 16.59 -16.73
N GLU D 292 0.52 17.27 -16.14
CA GLU D 292 1.04 18.52 -16.70
C GLU D 292 1.65 18.30 -18.08
N GLN D 293 2.37 17.20 -18.24
CA GLN D 293 3.00 16.96 -19.52
C GLN D 293 1.95 16.67 -20.57
N ILE D 294 0.96 15.84 -20.24
CA ILE D 294 0.02 15.43 -21.29
C ILE D 294 -0.83 16.64 -21.71
N ASN D 295 -1.18 17.49 -20.75
CA ASN D 295 -1.81 18.79 -21.02
C ASN D 295 -1.01 19.69 -21.94
N GLY D 296 0.30 19.77 -21.72
CA GLY D 296 1.17 20.53 -22.63
C GLY D 296 1.14 19.96 -24.04
N MET D 297 1.15 18.64 -24.14
CA MET D 297 1.16 17.99 -25.45
C MET D 297 -0.16 18.17 -26.22
N ILE D 298 -1.29 18.10 -25.51
CA ILE D 298 -2.60 18.47 -26.10
C ILE D 298 -2.60 19.87 -26.71
N LYS D 299 -2.19 20.88 -25.95
CA LYS D 299 -2.10 22.28 -26.47
C LYS D 299 -1.20 22.33 -27.69
N GLN D 300 -0.02 21.73 -27.59
CA GLN D 300 0.95 21.68 -28.69
C GLN D 300 0.43 21.01 -29.97
N HIS D 301 -0.09 19.79 -29.83
CA HIS D 301 -0.63 19.11 -31.01
C HIS D 301 -1.77 19.85 -31.59
N SER D 302 -2.59 20.49 -30.76
CA SER D 302 -3.72 21.25 -31.25
C SER D 302 -3.24 22.37 -32.13
N ALA D 303 -2.28 23.16 -31.63
CA ALA D 303 -1.68 24.24 -32.43
C ALA D 303 -1.06 23.73 -33.72
N ALA D 304 -0.23 22.68 -33.63
CA ALA D 304 0.48 22.18 -34.83
C ALA D 304 -0.46 21.58 -35.85
N GLN D 305 -1.57 21.02 -35.41
CA GLN D 305 -2.55 20.43 -36.33
C GLN D 305 -3.18 21.53 -37.14
N ALA D 306 -3.43 22.66 -36.47
CA ALA D 306 -4.15 23.75 -37.10
C ALA D 306 -3.25 24.32 -38.16
N LYS D 307 -2.02 24.61 -37.76
CA LYS D 307 -1.03 25.17 -38.64
C LYS D 307 -0.71 24.25 -39.83
N ALA D 308 -0.82 22.94 -39.66
CA ALA D 308 -0.75 22.03 -40.78
C ALA D 308 -2.07 21.95 -41.55
N GLY D 309 -2.99 22.91 -41.31
CA GLY D 309 -4.32 22.91 -41.99
C GLY D 309 -5.04 21.58 -41.84
N LEU D 310 -5.17 21.11 -40.61
CA LEU D 310 -5.94 19.92 -40.31
C LEU D 310 -6.97 20.28 -39.26
N PRO D 311 -8.10 19.53 -39.23
CA PRO D 311 -9.07 19.67 -38.15
C PRO D 311 -8.40 19.38 -36.81
N VAL D 312 -8.63 20.24 -35.82
CA VAL D 312 -8.04 20.08 -34.52
C VAL D 312 -8.77 18.93 -33.86
N THR D 313 -8.07 17.86 -33.46
CA THR D 313 -8.72 16.73 -32.74
C THR D 313 -8.04 16.31 -31.45
N ALA D 314 -6.87 16.89 -31.20
CA ALA D 314 -6.04 16.48 -30.08
C ALA D 314 -6.66 16.83 -28.71
N ASP D 315 -7.45 17.91 -28.68
CA ASP D 315 -8.23 18.36 -27.54
C ASP D 315 -9.68 17.77 -27.44
N ARG D 316 -10.00 16.77 -28.24
CA ARG D 316 -11.32 16.16 -28.23
C ARG D 316 -11.46 14.96 -27.31
N ASN D 317 -12.60 14.92 -26.60
CA ASN D 317 -13.11 13.76 -25.85
C ASN D 317 -12.11 13.12 -24.94
N TRP D 318 -11.51 13.91 -24.06
CA TRP D 318 -10.67 13.41 -22.97
C TRP D 318 -11.47 12.85 -21.79
N VAL D 319 -11.19 11.62 -21.40
CA VAL D 319 -11.74 11.12 -20.16
C VAL D 319 -10.55 10.84 -19.23
N ILE D 320 -10.49 11.56 -18.12
CA ILE D 320 -9.33 11.53 -17.22
C ILE D 320 -9.74 10.98 -15.85
N VAL D 321 -9.12 9.88 -15.44
CA VAL D 321 -9.42 9.22 -14.18
C VAL D 321 -8.12 8.90 -13.50
N THR D 322 -8.17 8.67 -12.20
CA THR D 322 -6.95 8.36 -11.44
C THR D 322 -6.95 6.88 -11.13
N PRO D 323 -5.82 6.32 -10.68
CA PRO D 323 -5.92 4.92 -10.27
C PRO D 323 -7.05 4.68 -9.27
N GLU D 324 -7.06 5.43 -8.19
CA GLU D 324 -8.08 5.28 -7.11
C GLU D 324 -9.50 5.21 -7.63
N GLN D 325 -9.82 5.97 -8.68
CA GLN D 325 -11.19 6.13 -9.17
C GLN D 325 -11.65 4.92 -9.98
N ILE D 326 -10.71 4.06 -10.38
CA ILE D 326 -11.09 2.90 -11.17
C ILE D 326 -10.65 1.59 -10.56
N GLN D 327 -10.03 1.64 -9.39
CA GLN D 327 -9.45 0.45 -8.79
C GLN D 327 -10.45 -0.71 -8.54
#